data_3PDG
# 
_entry.id   3PDG 
# 
_audit_conform.dict_name       mmcif_pdbx.dic 
_audit_conform.dict_version    5.387 
_audit_conform.dict_location   http://mmcif.pdb.org/dictionaries/ascii/mmcif_pdbx.dic 
# 
loop_
_database_2.database_id 
_database_2.database_code 
_database_2.pdbx_database_accession 
_database_2.pdbx_DOI 
PDB   3PDG         pdb_00003pdg 10.2210/pdb3pdg/pdb 
RCSB  RCSB062243   ?            ?                   
WWPDB D_1000062243 ?            ?                   
# 
loop_
_pdbx_audit_revision_history.ordinal 
_pdbx_audit_revision_history.data_content_type 
_pdbx_audit_revision_history.major_revision 
_pdbx_audit_revision_history.minor_revision 
_pdbx_audit_revision_history.revision_date 
1 'Structure model' 1 0 2011-11-23 
2 'Structure model' 1 1 2012-05-09 
3 'Structure model' 1 2 2024-02-21 
# 
_pdbx_audit_revision_details.ordinal             1 
_pdbx_audit_revision_details.revision_ordinal    1 
_pdbx_audit_revision_details.data_content_type   'Structure model' 
_pdbx_audit_revision_details.provider            repository 
_pdbx_audit_revision_details.type                'Initial release' 
_pdbx_audit_revision_details.description         ? 
_pdbx_audit_revision_details.details             ? 
# 
loop_
_pdbx_audit_revision_group.ordinal 
_pdbx_audit_revision_group.revision_ordinal 
_pdbx_audit_revision_group.data_content_type 
_pdbx_audit_revision_group.group 
1 2 'Structure model' 'Database references'  
2 3 'Structure model' 'Data collection'      
3 3 'Structure model' 'Database references'  
4 3 'Structure model' 'Derived calculations' 
# 
loop_
_pdbx_audit_revision_category.ordinal 
_pdbx_audit_revision_category.revision_ordinal 
_pdbx_audit_revision_category.data_content_type 
_pdbx_audit_revision_category.category 
1 3 'Structure model' chem_comp_atom         
2 3 'Structure model' chem_comp_bond         
3 3 'Structure model' database_2             
4 3 'Structure model' pdbx_struct_conn_angle 
5 3 'Structure model' struct_conn            
6 3 'Structure model' struct_ref_seq_dif     
7 3 'Structure model' struct_site            
# 
loop_
_pdbx_audit_revision_item.ordinal 
_pdbx_audit_revision_item.revision_ordinal 
_pdbx_audit_revision_item.data_content_type 
_pdbx_audit_revision_item.item 
1  3 'Structure model' '_database_2.pdbx_DOI'                        
2  3 'Structure model' '_database_2.pdbx_database_accession'         
3  3 'Structure model' '_pdbx_struct_conn_angle.ptnr1_auth_comp_id'  
4  3 'Structure model' '_pdbx_struct_conn_angle.ptnr1_auth_seq_id'   
5  3 'Structure model' '_pdbx_struct_conn_angle.ptnr1_label_alt_id'  
6  3 'Structure model' '_pdbx_struct_conn_angle.ptnr1_label_asym_id' 
7  3 'Structure model' '_pdbx_struct_conn_angle.ptnr1_label_atom_id' 
8  3 'Structure model' '_pdbx_struct_conn_angle.ptnr1_label_comp_id' 
9  3 'Structure model' '_pdbx_struct_conn_angle.ptnr1_label_seq_id'  
10 3 'Structure model' '_pdbx_struct_conn_angle.ptnr3_auth_comp_id'  
11 3 'Structure model' '_pdbx_struct_conn_angle.ptnr3_auth_seq_id'   
12 3 'Structure model' '_pdbx_struct_conn_angle.ptnr3_label_alt_id'  
13 3 'Structure model' '_pdbx_struct_conn_angle.ptnr3_label_asym_id' 
14 3 'Structure model' '_pdbx_struct_conn_angle.ptnr3_label_atom_id' 
15 3 'Structure model' '_pdbx_struct_conn_angle.ptnr3_label_comp_id' 
16 3 'Structure model' '_pdbx_struct_conn_angle.ptnr3_label_seq_id'  
17 3 'Structure model' '_pdbx_struct_conn_angle.value'               
18 3 'Structure model' '_struct_conn.pdbx_dist_value'                
19 3 'Structure model' '_struct_conn.pdbx_ptnr1_label_alt_id'        
20 3 'Structure model' '_struct_conn.ptnr1_auth_comp_id'             
21 3 'Structure model' '_struct_conn.ptnr1_auth_seq_id'              
22 3 'Structure model' '_struct_conn.ptnr1_label_asym_id'            
23 3 'Structure model' '_struct_conn.ptnr1_label_atom_id'            
24 3 'Structure model' '_struct_conn.ptnr1_label_comp_id'            
25 3 'Structure model' '_struct_conn.ptnr1_label_seq_id'             
26 3 'Structure model' '_struct_conn.ptnr2_auth_comp_id'             
27 3 'Structure model' '_struct_conn.ptnr2_auth_seq_id'              
28 3 'Structure model' '_struct_conn.ptnr2_label_asym_id'            
29 3 'Structure model' '_struct_conn.ptnr2_label_atom_id'            
30 3 'Structure model' '_struct_conn.ptnr2_label_comp_id'            
31 3 'Structure model' '_struct_ref_seq_dif.details'                 
32 3 'Structure model' '_struct_site.pdbx_auth_asym_id'              
33 3 'Structure model' '_struct_site.pdbx_auth_comp_id'              
34 3 'Structure model' '_struct_site.pdbx_auth_seq_id'               
# 
_pdbx_database_status.status_code                     REL 
_pdbx_database_status.entry_id                        3PDG 
_pdbx_database_status.recvd_initial_deposition_date   2010-10-22 
_pdbx_database_status.deposit_site                    RCSB 
_pdbx_database_status.process_site                    RCSB 
_pdbx_database_status.status_code_sf                  REL 
_pdbx_database_status.status_code_mr                  ? 
_pdbx_database_status.SG_entry                        ? 
_pdbx_database_status.status_code_cs                  ? 
_pdbx_database_status.pdb_format_compatible           Y 
_pdbx_database_status.status_code_nmr_data            ? 
_pdbx_database_status.methods_development_category    ? 
# 
loop_
_pdbx_database_related.db_name 
_pdbx_database_related.db_id 
_pdbx_database_related.details 
_pdbx_database_related.content_type 
PDB 3PDD . unspecified 
PDB 3PBZ . unspecified 
# 
loop_
_audit_author.name 
_audit_author.pdbx_ordinal 
'Alahuhta, P.M.' 1 
'Lunin, V.V.'    2 
# 
_citation.id                        primary 
_citation.title                     
;Structure and function of the Clostridium thermocellum cellobiohydrolase A X1-module repeat: enhancement through stabilization of the CbhA complex.
;
_citation.journal_abbrev            'Acta Crystallogr.,Sect.D' 
_citation.journal_volume            68 
_citation.page_first                292 
_citation.page_last                 299 
_citation.year                      2012 
_citation.journal_id_ASTM           ABCRE6 
_citation.country                   DK 
_citation.journal_id_ISSN           0907-4449 
_citation.journal_id_CSD            0766 
_citation.book_publisher            ? 
_citation.pdbx_database_id_PubMed   22349231 
_citation.pdbx_database_id_DOI      10.1107/S0907444912001680 
# 
loop_
_citation_author.citation_id 
_citation_author.name 
_citation_author.ordinal 
_citation_author.identifier_ORCID 
primary 'Brunecky, R.' 1 ? 
primary 'Alahuhta, M.' 2 ? 
primary 'Bomble, Y.J.' 3 ? 
primary 'Xu, Q.'       4 ? 
primary 'Baker, J.O.'  5 ? 
primary 'Ding, S.Y.'   6 ? 
primary 'Himmel, M.E.' 7 ? 
primary 'Lunin, V.V.'  8 ? 
# 
loop_
_entity.id 
_entity.type 
_entity.src_method 
_entity.pdbx_description 
_entity.formula_weight 
_entity.pdbx_number_of_molecules 
_entity.pdbx_ec 
_entity.pdbx_mutation 
_entity.pdbx_fragment 
_entity.details 
1 polymer     man 'Fibronectin(III)-like module' 10492.931 1  ? ? 'unp residues 823-911' ? 
2 non-polymer syn 'SODIUM ION'                   22.990    2  ? ? ?                      ? 
3 water       nat water                          18.015    93 ? ? ?                      ? 
# 
_entity_name_com.entity_id   1 
_entity_name_com.name        'Glycoside hydrolase, family 9' 
# 
_entity_poly.entity_id                      1 
_entity_poly.type                           'polypeptide(L)' 
_entity_poly.nstd_linkage                   no 
_entity_poly.nstd_monomer                   no 
_entity_poly.pdbx_seq_one_letter_code       
;MVTIDSPVAGERFEAGKDINISATVKSKTPVSKVEFYNGDTLISSDTTAPYTAKITGAAVGAYNLKAVAVLSDGRRIESP
VTPVLVKVIVLEHHHHHH
;
_entity_poly.pdbx_seq_one_letter_code_can   
;MVTIDSPVAGERFEAGKDINISATVKSKTPVSKVEFYNGDTLISSDTTAPYTAKITGAAVGAYNLKAVAVLSDGRRIESP
VTPVLVKVIVLEHHHHHH
;
_entity_poly.pdbx_strand_id                 A 
_entity_poly.pdbx_target_identifier         ? 
# 
loop_
_pdbx_entity_nonpoly.entity_id 
_pdbx_entity_nonpoly.name 
_pdbx_entity_nonpoly.comp_id 
2 'SODIUM ION' NA  
3 water        HOH 
# 
loop_
_entity_poly_seq.entity_id 
_entity_poly_seq.num 
_entity_poly_seq.mon_id 
_entity_poly_seq.hetero 
1 1  MET n 
1 2  VAL n 
1 3  THR n 
1 4  ILE n 
1 5  ASP n 
1 6  SER n 
1 7  PRO n 
1 8  VAL n 
1 9  ALA n 
1 10 GLY n 
1 11 GLU n 
1 12 ARG n 
1 13 PHE n 
1 14 GLU n 
1 15 ALA n 
1 16 GLY n 
1 17 LYS n 
1 18 ASP n 
1 19 ILE n 
1 20 ASN n 
1 21 ILE n 
1 22 SER n 
1 23 ALA n 
1 24 THR n 
1 25 VAL n 
1 26 LYS n 
1 27 SER n 
1 28 LYS n 
1 29 THR n 
1 30 PRO n 
1 31 VAL n 
1 32 SER n 
1 33 LYS n 
1 34 VAL n 
1 35 GLU n 
1 36 PHE n 
1 37 TYR n 
1 38 ASN n 
1 39 GLY n 
1 40 ASP n 
1 41 THR n 
1 42 LEU n 
1 43 ILE n 
1 44 SER n 
1 45 SER n 
1 46 ASP n 
1 47 THR n 
1 48 THR n 
1 49 ALA n 
1 50 PRO n 
1 51 TYR n 
1 52 THR n 
1 53 ALA n 
1 54 LYS n 
1 55 ILE n 
1 56 THR n 
1 57 GLY n 
1 58 ALA n 
1 59 ALA n 
1 60 VAL n 
1 61 GLY n 
1 62 ALA n 
1 63 TYR n 
1 64 ASN n 
1 65 LEU n 
1 66 LYS n 
1 67 ALA n 
1 68 VAL n 
1 69 ALA n 
1 70 VAL n 
1 71 LEU n 
1 72 SER n 
1 73 ASP n 
1 74 GLY n 
1 75 ARG n 
1 76 ARG n 
1 77 ILE n 
1 78 GLU n 
1 79 SER n 
1 80 PRO n 
1 81 VAL n 
1 82 THR n 
1 83 PRO n 
1 84 VAL n 
1 85 LEU n 
1 86 VAL n 
1 87 LYS n 
1 88 VAL n 
1 89 ILE n 
1 90 VAL n 
1 91 LEU n 
1 92 GLU n 
1 93 HIS n 
1 94 HIS n 
1 95 HIS n 
1 96 HIS n 
1 97 HIS n 
1 98 HIS n 
# 
_entity_src_gen.entity_id                          1 
_entity_src_gen.pdbx_src_id                        1 
_entity_src_gen.pdbx_alt_source_flag               sample 
_entity_src_gen.pdbx_seq_type                      ? 
_entity_src_gen.pdbx_beg_seq_num                   ? 
_entity_src_gen.pdbx_end_seq_num                   ? 
_entity_src_gen.gene_src_common_name               ? 
_entity_src_gen.gene_src_genus                     ? 
_entity_src_gen.pdbx_gene_src_gene                 Cthe_0413 
_entity_src_gen.gene_src_species                   ? 
_entity_src_gen.gene_src_strain                    'ATCC 27405' 
_entity_src_gen.gene_src_tissue                    ? 
_entity_src_gen.gene_src_tissue_fraction           ? 
_entity_src_gen.gene_src_details                   ? 
_entity_src_gen.pdbx_gene_src_fragment             ? 
_entity_src_gen.pdbx_gene_src_scientific_name      'Clostridium thermocellum' 
_entity_src_gen.pdbx_gene_src_ncbi_taxonomy_id     203119 
_entity_src_gen.pdbx_gene_src_variant              ? 
_entity_src_gen.pdbx_gene_src_cell_line            ? 
_entity_src_gen.pdbx_gene_src_atcc                 ? 
_entity_src_gen.pdbx_gene_src_organ                ? 
_entity_src_gen.pdbx_gene_src_organelle            ? 
_entity_src_gen.pdbx_gene_src_cell                 ? 
_entity_src_gen.pdbx_gene_src_cellular_location    ? 
_entity_src_gen.host_org_common_name               ? 
_entity_src_gen.pdbx_host_org_scientific_name      'Escherichia coli' 
_entity_src_gen.pdbx_host_org_ncbi_taxonomy_id     562 
_entity_src_gen.host_org_genus                     ? 
_entity_src_gen.pdbx_host_org_gene                 ? 
_entity_src_gen.pdbx_host_org_organ                ? 
_entity_src_gen.host_org_species                   ? 
_entity_src_gen.pdbx_host_org_tissue               ? 
_entity_src_gen.pdbx_host_org_tissue_fraction      ? 
_entity_src_gen.pdbx_host_org_strain               ? 
_entity_src_gen.pdbx_host_org_variant              ? 
_entity_src_gen.pdbx_host_org_cell_line            ? 
_entity_src_gen.pdbx_host_org_atcc                 ? 
_entity_src_gen.pdbx_host_org_culture_collection   ? 
_entity_src_gen.pdbx_host_org_cell                 ? 
_entity_src_gen.pdbx_host_org_organelle            ? 
_entity_src_gen.pdbx_host_org_cellular_location    ? 
_entity_src_gen.pdbx_host_org_vector_type          PLASMID 
_entity_src_gen.pdbx_host_org_vector               ? 
_entity_src_gen.host_org_details                   ? 
_entity_src_gen.expression_system_id               ? 
_entity_src_gen.plasmid_name                       pET22b 
_entity_src_gen.plasmid_details                    ? 
_entity_src_gen.pdbx_description                   ? 
# 
loop_
_chem_comp.id 
_chem_comp.type 
_chem_comp.mon_nstd_flag 
_chem_comp.name 
_chem_comp.pdbx_synonyms 
_chem_comp.formula 
_chem_comp.formula_weight 
ALA 'L-peptide linking' y ALANINE         ? 'C3 H7 N O2'     89.093  
ARG 'L-peptide linking' y ARGININE        ? 'C6 H15 N4 O2 1' 175.209 
ASN 'L-peptide linking' y ASPARAGINE      ? 'C4 H8 N2 O3'    132.118 
ASP 'L-peptide linking' y 'ASPARTIC ACID' ? 'C4 H7 N O4'     133.103 
GLU 'L-peptide linking' y 'GLUTAMIC ACID' ? 'C5 H9 N O4'     147.129 
GLY 'peptide linking'   y GLYCINE         ? 'C2 H5 N O2'     75.067  
HIS 'L-peptide linking' y HISTIDINE       ? 'C6 H10 N3 O2 1' 156.162 
HOH non-polymer         . WATER           ? 'H2 O'           18.015  
ILE 'L-peptide linking' y ISOLEUCINE      ? 'C6 H13 N O2'    131.173 
LEU 'L-peptide linking' y LEUCINE         ? 'C6 H13 N O2'    131.173 
LYS 'L-peptide linking' y LYSINE          ? 'C6 H15 N2 O2 1' 147.195 
MET 'L-peptide linking' y METHIONINE      ? 'C5 H11 N O2 S'  149.211 
NA  non-polymer         . 'SODIUM ION'    ? 'Na 1'           22.990  
PHE 'L-peptide linking' y PHENYLALANINE   ? 'C9 H11 N O2'    165.189 
PRO 'L-peptide linking' y PROLINE         ? 'C5 H9 N O2'     115.130 
SER 'L-peptide linking' y SERINE          ? 'C3 H7 N O3'     105.093 
THR 'L-peptide linking' y THREONINE       ? 'C4 H9 N O3'     119.119 
TYR 'L-peptide linking' y TYROSINE        ? 'C9 H11 N O3'    181.189 
VAL 'L-peptide linking' y VALINE          ? 'C5 H11 N O2'    117.146 
# 
loop_
_pdbx_poly_seq_scheme.asym_id 
_pdbx_poly_seq_scheme.entity_id 
_pdbx_poly_seq_scheme.seq_id 
_pdbx_poly_seq_scheme.mon_id 
_pdbx_poly_seq_scheme.ndb_seq_num 
_pdbx_poly_seq_scheme.pdb_seq_num 
_pdbx_poly_seq_scheme.auth_seq_num 
_pdbx_poly_seq_scheme.pdb_mon_id 
_pdbx_poly_seq_scheme.auth_mon_id 
_pdbx_poly_seq_scheme.pdb_strand_id 
_pdbx_poly_seq_scheme.pdb_ins_code 
_pdbx_poly_seq_scheme.hetero 
A 1 1  MET 1  1  1  MET MET A . n 
A 1 2  VAL 2  2  2  VAL VAL A . n 
A 1 3  THR 3  3  3  THR THR A . n 
A 1 4  ILE 4  4  4  ILE ILE A . n 
A 1 5  ASP 5  5  5  ASP ASP A . n 
A 1 6  SER 6  6  6  SER SER A . n 
A 1 7  PRO 7  7  7  PRO PRO A . n 
A 1 8  VAL 8  8  8  VAL VAL A . n 
A 1 9  ALA 9  9  9  ALA ALA A . n 
A 1 10 GLY 10 10 10 GLY GLY A . n 
A 1 11 GLU 11 11 11 GLU GLU A . n 
A 1 12 ARG 12 12 12 ARG ARG A . n 
A 1 13 PHE 13 13 13 PHE PHE A . n 
A 1 14 GLU 14 14 14 GLU GLU A . n 
A 1 15 ALA 15 15 15 ALA ALA A . n 
A 1 16 GLY 16 16 16 GLY GLY A . n 
A 1 17 LYS 17 17 17 LYS LYS A . n 
A 1 18 ASP 18 18 18 ASP ASP A . n 
A 1 19 ILE 19 19 19 ILE ILE A . n 
A 1 20 ASN 20 20 20 ASN ASN A . n 
A 1 21 ILE 21 21 21 ILE ILE A . n 
A 1 22 SER 22 22 22 SER SER A . n 
A 1 23 ALA 23 23 23 ALA ALA A . n 
A 1 24 THR 24 24 24 THR THR A . n 
A 1 25 VAL 25 25 25 VAL VAL A . n 
A 1 26 LYS 26 26 26 LYS LYS A . n 
A 1 27 SER 27 27 27 SER SER A . n 
A 1 28 LYS 28 28 28 LYS LYS A . n 
A 1 29 THR 29 29 29 THR THR A . n 
A 1 30 PRO 30 30 30 PRO PRO A . n 
A 1 31 VAL 31 31 31 VAL VAL A . n 
A 1 32 SER 32 32 32 SER SER A . n 
A 1 33 LYS 33 33 33 LYS LYS A . n 
A 1 34 VAL 34 34 34 VAL VAL A . n 
A 1 35 GLU 35 35 35 GLU GLU A . n 
A 1 36 PHE 36 36 36 PHE PHE A . n 
A 1 37 TYR 37 37 37 TYR TYR A . n 
A 1 38 ASN 38 38 38 ASN ASN A . n 
A 1 39 GLY 39 39 39 GLY GLY A . n 
A 1 40 ASP 40 40 40 ASP ASP A . n 
A 1 41 THR 41 41 41 THR THR A . n 
A 1 42 LEU 42 42 42 LEU LEU A . n 
A 1 43 ILE 43 43 43 ILE ILE A . n 
A 1 44 SER 44 44 44 SER SER A . n 
A 1 45 SER 45 45 45 SER SER A . n 
A 1 46 ASP 46 46 46 ASP ASP A . n 
A 1 47 THR 47 47 47 THR THR A . n 
A 1 48 THR 48 48 48 THR THR A . n 
A 1 49 ALA 49 49 49 ALA ALA A . n 
A 1 50 PRO 50 50 50 PRO PRO A . n 
A 1 51 TYR 51 51 51 TYR TYR A . n 
A 1 52 THR 52 52 52 THR THR A . n 
A 1 53 ALA 53 53 53 ALA ALA A . n 
A 1 54 LYS 54 54 54 LYS LYS A . n 
A 1 55 ILE 55 55 55 ILE ILE A . n 
A 1 56 THR 56 56 56 THR THR A . n 
A 1 57 GLY 57 57 57 GLY GLY A . n 
A 1 58 ALA 58 58 58 ALA ALA A . n 
A 1 59 ALA 59 59 59 ALA ALA A . n 
A 1 60 VAL 60 60 60 VAL VAL A . n 
A 1 61 GLY 61 61 61 GLY GLY A . n 
A 1 62 ALA 62 62 62 ALA ALA A . n 
A 1 63 TYR 63 63 63 TYR TYR A . n 
A 1 64 ASN 64 64 64 ASN ASN A . n 
A 1 65 LEU 65 65 65 LEU LEU A . n 
A 1 66 LYS 66 66 66 LYS LYS A . n 
A 1 67 ALA 67 67 67 ALA ALA A . n 
A 1 68 VAL 68 68 68 VAL VAL A . n 
A 1 69 ALA 69 69 69 ALA ALA A . n 
A 1 70 VAL 70 70 70 VAL VAL A . n 
A 1 71 LEU 71 71 71 LEU LEU A . n 
A 1 72 SER 72 72 72 SER SER A . n 
A 1 73 ASP 73 73 73 ASP ASP A . n 
A 1 74 GLY 74 74 74 GLY GLY A . n 
A 1 75 ARG 75 75 75 ARG ARG A . n 
A 1 76 ARG 76 76 76 ARG ARG A . n 
A 1 77 ILE 77 77 77 ILE ILE A . n 
A 1 78 GLU 78 78 78 GLU GLU A . n 
A 1 79 SER 79 79 79 SER SER A . n 
A 1 80 PRO 80 80 80 PRO PRO A . n 
A 1 81 VAL 81 81 81 VAL VAL A . n 
A 1 82 THR 82 82 82 THR THR A . n 
A 1 83 PRO 83 83 83 PRO PRO A . n 
A 1 84 VAL 84 84 84 VAL VAL A . n 
A 1 85 LEU 85 85 85 LEU LEU A . n 
A 1 86 VAL 86 86 86 VAL VAL A . n 
A 1 87 LYS 87 87 87 LYS LYS A . n 
A 1 88 VAL 88 88 88 VAL VAL A . n 
A 1 89 ILE 89 89 89 ILE ILE A . n 
A 1 90 VAL 90 90 90 VAL VAL A . n 
A 1 91 LEU 91 91 91 LEU LEU A . n 
A 1 92 GLU 92 92 ?  ?   ?   A . n 
A 1 93 HIS 93 93 ?  ?   ?   A . n 
A 1 94 HIS 94 94 ?  ?   ?   A . n 
A 1 95 HIS 95 95 ?  ?   ?   A . n 
A 1 96 HIS 96 96 ?  ?   ?   A . n 
A 1 97 HIS 97 97 ?  ?   ?   A . n 
A 1 98 HIS 98 98 ?  ?   ?   A . n 
# 
loop_
_pdbx_nonpoly_scheme.asym_id 
_pdbx_nonpoly_scheme.entity_id 
_pdbx_nonpoly_scheme.mon_id 
_pdbx_nonpoly_scheme.ndb_seq_num 
_pdbx_nonpoly_scheme.pdb_seq_num 
_pdbx_nonpoly_scheme.auth_seq_num 
_pdbx_nonpoly_scheme.pdb_mon_id 
_pdbx_nonpoly_scheme.auth_mon_id 
_pdbx_nonpoly_scheme.pdb_strand_id 
_pdbx_nonpoly_scheme.pdb_ins_code 
B 2 NA  1  99  1   NA  NA  A . 
C 2 NA  1  100 2   NA  NA  A . 
D 3 HOH 1  101 101 HOH HOH A . 
D 3 HOH 2  102 102 HOH HOH A . 
D 3 HOH 3  103 103 HOH HOH A . 
D 3 HOH 4  104 104 HOH HOH A . 
D 3 HOH 5  105 105 HOH HOH A . 
D 3 HOH 6  106 106 HOH HOH A . 
D 3 HOH 7  107 107 HOH HOH A . 
D 3 HOH 8  108 108 HOH HOH A . 
D 3 HOH 9  109 1   HOH HOH A . 
D 3 HOH 10 110 3   HOH HOH A . 
D 3 HOH 11 111 4   HOH HOH A . 
D 3 HOH 12 112 5   HOH HOH A . 
D 3 HOH 13 113 6   HOH HOH A . 
D 3 HOH 14 114 7   HOH HOH A . 
D 3 HOH 15 115 8   HOH HOH A . 
D 3 HOH 16 116 9   HOH HOH A . 
D 3 HOH 17 117 10  HOH HOH A . 
D 3 HOH 18 118 11  HOH HOH A . 
D 3 HOH 19 119 12  HOH HOH A . 
D 3 HOH 20 120 13  HOH HOH A . 
D 3 HOH 21 121 14  HOH HOH A . 
D 3 HOH 22 122 15  HOH HOH A . 
D 3 HOH 23 123 16  HOH HOH A . 
D 3 HOH 24 124 17  HOH HOH A . 
D 3 HOH 25 125 18  HOH HOH A . 
D 3 HOH 26 126 20  HOH HOH A . 
D 3 HOH 27 127 21  HOH HOH A . 
D 3 HOH 28 128 22  HOH HOH A . 
D 3 HOH 29 129 24  HOH HOH A . 
D 3 HOH 30 130 25  HOH HOH A . 
D 3 HOH 31 131 26  HOH HOH A . 
D 3 HOH 32 132 27  HOH HOH A . 
D 3 HOH 33 133 29  HOH HOH A . 
D 3 HOH 34 134 30  HOH HOH A . 
D 3 HOH 35 135 31  HOH HOH A . 
D 3 HOH 36 136 33  HOH HOH A . 
D 3 HOH 37 137 34  HOH HOH A . 
D 3 HOH 38 138 35  HOH HOH A . 
D 3 HOH 39 139 36  HOH HOH A . 
D 3 HOH 40 140 37  HOH HOH A . 
D 3 HOH 41 141 38  HOH HOH A . 
D 3 HOH 42 142 41  HOH HOH A . 
D 3 HOH 43 143 43  HOH HOH A . 
D 3 HOH 44 144 44  HOH HOH A . 
D 3 HOH 45 145 45  HOH HOH A . 
D 3 HOH 46 146 46  HOH HOH A . 
D 3 HOH 47 147 47  HOH HOH A . 
D 3 HOH 48 148 48  HOH HOH A . 
D 3 HOH 49 149 50  HOH HOH A . 
D 3 HOH 50 150 51  HOH HOH A . 
D 3 HOH 51 151 53  HOH HOH A . 
D 3 HOH 52 152 54  HOH HOH A . 
D 3 HOH 53 153 56  HOH HOH A . 
D 3 HOH 54 154 58  HOH HOH A . 
D 3 HOH 55 155 59  HOH HOH A . 
D 3 HOH 56 156 60  HOH HOH A . 
D 3 HOH 57 157 61  HOH HOH A . 
D 3 HOH 58 158 62  HOH HOH A . 
D 3 HOH 59 159 63  HOH HOH A . 
D 3 HOH 60 160 64  HOH HOH A . 
D 3 HOH 61 161 65  HOH HOH A . 
D 3 HOH 62 162 66  HOH HOH A . 
D 3 HOH 63 163 67  HOH HOH A . 
D 3 HOH 64 164 68  HOH HOH A . 
D 3 HOH 65 165 70  HOH HOH A . 
D 3 HOH 66 166 71  HOH HOH A . 
D 3 HOH 67 167 72  HOH HOH A . 
D 3 HOH 68 168 74  HOH HOH A . 
D 3 HOH 69 169 75  HOH HOH A . 
D 3 HOH 70 170 77  HOH HOH A . 
D 3 HOH 71 171 78  HOH HOH A . 
D 3 HOH 72 172 79  HOH HOH A . 
D 3 HOH 73 173 80  HOH HOH A . 
D 3 HOH 74 174 81  HOH HOH A . 
D 3 HOH 75 175 82  HOH HOH A . 
D 3 HOH 76 176 83  HOH HOH A . 
D 3 HOH 77 177 84  HOH HOH A . 
D 3 HOH 78 178 85  HOH HOH A . 
D 3 HOH 79 179 86  HOH HOH A . 
D 3 HOH 80 180 87  HOH HOH A . 
D 3 HOH 81 181 88  HOH HOH A . 
D 3 HOH 82 182 89  HOH HOH A . 
D 3 HOH 83 183 90  HOH HOH A . 
D 3 HOH 84 184 91  HOH HOH A . 
D 3 HOH 85 185 92  HOH HOH A . 
D 3 HOH 86 186 93  HOH HOH A . 
D 3 HOH 87 187 94  HOH HOH A . 
D 3 HOH 88 188 95  HOH HOH A . 
D 3 HOH 89 189 96  HOH HOH A . 
D 3 HOH 90 190 97  HOH HOH A . 
D 3 HOH 91 191 98  HOH HOH A . 
D 3 HOH 92 192 99  HOH HOH A . 
D 3 HOH 93 193 100 HOH HOH A . 
# 
loop_
_software.name 
_software.classification 
_software.version 
_software.citation_id 
_software.pdbx_ordinal 
'PROTEUM PLUS' 'data collection' .        ? 1 
SHELX          'model building'  .        ? 2 
REFMAC         refinement        5.5.0109 ? 3 
SAINT          'data reduction'  .        ? 4 
'PROTEUM PLUS' 'data scaling'    .        ? 5 
SHELX          phasing           .        ? 6 
# 
_cell.entry_id           3PDG 
_cell.length_a           42.316 
_cell.length_b           42.316 
_cell.length_c           116.756 
_cell.angle_alpha        90.00 
_cell.angle_beta         90.00 
_cell.angle_gamma        90.00 
_cell.Z_PDB              8 
_cell.pdbx_unique_axis   ? 
_cell.length_a_esd       ? 
_cell.length_b_esd       ? 
_cell.length_c_esd       ? 
_cell.angle_alpha_esd    ? 
_cell.angle_beta_esd     ? 
_cell.angle_gamma_esd    ? 
# 
_symmetry.entry_id                         3PDG 
_symmetry.space_group_name_H-M             'P 42 21 2' 
_symmetry.pdbx_full_space_group_name_H-M   ? 
_symmetry.cell_setting                     ? 
_symmetry.Int_Tables_number                94 
_symmetry.space_group_name_Hall            ? 
# 
_exptl.entry_id          3PDG 
_exptl.method            'X-RAY DIFFRACTION' 
_exptl.crystals_number   1 
# 
_exptl_crystal.id                    1 
_exptl_crystal.density_meas          ? 
_exptl_crystal.density_Matthews      2.49 
_exptl_crystal.density_percent_sol   50.61 
_exptl_crystal.description           ? 
_exptl_crystal.F_000                 ? 
_exptl_crystal.preparation           ? 
# 
_exptl_crystal_grow.crystal_id      1 
_exptl_crystal_grow.method          'VAPOR DIFFUSION' 
_exptl_crystal_grow.temp            294 
_exptl_crystal_grow.temp_details    ? 
_exptl_crystal_grow.pH              6.0 
_exptl_crystal_grow.pdbx_details    '1.9 M Sodium Malonate, pH 6.0, VAPOR DIFFUSION, temperature 294K' 
_exptl_crystal_grow.pdbx_pH_range   ? 
# 
_diffrn.id                     1 
_diffrn.ambient_temp           100 
_diffrn.ambient_temp_details   ? 
_diffrn.crystal_id             1 
# 
_diffrn_detector.diffrn_id              1 
_diffrn_detector.detector               CCD 
_diffrn_detector.type                   'Bruker Platinum 135' 
_diffrn_detector.pdbx_collection_date   2009-04-09 
_diffrn_detector.details                'Helios mirrors' 
# 
_diffrn_radiation.diffrn_id                        1 
_diffrn_radiation.wavelength_id                    1 
_diffrn_radiation.pdbx_monochromatic_or_laue_m_l   M 
_diffrn_radiation.monochromator                    'Helios mirrors' 
_diffrn_radiation.pdbx_diffrn_protocol             'SINGLE WAVELENGTH' 
_diffrn_radiation.pdbx_scattering_type             x-ray 
# 
_diffrn_radiation_wavelength.id           1 
_diffrn_radiation_wavelength.wavelength   1.5418 
_diffrn_radiation_wavelength.wt           1.0 
# 
_diffrn_source.diffrn_id                   1 
_diffrn_source.source                      'ROTATING ANODE' 
_diffrn_source.type                        'BRUKER AXS MICROSTAR' 
_diffrn_source.pdbx_synchrotron_site       ? 
_diffrn_source.pdbx_synchrotron_beamline   ? 
_diffrn_source.pdbx_wavelength             ? 
_diffrn_source.pdbx_wavelength_list        1.5418 
# 
_reflns.entry_id                     3PDG 
_reflns.observed_criterion_sigma_I   ? 
_reflns.observed_criterion_sigma_F   ? 
_reflns.d_resolution_low             25.0 
_reflns.d_resolution_high            1.78 
_reflns.number_obs                   10862 
_reflns.number_all                   10862 
_reflns.percent_possible_obs         99.7 
_reflns.pdbx_Rmerge_I_obs            ? 
_reflns.pdbx_Rsym_value              ? 
_reflns.pdbx_netI_over_sigmaI        ? 
_reflns.B_iso_Wilson_estimate        ? 
_reflns.pdbx_redundancy              12.67 
_reflns.R_free_details               ? 
_reflns.limit_h_max                  ? 
_reflns.limit_h_min                  ? 
_reflns.limit_k_max                  ? 
_reflns.limit_k_min                  ? 
_reflns.limit_l_max                  ? 
_reflns.limit_l_min                  ? 
_reflns.observed_criterion_F_max     ? 
_reflns.observed_criterion_F_min     ? 
_reflns.pdbx_chi_squared             ? 
_reflns.pdbx_scaling_rejects         ? 
_reflns.pdbx_ordinal                 1 
_reflns.pdbx_diffrn_id               1 
# 
_reflns_shell.d_res_high             1.78 
_reflns_shell.d_res_low              1.88 
_reflns_shell.percent_possible_all   98.9 
_reflns_shell.Rmerge_I_obs           ? 
_reflns_shell.pdbx_Rsym_value        0.2817 
_reflns_shell.meanI_over_sigI_obs    2.72 
_reflns_shell.pdbx_redundancy        4.51 
_reflns_shell.percent_possible_obs   ? 
_reflns_shell.number_unique_all      1573 
_reflns_shell.number_measured_all    ? 
_reflns_shell.number_measured_obs    ? 
_reflns_shell.number_unique_obs      ? 
_reflns_shell.pdbx_chi_squared       ? 
_reflns_shell.pdbx_ordinal           1 
_reflns_shell.pdbx_diffrn_id         1 
# 
_refine.entry_id                                 3PDG 
_refine.ls_number_reflns_obs                     10241 
_refine.ls_number_reflns_all                     10241 
_refine.pdbx_ls_sigma_I                          ? 
_refine.pdbx_ls_sigma_F                          ? 
_refine.pdbx_data_cutoff_high_absF               ? 
_refine.pdbx_data_cutoff_low_absF                ? 
_refine.pdbx_data_cutoff_high_rms_absF           ? 
_refine.ls_d_res_low                             25.0 
_refine.ls_d_res_high                            1.78 
_refine.ls_percent_reflns_obs                    99.17 
_refine.ls_R_factor_obs                          0.23217 
_refine.ls_R_factor_all                          ? 
_refine.ls_R_factor_R_work                       0.23017 
_refine.ls_R_factor_R_free                       0.27050 
_refine.ls_R_factor_R_free_error                 ? 
_refine.ls_R_factor_R_free_error_details         ? 
_refine.ls_percent_reflns_R_free                 4.8 
_refine.ls_number_reflns_R_free                  518 
_refine.ls_number_parameters                     ? 
_refine.ls_number_restraints                     ? 
_refine.occupancy_min                            ? 
_refine.occupancy_max                            ? 
_refine.correlation_coeff_Fo_to_Fc               0.948 
_refine.correlation_coeff_Fo_to_Fc_free          0.939 
_refine.B_iso_mean                               25.680 
_refine.aniso_B[1][1]                            1.20 
_refine.aniso_B[2][2]                            1.20 
_refine.aniso_B[3][3]                            -2.40 
_refine.aniso_B[1][2]                            0.00 
_refine.aniso_B[1][3]                            0.00 
_refine.aniso_B[2][3]                            0.00 
_refine.solvent_model_details                    MASK 
_refine.solvent_model_param_ksol                 ? 
_refine.solvent_model_param_bsol                 ? 
_refine.pdbx_solvent_vdw_probe_radii             1.40 
_refine.pdbx_solvent_ion_probe_radii             0.80 
_refine.pdbx_solvent_shrinkage_radii             0.80 
_refine.pdbx_ls_cross_valid_method               THROUGHOUT 
_refine.details                                  'HYDROGENS HAVE BEEN ADDED IN THE RIDING POSITIONS' 
_refine.pdbx_starting_model                      ? 
_refine.pdbx_method_to_determine_struct          SIRAS 
_refine.pdbx_isotropic_thermal_model             ? 
_refine.pdbx_stereochemistry_target_values       'MAXIMUM LIKELIHOOD' 
_refine.pdbx_stereochem_target_val_spec_case     ? 
_refine.pdbx_R_Free_selection_details            RANDOM 
_refine.pdbx_overall_ESU_R_Free                  0.139 
_refine.overall_SU_ML                            0.121 
_refine.overall_SU_B                             8.802 
_refine.overall_SU_R_Cruickshank_DPI             ? 
_refine.ls_redundancy_reflns_obs                 ? 
_refine.B_iso_min                                ? 
_refine.B_iso_max                                ? 
_refine.overall_SU_R_free                        ? 
_refine.ls_wR_factor_R_free                      ? 
_refine.ls_wR_factor_R_work                      ? 
_refine.overall_FOM_free_R_set                   ? 
_refine.overall_FOM_work_R_set                   ? 
_refine.pdbx_overall_phase_error                 ? 
_refine.pdbx_refine_id                           'X-RAY DIFFRACTION' 
_refine.pdbx_diffrn_id                           1 
_refine.pdbx_overall_ESU_R                       ? 
_refine.pdbx_TLS_residual_ADP_flag               ? 
_refine.pdbx_overall_SU_R_free_Cruickshank_DPI   ? 
_refine.pdbx_overall_SU_R_Blow_DPI               ? 
_refine.pdbx_overall_SU_R_free_Blow_DPI          ? 
# 
_refine_hist.pdbx_refine_id                   'X-RAY DIFFRACTION' 
_refine_hist.cycle_id                         LAST 
_refine_hist.pdbx_number_atoms_protein        669 
_refine_hist.pdbx_number_atoms_nucleic_acid   0 
_refine_hist.pdbx_number_atoms_ligand         2 
_refine_hist.number_atoms_solvent             93 
_refine_hist.number_atoms_total               764 
_refine_hist.d_res_high                       1.78 
_refine_hist.d_res_low                        25.0 
# 
loop_
_refine_ls_restr.type 
_refine_ls_restr.dev_ideal 
_refine_ls_restr.dev_ideal_target 
_refine_ls_restr.weight 
_refine_ls_restr.number 
_refine_ls_restr.pdbx_refine_id 
_refine_ls_restr.pdbx_restraint_function 
r_bond_refined_d             0.023  0.022  ? 732  'X-RAY DIFFRACTION' ? 
r_bond_other_d               0.011  0.020  ? 478  'X-RAY DIFFRACTION' ? 
r_angle_refined_deg          1.980  1.985  ? 1007 'X-RAY DIFFRACTION' ? 
r_angle_other_deg            0.979  3.000  ? 1190 'X-RAY DIFFRACTION' ? 
r_dihedral_angle_1_deg       6.648  5.000  ? 102  'X-RAY DIFFRACTION' ? 
r_dihedral_angle_2_deg       34.740 24.091 ? 22   'X-RAY DIFFRACTION' ? 
r_dihedral_angle_3_deg       16.268 15.000 ? 125  'X-RAY DIFFRACTION' ? 
r_dihedral_angle_4_deg       20.876 15.000 ? 4    'X-RAY DIFFRACTION' ? 
r_chiral_restr               0.107  0.200  ? 127  'X-RAY DIFFRACTION' ? 
r_gen_planes_refined         0.009  0.021  ? 833  'X-RAY DIFFRACTION' ? 
r_gen_planes_other           0.003  0.020  ? 135  'X-RAY DIFFRACTION' ? 
r_nbd_refined                ?      ?      ? ?    'X-RAY DIFFRACTION' ? 
r_nbd_other                  ?      ?      ? ?    'X-RAY DIFFRACTION' ? 
r_nbtor_refined              ?      ?      ? ?    'X-RAY DIFFRACTION' ? 
r_nbtor_other                ?      ?      ? ?    'X-RAY DIFFRACTION' ? 
r_xyhbond_nbd_refined        ?      ?      ? ?    'X-RAY DIFFRACTION' ? 
r_xyhbond_nbd_other          ?      ?      ? ?    'X-RAY DIFFRACTION' ? 
r_metal_ion_refined          ?      ?      ? ?    'X-RAY DIFFRACTION' ? 
r_metal_ion_other            ?      ?      ? ?    'X-RAY DIFFRACTION' ? 
r_symmetry_vdw_refined       ?      ?      ? ?    'X-RAY DIFFRACTION' ? 
r_symmetry_vdw_other         ?      ?      ? ?    'X-RAY DIFFRACTION' ? 
r_symmetry_hbond_refined     ?      ?      ? ?    'X-RAY DIFFRACTION' ? 
r_symmetry_hbond_other       ?      ?      ? ?    'X-RAY DIFFRACTION' ? 
r_symmetry_metal_ion_refined ?      ?      ? ?    'X-RAY DIFFRACTION' ? 
r_symmetry_metal_ion_other   ?      ?      ? ?    'X-RAY DIFFRACTION' ? 
r_mcbond_it                  1.025  1.500  ? 490  'X-RAY DIFFRACTION' ? 
r_mcbond_other               0.391  1.500  ? 194  'X-RAY DIFFRACTION' ? 
r_mcangle_it                 1.538  2.000  ? 811  'X-RAY DIFFRACTION' ? 
r_scbond_it                  2.936  3.000  ? 242  'X-RAY DIFFRACTION' ? 
r_scangle_it                 4.220  4.500  ? 196  'X-RAY DIFFRACTION' ? 
r_rigid_bond_restr           ?      ?      ? ?    'X-RAY DIFFRACTION' ? 
r_sphericity_free            ?      ?      ? ?    'X-RAY DIFFRACTION' ? 
r_sphericity_bonded          ?      ?      ? ?    'X-RAY DIFFRACTION' ? 
# 
_refine_ls_shell.pdbx_total_number_of_bins_used   20 
_refine_ls_shell.d_res_high                       1.780 
_refine_ls_shell.d_res_low                        1.826 
_refine_ls_shell.number_reflns_R_work             686 
_refine_ls_shell.R_factor_R_work                  0.308 
_refine_ls_shell.percent_reflns_obs               93.83 
_refine_ls_shell.R_factor_R_free                  0.401 
_refine_ls_shell.R_factor_R_free_error            ? 
_refine_ls_shell.percent_reflns_R_free            ? 
_refine_ls_shell.number_reflns_R_free             44 
_refine_ls_shell.number_reflns_all                ? 
_refine_ls_shell.R_factor_all                     ? 
_refine_ls_shell.number_reflns_obs                730 
_refine_ls_shell.redundancy_reflns_obs            ? 
_refine_ls_shell.pdbx_refine_id                   'X-RAY DIFFRACTION' 
# 
_struct.entry_id                  3PDG 
_struct.title                     'Structures of Clostridium thermocellum CbhA fibronectin(III)-like modules' 
_struct.pdbx_model_details        ? 
_struct.pdbx_CASP_flag            ? 
_struct.pdbx_model_type_details   ? 
# 
_struct_keywords.entry_id        3PDG 
_struct_keywords.text            'CbhA, beta-sandwich, Cellulosome, UNKNOWN FUNCTION' 
_struct_keywords.pdbx_keywords   'UNKNOWN FUNCTION' 
# 
loop_
_struct_asym.id 
_struct_asym.pdbx_blank_PDB_chainid_flag 
_struct_asym.pdbx_modified 
_struct_asym.entity_id 
_struct_asym.details 
A N N 1 ? 
B N N 2 ? 
C N N 2 ? 
D N N 3 ? 
# 
_struct_ref.id                         1 
_struct_ref.db_name                    UNP 
_struct_ref.db_code                    A3DCH2_CLOTH 
_struct_ref.pdbx_db_accession          A3DCH2 
_struct_ref.entity_id                  1 
_struct_ref.pdbx_seq_one_letter_code   
;VTIDSPVAGERFEAGKDINISATVKSKTPVSKVEFYNGDTLISSDTTAPYTAKITGAAVGAYNLKAVAVLSDGRRIESPV
TPVLVKVIV
;
_struct_ref.pdbx_align_begin           823 
_struct_ref.pdbx_db_isoform            ? 
# 
_struct_ref_seq.align_id                      1 
_struct_ref_seq.ref_id                        1 
_struct_ref_seq.pdbx_PDB_id_code              3PDG 
_struct_ref_seq.pdbx_strand_id                A 
_struct_ref_seq.seq_align_beg                 2 
_struct_ref_seq.pdbx_seq_align_beg_ins_code   ? 
_struct_ref_seq.seq_align_end                 90 
_struct_ref_seq.pdbx_seq_align_end_ins_code   ? 
_struct_ref_seq.pdbx_db_accession             A3DCH2 
_struct_ref_seq.db_align_beg                  823 
_struct_ref_seq.pdbx_db_align_beg_ins_code    ? 
_struct_ref_seq.db_align_end                  911 
_struct_ref_seq.pdbx_db_align_end_ins_code    ? 
_struct_ref_seq.pdbx_auth_seq_align_beg       2 
_struct_ref_seq.pdbx_auth_seq_align_end       90 
# 
loop_
_struct_ref_seq_dif.align_id 
_struct_ref_seq_dif.pdbx_pdb_id_code 
_struct_ref_seq_dif.mon_id 
_struct_ref_seq_dif.pdbx_pdb_strand_id 
_struct_ref_seq_dif.seq_num 
_struct_ref_seq_dif.pdbx_pdb_ins_code 
_struct_ref_seq_dif.pdbx_seq_db_name 
_struct_ref_seq_dif.pdbx_seq_db_accession_code 
_struct_ref_seq_dif.db_mon_id 
_struct_ref_seq_dif.pdbx_seq_db_seq_num 
_struct_ref_seq_dif.details 
_struct_ref_seq_dif.pdbx_auth_seq_num 
_struct_ref_seq_dif.pdbx_ordinal 
1 3PDG MET A 1  ? UNP A3DCH2 ? ? 'initiating methionine' 1  1 
1 3PDG LEU A 91 ? UNP A3DCH2 ? ? 'expression tag'        91 2 
1 3PDG GLU A 92 ? UNP A3DCH2 ? ? 'expression tag'        92 3 
1 3PDG HIS A 93 ? UNP A3DCH2 ? ? 'expression tag'        93 4 
1 3PDG HIS A 94 ? UNP A3DCH2 ? ? 'expression tag'        94 5 
1 3PDG HIS A 95 ? UNP A3DCH2 ? ? 'expression tag'        95 6 
1 3PDG HIS A 96 ? UNP A3DCH2 ? ? 'expression tag'        96 7 
1 3PDG HIS A 97 ? UNP A3DCH2 ? ? 'expression tag'        97 8 
1 3PDG HIS A 98 ? UNP A3DCH2 ? ? 'expression tag'        98 9 
# 
_pdbx_struct_assembly.id                   1 
_pdbx_struct_assembly.details              software_defined_assembly 
_pdbx_struct_assembly.method_details       PISA 
_pdbx_struct_assembly.oligomeric_details   monomeric 
_pdbx_struct_assembly.oligomeric_count     1 
# 
_pdbx_struct_assembly_gen.assembly_id       1 
_pdbx_struct_assembly_gen.oper_expression   1 
_pdbx_struct_assembly_gen.asym_id_list      A,B,C,D 
# 
_pdbx_struct_oper_list.id                   1 
_pdbx_struct_oper_list.type                 'identity operation' 
_pdbx_struct_oper_list.name                 1_555 
_pdbx_struct_oper_list.symmetry_operation   x,y,z 
_pdbx_struct_oper_list.matrix[1][1]         1.0000000000 
_pdbx_struct_oper_list.matrix[1][2]         0.0000000000 
_pdbx_struct_oper_list.matrix[1][3]         0.0000000000 
_pdbx_struct_oper_list.vector[1]            0.0000000000 
_pdbx_struct_oper_list.matrix[2][1]         0.0000000000 
_pdbx_struct_oper_list.matrix[2][2]         1.0000000000 
_pdbx_struct_oper_list.matrix[2][3]         0.0000000000 
_pdbx_struct_oper_list.vector[2]            0.0000000000 
_pdbx_struct_oper_list.matrix[3][1]         0.0000000000 
_pdbx_struct_oper_list.matrix[3][2]         0.0000000000 
_pdbx_struct_oper_list.matrix[3][3]         1.0000000000 
_pdbx_struct_oper_list.vector[3]            0.0000000000 
# 
_struct_biol.id        1 
_struct_biol.details   ? 
# 
loop_
_struct_conn.id 
_struct_conn.conn_type_id 
_struct_conn.pdbx_leaving_atom_flag 
_struct_conn.pdbx_PDB_id 
_struct_conn.ptnr1_label_asym_id 
_struct_conn.ptnr1_label_comp_id 
_struct_conn.ptnr1_label_seq_id 
_struct_conn.ptnr1_label_atom_id 
_struct_conn.pdbx_ptnr1_label_alt_id 
_struct_conn.pdbx_ptnr1_PDB_ins_code 
_struct_conn.pdbx_ptnr1_standard_comp_id 
_struct_conn.ptnr1_symmetry 
_struct_conn.ptnr2_label_asym_id 
_struct_conn.ptnr2_label_comp_id 
_struct_conn.ptnr2_label_seq_id 
_struct_conn.ptnr2_label_atom_id 
_struct_conn.pdbx_ptnr2_label_alt_id 
_struct_conn.pdbx_ptnr2_PDB_ins_code 
_struct_conn.ptnr1_auth_asym_id 
_struct_conn.ptnr1_auth_comp_id 
_struct_conn.ptnr1_auth_seq_id 
_struct_conn.ptnr2_auth_asym_id 
_struct_conn.ptnr2_auth_comp_id 
_struct_conn.ptnr2_auth_seq_id 
_struct_conn.ptnr2_symmetry 
_struct_conn.pdbx_ptnr3_label_atom_id 
_struct_conn.pdbx_ptnr3_label_seq_id 
_struct_conn.pdbx_ptnr3_label_comp_id 
_struct_conn.pdbx_ptnr3_label_asym_id 
_struct_conn.pdbx_ptnr3_label_alt_id 
_struct_conn.pdbx_ptnr3_PDB_ins_code 
_struct_conn.details 
_struct_conn.pdbx_dist_value 
_struct_conn.pdbx_value_order 
_struct_conn.pdbx_role 
metalc1 metalc ? ? A ASP 46 OD2 ? ? ? 1_555 B NA  . NA ? ? A ASP 46  A NA  99  1_555 ? ? ? ? ? ? ? 2.357 ? ? 
metalc2 metalc ? ? A ASP 46 OD1 ? ? ? 1_555 B NA  . NA ? ? A ASP 46  A NA  99  1_555 ? ? ? ? ? ? ? 3.129 ? ? 
metalc3 metalc ? ? A THR 48 O   B ? ? 1_555 B NA  . NA ? ? A THR 48  A NA  99  1_555 ? ? ? ? ? ? ? 2.320 ? ? 
metalc4 metalc ? ? A THR 48 O   A ? ? 1_555 B NA  . NA ? ? A THR 48  A NA  99  1_555 ? ? ? ? ? ? ? 2.340 ? ? 
metalc5 metalc ? ? A PRO 50 O   ? ? ? 1_555 B NA  . NA ? ? A PRO 50  A NA  99  1_555 ? ? ? ? ? ? ? 2.207 ? ? 
metalc6 metalc ? ? B NA  .  NA  ? ? ? 1_555 D HOH . O  ? ? A NA  99  A HOH 110 1_555 ? ? ? ? ? ? ? 2.374 ? ? 
metalc7 metalc ? ? B NA  .  NA  ? ? ? 1_555 D HOH . O  ? ? A NA  99  A HOH 152 1_555 ? ? ? ? ? ? ? 2.505 ? ? 
metalc8 metalc ? ? B NA  .  NA  ? ? ? 1_555 D HOH . O  ? ? A NA  99  A HOH 190 1_555 ? ? ? ? ? ? ? 2.622 ? ? 
metalc9 metalc ? ? C NA  .  NA  ? ? ? 1_555 D HOH . O  ? ? A NA  100 A HOH 169 1_555 ? ? ? ? ? ? ? 3.120 ? ? 
# 
_struct_conn_type.id          metalc 
_struct_conn_type.criteria    ? 
_struct_conn_type.reference   ? 
# 
loop_
_pdbx_struct_conn_angle.id 
_pdbx_struct_conn_angle.ptnr1_label_atom_id 
_pdbx_struct_conn_angle.ptnr1_label_alt_id 
_pdbx_struct_conn_angle.ptnr1_label_asym_id 
_pdbx_struct_conn_angle.ptnr1_label_comp_id 
_pdbx_struct_conn_angle.ptnr1_label_seq_id 
_pdbx_struct_conn_angle.ptnr1_auth_atom_id 
_pdbx_struct_conn_angle.ptnr1_auth_asym_id 
_pdbx_struct_conn_angle.ptnr1_auth_comp_id 
_pdbx_struct_conn_angle.ptnr1_auth_seq_id 
_pdbx_struct_conn_angle.ptnr1_PDB_ins_code 
_pdbx_struct_conn_angle.ptnr1_symmetry 
_pdbx_struct_conn_angle.ptnr2_label_atom_id 
_pdbx_struct_conn_angle.ptnr2_label_alt_id 
_pdbx_struct_conn_angle.ptnr2_label_asym_id 
_pdbx_struct_conn_angle.ptnr2_label_comp_id 
_pdbx_struct_conn_angle.ptnr2_label_seq_id 
_pdbx_struct_conn_angle.ptnr2_auth_atom_id 
_pdbx_struct_conn_angle.ptnr2_auth_asym_id 
_pdbx_struct_conn_angle.ptnr2_auth_comp_id 
_pdbx_struct_conn_angle.ptnr2_auth_seq_id 
_pdbx_struct_conn_angle.ptnr2_PDB_ins_code 
_pdbx_struct_conn_angle.ptnr2_symmetry 
_pdbx_struct_conn_angle.ptnr3_label_atom_id 
_pdbx_struct_conn_angle.ptnr3_label_alt_id 
_pdbx_struct_conn_angle.ptnr3_label_asym_id 
_pdbx_struct_conn_angle.ptnr3_label_comp_id 
_pdbx_struct_conn_angle.ptnr3_label_seq_id 
_pdbx_struct_conn_angle.ptnr3_auth_atom_id 
_pdbx_struct_conn_angle.ptnr3_auth_asym_id 
_pdbx_struct_conn_angle.ptnr3_auth_comp_id 
_pdbx_struct_conn_angle.ptnr3_auth_seq_id 
_pdbx_struct_conn_angle.ptnr3_PDB_ins_code 
_pdbx_struct_conn_angle.ptnr3_symmetry 
_pdbx_struct_conn_angle.value 
_pdbx_struct_conn_angle.value_esd 
1  OD2 ? A ASP 46 ? A ASP 46  ? 1_555 NA ? B NA . ? A NA 99 ? 1_555 OD1 ? A ASP 46 ? A ASP 46  ? 1_555 46.0  ? 
2  OD2 ? A ASP 46 ? A ASP 46  ? 1_555 NA ? B NA . ? A NA 99 ? 1_555 O   B A THR 48 ? A THR 48  ? 1_555 92.4  ? 
3  OD1 ? A ASP 46 ? A ASP 46  ? 1_555 NA ? B NA . ? A NA 99 ? 1_555 O   B A THR 48 ? A THR 48  ? 1_555 67.2  ? 
4  OD2 ? A ASP 46 ? A ASP 46  ? 1_555 NA ? B NA . ? A NA 99 ? 1_555 O   A A THR 48 ? A THR 48  ? 1_555 89.8  ? 
5  OD1 ? A ASP 46 ? A ASP 46  ? 1_555 NA ? B NA . ? A NA 99 ? 1_555 O   A A THR 48 ? A THR 48  ? 1_555 68.6  ? 
6  O   B A THR 48 ? A THR 48  ? 1_555 NA ? B NA . ? A NA 99 ? 1_555 O   A A THR 48 ? A THR 48  ? 1_555 5.8   ? 
7  OD2 ? A ASP 46 ? A ASP 46  ? 1_555 NA ? B NA . ? A NA 99 ? 1_555 O   ? A PRO 50 ? A PRO 50  ? 1_555 96.9  ? 
8  OD1 ? A ASP 46 ? A ASP 46  ? 1_555 NA ? B NA . ? A NA 99 ? 1_555 O   ? A PRO 50 ? A PRO 50  ? 1_555 132.0 ? 
9  O   B A THR 48 ? A THR 48  ? 1_555 NA ? B NA . ? A NA 99 ? 1_555 O   ? A PRO 50 ? A PRO 50  ? 1_555 90.4  ? 
10 O   A A THR 48 ? A THR 48  ? 1_555 NA ? B NA . ? A NA 99 ? 1_555 O   ? A PRO 50 ? A PRO 50  ? 1_555 85.6  ? 
11 OD2 ? A ASP 46 ? A ASP 46  ? 1_555 NA ? B NA . ? A NA 99 ? 1_555 O   ? D HOH .  ? A HOH 110 ? 1_555 88.7  ? 
12 OD1 ? A ASP 46 ? A ASP 46  ? 1_555 NA ? B NA . ? A NA 99 ? 1_555 O   ? D HOH .  ? A HOH 110 ? 1_555 57.8  ? 
13 O   B A THR 48 ? A THR 48  ? 1_555 NA ? B NA . ? A NA 99 ? 1_555 O   ? D HOH .  ? A HOH 110 ? 1_555 98.5  ? 
14 O   A A THR 48 ? A THR 48  ? 1_555 NA ? B NA . ? A NA 99 ? 1_555 O   ? D HOH .  ? A HOH 110 ? 1_555 103.7 ? 
15 O   ? A PRO 50 ? A PRO 50  ? 1_555 NA ? B NA . ? A NA 99 ? 1_555 O   ? D HOH .  ? A HOH 110 ? 1_555 169.3 ? 
16 OD2 ? A ASP 46 ? A ASP 46  ? 1_555 NA ? B NA . ? A NA 99 ? 1_555 O   ? D HOH .  ? A HOH 152 ? 1_555 87.9  ? 
17 OD1 ? A ASP 46 ? A ASP 46  ? 1_555 NA ? B NA . ? A NA 99 ? 1_555 O   ? D HOH .  ? A HOH 152 ? 1_555 116.8 ? 
18 O   B A THR 48 ? A THR 48  ? 1_555 NA ? B NA . ? A NA 99 ? 1_555 O   ? D HOH .  ? A HOH 152 ? 1_555 174.1 ? 
19 O   A A THR 48 ? A THR 48  ? 1_555 NA ? B NA . ? A NA 99 ? 1_555 O   ? D HOH .  ? A HOH 152 ? 1_555 168.6 ? 
20 O   ? A PRO 50 ? A PRO 50  ? 1_555 NA ? B NA . ? A NA 99 ? 1_555 O   ? D HOH .  ? A HOH 152 ? 1_555 83.6  ? 
21 O   ? D HOH .  ? A HOH 110 ? 1_555 NA ? B NA . ? A NA 99 ? 1_555 O   ? D HOH .  ? A HOH 152 ? 1_555 87.4  ? 
22 OD2 ? A ASP 46 ? A ASP 46  ? 1_555 NA ? B NA . ? A NA 99 ? 1_555 O   ? D HOH .  ? A HOH 190 ? 1_555 160.9 ? 
23 OD1 ? A ASP 46 ? A ASP 46  ? 1_555 NA ? B NA . ? A NA 99 ? 1_555 O   ? D HOH .  ? A HOH 190 ? 1_555 115.1 ? 
24 O   B A THR 48 ? A THR 48  ? 1_555 NA ? B NA . ? A NA 99 ? 1_555 O   ? D HOH .  ? A HOH 190 ? 1_555 78.4  ? 
25 O   A A THR 48 ? A THR 48  ? 1_555 NA ? B NA . ? A NA 99 ? 1_555 O   ? D HOH .  ? A HOH 190 ? 1_555 82.5  ? 
26 O   ? A PRO 50 ? A PRO 50  ? 1_555 NA ? B NA . ? A NA 99 ? 1_555 O   ? D HOH .  ? A HOH 190 ? 1_555 99.9  ? 
27 O   ? D HOH .  ? A HOH 110 ? 1_555 NA ? B NA . ? A NA 99 ? 1_555 O   ? D HOH .  ? A HOH 190 ? 1_555 76.3  ? 
28 O   ? D HOH .  ? A HOH 152 ? 1_555 NA ? B NA . ? A NA 99 ? 1_555 O   ? D HOH .  ? A HOH 190 ? 1_555 102.9 ? 
# 
loop_
_struct_mon_prot_cis.pdbx_id 
_struct_mon_prot_cis.label_comp_id 
_struct_mon_prot_cis.label_seq_id 
_struct_mon_prot_cis.label_asym_id 
_struct_mon_prot_cis.label_alt_id 
_struct_mon_prot_cis.pdbx_PDB_ins_code 
_struct_mon_prot_cis.auth_comp_id 
_struct_mon_prot_cis.auth_seq_id 
_struct_mon_prot_cis.auth_asym_id 
_struct_mon_prot_cis.pdbx_label_comp_id_2 
_struct_mon_prot_cis.pdbx_label_seq_id_2 
_struct_mon_prot_cis.pdbx_label_asym_id_2 
_struct_mon_prot_cis.pdbx_PDB_ins_code_2 
_struct_mon_prot_cis.pdbx_auth_comp_id_2 
_struct_mon_prot_cis.pdbx_auth_seq_id_2 
_struct_mon_prot_cis.pdbx_auth_asym_id_2 
_struct_mon_prot_cis.pdbx_PDB_model_num 
_struct_mon_prot_cis.pdbx_omega_angle 
1 SER 6  A . ? SER 6  A PRO 7  A ? PRO 7  A 1 -12.99 
2 ALA 49 A . ? ALA 49 A PRO 50 A ? PRO 50 A 1 -7.81  
# 
loop_
_struct_sheet.id 
_struct_sheet.type 
_struct_sheet.number_strands 
_struct_sheet.details 
A ? 3 ? 
B ? 5 ? 
C ? 4 ? 
# 
loop_
_struct_sheet_order.sheet_id 
_struct_sheet_order.range_id_1 
_struct_sheet_order.range_id_2 
_struct_sheet_order.offset 
_struct_sheet_order.sense 
A 1 2 ? anti-parallel 
A 2 3 ? anti-parallel 
B 1 2 ? parallel      
B 2 3 ? anti-parallel 
B 3 4 ? anti-parallel 
B 4 5 ? anti-parallel 
C 1 2 ? parallel      
C 2 3 ? anti-parallel 
C 3 4 ? anti-parallel 
# 
loop_
_struct_sheet_range.sheet_id 
_struct_sheet_range.id 
_struct_sheet_range.beg_label_comp_id 
_struct_sheet_range.beg_label_asym_id 
_struct_sheet_range.beg_label_seq_id 
_struct_sheet_range.pdbx_beg_PDB_ins_code 
_struct_sheet_range.end_label_comp_id 
_struct_sheet_range.end_label_asym_id 
_struct_sheet_range.end_label_seq_id 
_struct_sheet_range.pdbx_end_PDB_ins_code 
_struct_sheet_range.beg_auth_comp_id 
_struct_sheet_range.beg_auth_asym_id 
_struct_sheet_range.beg_auth_seq_id 
_struct_sheet_range.end_auth_comp_id 
_struct_sheet_range.end_auth_asym_id 
_struct_sheet_range.end_auth_seq_id 
A 1 VAL A 2  ? SER A 6  ? VAL A 2  SER A 6  
A 2 ILE A 19 ? VAL A 25 ? ILE A 19 VAL A 25 
A 3 TYR A 51 ? ILE A 55 ? TYR A 51 ILE A 55 
B 1 ARG A 12 ? GLU A 14 ? ARG A 12 GLU A 14 
B 2 THR A 82 ? LYS A 87 ? THR A 82 LYS A 87 
B 3 GLY A 61 ? LEU A 71 ? GLY A 61 LEU A 71 
B 4 VAL A 31 ? ASN A 38 ? VAL A 31 ASN A 38 
B 5 THR A 41 ? ASP A 46 ? THR A 41 ASP A 46 
C 1 ARG A 12 ? GLU A 14 ? ARG A 12 GLU A 14 
C 2 THR A 82 ? LYS A 87 ? THR A 82 LYS A 87 
C 3 GLY A 61 ? LEU A 71 ? GLY A 61 LEU A 71 
C 4 ARG A 76 ? GLU A 78 ? ARG A 76 GLU A 78 
# 
loop_
_pdbx_struct_sheet_hbond.sheet_id 
_pdbx_struct_sheet_hbond.range_id_1 
_pdbx_struct_sheet_hbond.range_id_2 
_pdbx_struct_sheet_hbond.range_1_label_atom_id 
_pdbx_struct_sheet_hbond.range_1_label_comp_id 
_pdbx_struct_sheet_hbond.range_1_label_asym_id 
_pdbx_struct_sheet_hbond.range_1_label_seq_id 
_pdbx_struct_sheet_hbond.range_1_PDB_ins_code 
_pdbx_struct_sheet_hbond.range_1_auth_atom_id 
_pdbx_struct_sheet_hbond.range_1_auth_comp_id 
_pdbx_struct_sheet_hbond.range_1_auth_asym_id 
_pdbx_struct_sheet_hbond.range_1_auth_seq_id 
_pdbx_struct_sheet_hbond.range_2_label_atom_id 
_pdbx_struct_sheet_hbond.range_2_label_comp_id 
_pdbx_struct_sheet_hbond.range_2_label_asym_id 
_pdbx_struct_sheet_hbond.range_2_label_seq_id 
_pdbx_struct_sheet_hbond.range_2_PDB_ins_code 
_pdbx_struct_sheet_hbond.range_2_auth_atom_id 
_pdbx_struct_sheet_hbond.range_2_auth_comp_id 
_pdbx_struct_sheet_hbond.range_2_auth_asym_id 
_pdbx_struct_sheet_hbond.range_2_auth_seq_id 
A 1 2 N SER A 6  ? N SER A 6  O SER A 22 ? O SER A 22 
A 2 3 N ILE A 21 ? N ILE A 21 O ALA A 53 ? O ALA A 53 
B 1 2 N PHE A 13 ? N PHE A 13 O LYS A 87 ? O LYS A 87 
B 2 3 O THR A 82 ? O THR A 82 N LEU A 65 ? N LEU A 65 
B 3 4 O LYS A 66 ? O LYS A 66 N TYR A 37 ? N TYR A 37 
B 4 5 N PHE A 36 ? N PHE A 36 O ILE A 43 ? O ILE A 43 
C 1 2 N PHE A 13 ? N PHE A 13 O LYS A 87 ? O LYS A 87 
C 2 3 O THR A 82 ? O THR A 82 N LEU A 65 ? N LEU A 65 
C 3 4 N ALA A 69 ? N ALA A 69 O ILE A 77 ? O ILE A 77 
# 
loop_
_struct_site.id 
_struct_site.pdbx_evidence_code 
_struct_site.pdbx_auth_asym_id 
_struct_site.pdbx_auth_comp_id 
_struct_site.pdbx_auth_seq_id 
_struct_site.pdbx_auth_ins_code 
_struct_site.pdbx_num_residues 
_struct_site.details 
AC1 Software A NA 99  ? 6 'BINDING SITE FOR RESIDUE NA A 99'  
AC2 Software A NA 100 ? 4 'BINDING SITE FOR RESIDUE NA A 100' 
# 
loop_
_struct_site_gen.id 
_struct_site_gen.site_id 
_struct_site_gen.pdbx_num_res 
_struct_site_gen.label_comp_id 
_struct_site_gen.label_asym_id 
_struct_site_gen.label_seq_id 
_struct_site_gen.pdbx_auth_ins_code 
_struct_site_gen.auth_comp_id 
_struct_site_gen.auth_asym_id 
_struct_site_gen.auth_seq_id 
_struct_site_gen.label_atom_id 
_struct_site_gen.label_alt_id 
_struct_site_gen.symmetry 
_struct_site_gen.details 
1  AC1 6 ASP A 46 ? ASP A 46  . ? 1_555 ? 
2  AC1 6 THR A 48 ? THR A 48  . ? 1_555 ? 
3  AC1 6 PRO A 50 ? PRO A 50  . ? 1_555 ? 
4  AC1 6 HOH D .  ? HOH A 110 . ? 1_555 ? 
5  AC1 6 HOH D .  ? HOH A 152 . ? 1_555 ? 
6  AC1 6 HOH D .  ? HOH A 190 . ? 1_555 ? 
7  AC2 4 ARG A 75 ? ARG A 75  . ? 1_555 ? 
8  AC2 4 ARG A 75 ? ARG A 75  . ? 2_445 ? 
9  AC2 4 ARG A 75 ? ARG A 75  . ? 7_555 ? 
10 AC2 4 ARG A 75 ? ARG A 75  . ? 8_445 ? 
# 
_pdbx_validate_torsion.id              1 
_pdbx_validate_torsion.PDB_model_num   1 
_pdbx_validate_torsion.auth_comp_id    SER 
_pdbx_validate_torsion.auth_asym_id    A 
_pdbx_validate_torsion.auth_seq_id     44 
_pdbx_validate_torsion.PDB_ins_code    ? 
_pdbx_validate_torsion.label_alt_id    ? 
_pdbx_validate_torsion.phi             -174.54 
_pdbx_validate_torsion.psi             -178.25 
# 
_pdbx_struct_special_symmetry.id              1 
_pdbx_struct_special_symmetry.PDB_model_num   1 
_pdbx_struct_special_symmetry.auth_asym_id    A 
_pdbx_struct_special_symmetry.auth_comp_id    NA 
_pdbx_struct_special_symmetry.auth_seq_id     100 
_pdbx_struct_special_symmetry.PDB_ins_code    ? 
_pdbx_struct_special_symmetry.label_asym_id   C 
_pdbx_struct_special_symmetry.label_comp_id   NA 
_pdbx_struct_special_symmetry.label_seq_id    . 
# 
loop_
_pdbx_refine_tls.pdbx_refine_id 
_pdbx_refine_tls.id 
_pdbx_refine_tls.details 
_pdbx_refine_tls.method 
_pdbx_refine_tls.origin_x 
_pdbx_refine_tls.origin_y 
_pdbx_refine_tls.origin_z 
_pdbx_refine_tls.T[1][1] 
_pdbx_refine_tls.T[2][2] 
_pdbx_refine_tls.T[3][3] 
_pdbx_refine_tls.T[1][2] 
_pdbx_refine_tls.T[1][3] 
_pdbx_refine_tls.T[2][3] 
_pdbx_refine_tls.L[1][1] 
_pdbx_refine_tls.L[2][2] 
_pdbx_refine_tls.L[3][3] 
_pdbx_refine_tls.L[1][2] 
_pdbx_refine_tls.L[1][3] 
_pdbx_refine_tls.L[2][3] 
_pdbx_refine_tls.S[1][1] 
_pdbx_refine_tls.S[1][2] 
_pdbx_refine_tls.S[1][3] 
_pdbx_refine_tls.S[2][1] 
_pdbx_refine_tls.S[2][2] 
_pdbx_refine_tls.S[2][3] 
_pdbx_refine_tls.S[3][1] 
_pdbx_refine_tls.S[3][2] 
_pdbx_refine_tls.S[3][3] 
'X-RAY DIFFRACTION' 1 ? refined -0.7921  7.2537  0.1794   0.1110 0.0930 0.1161 0.0053  -0.0135 -0.0020 4.7519 2.2952 4.5844 1.1511  -2.5050 -0.7333 0.1314  0.1260  0.1089  -0.1207 -0.0280 -0.0514 -0.2267 0.0152  -0.1034 
'X-RAY DIFFRACTION' 2 ? refined 10.1784  2.3117  -9.1033  0.1645 0.1798 0.1780 -0.0132 -0.0072 -0.0061 0.4676 3.3950 4.3107 0.2933  -1.3594 -0.8821 0.0061  0.0020  0.0252  -0.0623 -0.0268 -0.2200 0.0107  0.2191  0.0207  
'X-RAY DIFFRACTION' 3 ? refined -3.8262  -1.3842 5.8961   0.0823 0.0934 0.1162 0.0125  -0.0220 0.0139  1.8126 0.9237 4.5607 0.0840  -1.6879 0.2120  0.0509  0.0291  0.0091  -0.0708 -0.0673 -0.0011 -0.0017 -0.0744 0.0163  
'X-RAY DIFFRACTION' 4 ? refined 2.1731   -2.9753 8.6489   0.1974 0.1231 0.1339 0.0049  -0.0250 0.0035  1.6350 1.7665 0.8349 -0.1781 -0.8496 -0.5035 -0.0245 -0.1167 -0.0861 0.1652  0.0093  -0.0453 0.1427  0.0732  0.0152  
'X-RAY DIFFRACTION' 5 ? refined 3.9568   -2.8571 -7.1549  0.1376 0.1524 0.1927 -0.0070 -0.0146 -0.0493 0.5760 1.0542 4.0808 -0.4308 -0.9766 0.0875  0.0387  0.0510  -0.0854 -0.0607 -0.0637 -0.1884 0.0945  0.3855  0.0250  
'X-RAY DIFFRACTION' 6 ? refined -11.2702 -2.8430 9.9339   0.0576 0.0419 0.0482 0.0251  0.0278  0.0207  0.5214 1.0181 0.3273 -0.3442 0.2942  -0.0781 -0.0009 -0.0042 -0.0842 0.0124  0.0130  -0.0486 0.0862  0.0609  -0.0121 
'X-RAY DIFFRACTION' 7 ? refined -6.1288  2.0379  -2.4200  0.0965 0.0817 0.1013 0.0051  -0.0133 -0.0061 4.2340 0.9803 5.7119 1.1816  -3.6545 -1.4853 -0.0595 0.0923  -0.1105 -0.1023 0.0212  -0.0691 0.1300  -0.0162 0.0384  
'X-RAY DIFFRACTION' 8 ? refined 12.4584  4.3892  -17.0623 0.2154 0.1725 0.2235 -0.0089 -0.0495 0.0113  1.0183 0.1104 0.9564 0.2928  -0.8392 -0.2212 0.0569  0.0820  0.3108  -0.0439 0.0345  0.0741  -0.2295 -0.0434 -0.0914 
# 
loop_
_pdbx_refine_tls_group.pdbx_refine_id 
_pdbx_refine_tls_group.id 
_pdbx_refine_tls_group.refine_tls_id 
_pdbx_refine_tls_group.beg_auth_asym_id 
_pdbx_refine_tls_group.beg_auth_seq_id 
_pdbx_refine_tls_group.beg_label_asym_id 
_pdbx_refine_tls_group.beg_label_seq_id 
_pdbx_refine_tls_group.end_auth_asym_id 
_pdbx_refine_tls_group.end_auth_seq_id 
_pdbx_refine_tls_group.end_label_asym_id 
_pdbx_refine_tls_group.end_label_seq_id 
_pdbx_refine_tls_group.selection 
_pdbx_refine_tls_group.selection_details 
'X-RAY DIFFRACTION' 1 1 A 1  ? ? A 10 ? ? ? ? 
'X-RAY DIFFRACTION' 2 2 A 11 ? ? A 19 ? ? ? ? 
'X-RAY DIFFRACTION' 3 3 A 20 ? ? A 42 ? ? ? ? 
'X-RAY DIFFRACTION' 4 4 A 43 ? ? A 52 ? ? ? ? 
'X-RAY DIFFRACTION' 5 5 A 53 ? ? A 66 ? ? ? ? 
'X-RAY DIFFRACTION' 6 6 A 67 ? ? A 75 ? ? ? ? 
'X-RAY DIFFRACTION' 7 7 A 76 ? ? A 85 ? ? ? ? 
'X-RAY DIFFRACTION' 8 8 A 86 ? ? A 91 ? ? ? ? 
# 
loop_
_pdbx_unobs_or_zero_occ_residues.id 
_pdbx_unobs_or_zero_occ_residues.PDB_model_num 
_pdbx_unobs_or_zero_occ_residues.polymer_flag 
_pdbx_unobs_or_zero_occ_residues.occupancy_flag 
_pdbx_unobs_or_zero_occ_residues.auth_asym_id 
_pdbx_unobs_or_zero_occ_residues.auth_comp_id 
_pdbx_unobs_or_zero_occ_residues.auth_seq_id 
_pdbx_unobs_or_zero_occ_residues.PDB_ins_code 
_pdbx_unobs_or_zero_occ_residues.label_asym_id 
_pdbx_unobs_or_zero_occ_residues.label_comp_id 
_pdbx_unobs_or_zero_occ_residues.label_seq_id 
1 1 Y 1 A GLU 92 ? A GLU 92 
2 1 Y 1 A HIS 93 ? A HIS 93 
3 1 Y 1 A HIS 94 ? A HIS 94 
4 1 Y 1 A HIS 95 ? A HIS 95 
5 1 Y 1 A HIS 96 ? A HIS 96 
6 1 Y 1 A HIS 97 ? A HIS 97 
7 1 Y 1 A HIS 98 ? A HIS 98 
# 
loop_
_chem_comp_atom.comp_id 
_chem_comp_atom.atom_id 
_chem_comp_atom.type_symbol 
_chem_comp_atom.pdbx_aromatic_flag 
_chem_comp_atom.pdbx_stereo_config 
_chem_comp_atom.pdbx_ordinal 
ALA N    N  N N 1   
ALA CA   C  N S 2   
ALA C    C  N N 3   
ALA O    O  N N 4   
ALA CB   C  N N 5   
ALA OXT  O  N N 6   
ALA H    H  N N 7   
ALA H2   H  N N 8   
ALA HA   H  N N 9   
ALA HB1  H  N N 10  
ALA HB2  H  N N 11  
ALA HB3  H  N N 12  
ALA HXT  H  N N 13  
ARG N    N  N N 14  
ARG CA   C  N S 15  
ARG C    C  N N 16  
ARG O    O  N N 17  
ARG CB   C  N N 18  
ARG CG   C  N N 19  
ARG CD   C  N N 20  
ARG NE   N  N N 21  
ARG CZ   C  N N 22  
ARG NH1  N  N N 23  
ARG NH2  N  N N 24  
ARG OXT  O  N N 25  
ARG H    H  N N 26  
ARG H2   H  N N 27  
ARG HA   H  N N 28  
ARG HB2  H  N N 29  
ARG HB3  H  N N 30  
ARG HG2  H  N N 31  
ARG HG3  H  N N 32  
ARG HD2  H  N N 33  
ARG HD3  H  N N 34  
ARG HE   H  N N 35  
ARG HH11 H  N N 36  
ARG HH12 H  N N 37  
ARG HH21 H  N N 38  
ARG HH22 H  N N 39  
ARG HXT  H  N N 40  
ASN N    N  N N 41  
ASN CA   C  N S 42  
ASN C    C  N N 43  
ASN O    O  N N 44  
ASN CB   C  N N 45  
ASN CG   C  N N 46  
ASN OD1  O  N N 47  
ASN ND2  N  N N 48  
ASN OXT  O  N N 49  
ASN H    H  N N 50  
ASN H2   H  N N 51  
ASN HA   H  N N 52  
ASN HB2  H  N N 53  
ASN HB3  H  N N 54  
ASN HD21 H  N N 55  
ASN HD22 H  N N 56  
ASN HXT  H  N N 57  
ASP N    N  N N 58  
ASP CA   C  N S 59  
ASP C    C  N N 60  
ASP O    O  N N 61  
ASP CB   C  N N 62  
ASP CG   C  N N 63  
ASP OD1  O  N N 64  
ASP OD2  O  N N 65  
ASP OXT  O  N N 66  
ASP H    H  N N 67  
ASP H2   H  N N 68  
ASP HA   H  N N 69  
ASP HB2  H  N N 70  
ASP HB3  H  N N 71  
ASP HD2  H  N N 72  
ASP HXT  H  N N 73  
GLU N    N  N N 74  
GLU CA   C  N S 75  
GLU C    C  N N 76  
GLU O    O  N N 77  
GLU CB   C  N N 78  
GLU CG   C  N N 79  
GLU CD   C  N N 80  
GLU OE1  O  N N 81  
GLU OE2  O  N N 82  
GLU OXT  O  N N 83  
GLU H    H  N N 84  
GLU H2   H  N N 85  
GLU HA   H  N N 86  
GLU HB2  H  N N 87  
GLU HB3  H  N N 88  
GLU HG2  H  N N 89  
GLU HG3  H  N N 90  
GLU HE2  H  N N 91  
GLU HXT  H  N N 92  
GLY N    N  N N 93  
GLY CA   C  N N 94  
GLY C    C  N N 95  
GLY O    O  N N 96  
GLY OXT  O  N N 97  
GLY H    H  N N 98  
GLY H2   H  N N 99  
GLY HA2  H  N N 100 
GLY HA3  H  N N 101 
GLY HXT  H  N N 102 
HIS N    N  N N 103 
HIS CA   C  N S 104 
HIS C    C  N N 105 
HIS O    O  N N 106 
HIS CB   C  N N 107 
HIS CG   C  Y N 108 
HIS ND1  N  Y N 109 
HIS CD2  C  Y N 110 
HIS CE1  C  Y N 111 
HIS NE2  N  Y N 112 
HIS OXT  O  N N 113 
HIS H    H  N N 114 
HIS H2   H  N N 115 
HIS HA   H  N N 116 
HIS HB2  H  N N 117 
HIS HB3  H  N N 118 
HIS HD1  H  N N 119 
HIS HD2  H  N N 120 
HIS HE1  H  N N 121 
HIS HE2  H  N N 122 
HIS HXT  H  N N 123 
HOH O    O  N N 124 
HOH H1   H  N N 125 
HOH H2   H  N N 126 
ILE N    N  N N 127 
ILE CA   C  N S 128 
ILE C    C  N N 129 
ILE O    O  N N 130 
ILE CB   C  N S 131 
ILE CG1  C  N N 132 
ILE CG2  C  N N 133 
ILE CD1  C  N N 134 
ILE OXT  O  N N 135 
ILE H    H  N N 136 
ILE H2   H  N N 137 
ILE HA   H  N N 138 
ILE HB   H  N N 139 
ILE HG12 H  N N 140 
ILE HG13 H  N N 141 
ILE HG21 H  N N 142 
ILE HG22 H  N N 143 
ILE HG23 H  N N 144 
ILE HD11 H  N N 145 
ILE HD12 H  N N 146 
ILE HD13 H  N N 147 
ILE HXT  H  N N 148 
LEU N    N  N N 149 
LEU CA   C  N S 150 
LEU C    C  N N 151 
LEU O    O  N N 152 
LEU CB   C  N N 153 
LEU CG   C  N N 154 
LEU CD1  C  N N 155 
LEU CD2  C  N N 156 
LEU OXT  O  N N 157 
LEU H    H  N N 158 
LEU H2   H  N N 159 
LEU HA   H  N N 160 
LEU HB2  H  N N 161 
LEU HB3  H  N N 162 
LEU HG   H  N N 163 
LEU HD11 H  N N 164 
LEU HD12 H  N N 165 
LEU HD13 H  N N 166 
LEU HD21 H  N N 167 
LEU HD22 H  N N 168 
LEU HD23 H  N N 169 
LEU HXT  H  N N 170 
LYS N    N  N N 171 
LYS CA   C  N S 172 
LYS C    C  N N 173 
LYS O    O  N N 174 
LYS CB   C  N N 175 
LYS CG   C  N N 176 
LYS CD   C  N N 177 
LYS CE   C  N N 178 
LYS NZ   N  N N 179 
LYS OXT  O  N N 180 
LYS H    H  N N 181 
LYS H2   H  N N 182 
LYS HA   H  N N 183 
LYS HB2  H  N N 184 
LYS HB3  H  N N 185 
LYS HG2  H  N N 186 
LYS HG3  H  N N 187 
LYS HD2  H  N N 188 
LYS HD3  H  N N 189 
LYS HE2  H  N N 190 
LYS HE3  H  N N 191 
LYS HZ1  H  N N 192 
LYS HZ2  H  N N 193 
LYS HZ3  H  N N 194 
LYS HXT  H  N N 195 
MET N    N  N N 196 
MET CA   C  N S 197 
MET C    C  N N 198 
MET O    O  N N 199 
MET CB   C  N N 200 
MET CG   C  N N 201 
MET SD   S  N N 202 
MET CE   C  N N 203 
MET OXT  O  N N 204 
MET H    H  N N 205 
MET H2   H  N N 206 
MET HA   H  N N 207 
MET HB2  H  N N 208 
MET HB3  H  N N 209 
MET HG2  H  N N 210 
MET HG3  H  N N 211 
MET HE1  H  N N 212 
MET HE2  H  N N 213 
MET HE3  H  N N 214 
MET HXT  H  N N 215 
NA  NA   NA N N 216 
PHE N    N  N N 217 
PHE CA   C  N S 218 
PHE C    C  N N 219 
PHE O    O  N N 220 
PHE CB   C  N N 221 
PHE CG   C  Y N 222 
PHE CD1  C  Y N 223 
PHE CD2  C  Y N 224 
PHE CE1  C  Y N 225 
PHE CE2  C  Y N 226 
PHE CZ   C  Y N 227 
PHE OXT  O  N N 228 
PHE H    H  N N 229 
PHE H2   H  N N 230 
PHE HA   H  N N 231 
PHE HB2  H  N N 232 
PHE HB3  H  N N 233 
PHE HD1  H  N N 234 
PHE HD2  H  N N 235 
PHE HE1  H  N N 236 
PHE HE2  H  N N 237 
PHE HZ   H  N N 238 
PHE HXT  H  N N 239 
PRO N    N  N N 240 
PRO CA   C  N S 241 
PRO C    C  N N 242 
PRO O    O  N N 243 
PRO CB   C  N N 244 
PRO CG   C  N N 245 
PRO CD   C  N N 246 
PRO OXT  O  N N 247 
PRO H    H  N N 248 
PRO HA   H  N N 249 
PRO HB2  H  N N 250 
PRO HB3  H  N N 251 
PRO HG2  H  N N 252 
PRO HG3  H  N N 253 
PRO HD2  H  N N 254 
PRO HD3  H  N N 255 
PRO HXT  H  N N 256 
SER N    N  N N 257 
SER CA   C  N S 258 
SER C    C  N N 259 
SER O    O  N N 260 
SER CB   C  N N 261 
SER OG   O  N N 262 
SER OXT  O  N N 263 
SER H    H  N N 264 
SER H2   H  N N 265 
SER HA   H  N N 266 
SER HB2  H  N N 267 
SER HB3  H  N N 268 
SER HG   H  N N 269 
SER HXT  H  N N 270 
THR N    N  N N 271 
THR CA   C  N S 272 
THR C    C  N N 273 
THR O    O  N N 274 
THR CB   C  N R 275 
THR OG1  O  N N 276 
THR CG2  C  N N 277 
THR OXT  O  N N 278 
THR H    H  N N 279 
THR H2   H  N N 280 
THR HA   H  N N 281 
THR HB   H  N N 282 
THR HG1  H  N N 283 
THR HG21 H  N N 284 
THR HG22 H  N N 285 
THR HG23 H  N N 286 
THR HXT  H  N N 287 
TYR N    N  N N 288 
TYR CA   C  N S 289 
TYR C    C  N N 290 
TYR O    O  N N 291 
TYR CB   C  N N 292 
TYR CG   C  Y N 293 
TYR CD1  C  Y N 294 
TYR CD2  C  Y N 295 
TYR CE1  C  Y N 296 
TYR CE2  C  Y N 297 
TYR CZ   C  Y N 298 
TYR OH   O  N N 299 
TYR OXT  O  N N 300 
TYR H    H  N N 301 
TYR H2   H  N N 302 
TYR HA   H  N N 303 
TYR HB2  H  N N 304 
TYR HB3  H  N N 305 
TYR HD1  H  N N 306 
TYR HD2  H  N N 307 
TYR HE1  H  N N 308 
TYR HE2  H  N N 309 
TYR HH   H  N N 310 
TYR HXT  H  N N 311 
VAL N    N  N N 312 
VAL CA   C  N S 313 
VAL C    C  N N 314 
VAL O    O  N N 315 
VAL CB   C  N N 316 
VAL CG1  C  N N 317 
VAL CG2  C  N N 318 
VAL OXT  O  N N 319 
VAL H    H  N N 320 
VAL H2   H  N N 321 
VAL HA   H  N N 322 
VAL HB   H  N N 323 
VAL HG11 H  N N 324 
VAL HG12 H  N N 325 
VAL HG13 H  N N 326 
VAL HG21 H  N N 327 
VAL HG22 H  N N 328 
VAL HG23 H  N N 329 
VAL HXT  H  N N 330 
# 
loop_
_chem_comp_bond.comp_id 
_chem_comp_bond.atom_id_1 
_chem_comp_bond.atom_id_2 
_chem_comp_bond.value_order 
_chem_comp_bond.pdbx_aromatic_flag 
_chem_comp_bond.pdbx_stereo_config 
_chem_comp_bond.pdbx_ordinal 
ALA N   CA   sing N N 1   
ALA N   H    sing N N 2   
ALA N   H2   sing N N 3   
ALA CA  C    sing N N 4   
ALA CA  CB   sing N N 5   
ALA CA  HA   sing N N 6   
ALA C   O    doub N N 7   
ALA C   OXT  sing N N 8   
ALA CB  HB1  sing N N 9   
ALA CB  HB2  sing N N 10  
ALA CB  HB3  sing N N 11  
ALA OXT HXT  sing N N 12  
ARG N   CA   sing N N 13  
ARG N   H    sing N N 14  
ARG N   H2   sing N N 15  
ARG CA  C    sing N N 16  
ARG CA  CB   sing N N 17  
ARG CA  HA   sing N N 18  
ARG C   O    doub N N 19  
ARG C   OXT  sing N N 20  
ARG CB  CG   sing N N 21  
ARG CB  HB2  sing N N 22  
ARG CB  HB3  sing N N 23  
ARG CG  CD   sing N N 24  
ARG CG  HG2  sing N N 25  
ARG CG  HG3  sing N N 26  
ARG CD  NE   sing N N 27  
ARG CD  HD2  sing N N 28  
ARG CD  HD3  sing N N 29  
ARG NE  CZ   sing N N 30  
ARG NE  HE   sing N N 31  
ARG CZ  NH1  sing N N 32  
ARG CZ  NH2  doub N N 33  
ARG NH1 HH11 sing N N 34  
ARG NH1 HH12 sing N N 35  
ARG NH2 HH21 sing N N 36  
ARG NH2 HH22 sing N N 37  
ARG OXT HXT  sing N N 38  
ASN N   CA   sing N N 39  
ASN N   H    sing N N 40  
ASN N   H2   sing N N 41  
ASN CA  C    sing N N 42  
ASN CA  CB   sing N N 43  
ASN CA  HA   sing N N 44  
ASN C   O    doub N N 45  
ASN C   OXT  sing N N 46  
ASN CB  CG   sing N N 47  
ASN CB  HB2  sing N N 48  
ASN CB  HB3  sing N N 49  
ASN CG  OD1  doub N N 50  
ASN CG  ND2  sing N N 51  
ASN ND2 HD21 sing N N 52  
ASN ND2 HD22 sing N N 53  
ASN OXT HXT  sing N N 54  
ASP N   CA   sing N N 55  
ASP N   H    sing N N 56  
ASP N   H2   sing N N 57  
ASP CA  C    sing N N 58  
ASP CA  CB   sing N N 59  
ASP CA  HA   sing N N 60  
ASP C   O    doub N N 61  
ASP C   OXT  sing N N 62  
ASP CB  CG   sing N N 63  
ASP CB  HB2  sing N N 64  
ASP CB  HB3  sing N N 65  
ASP CG  OD1  doub N N 66  
ASP CG  OD2  sing N N 67  
ASP OD2 HD2  sing N N 68  
ASP OXT HXT  sing N N 69  
GLU N   CA   sing N N 70  
GLU N   H    sing N N 71  
GLU N   H2   sing N N 72  
GLU CA  C    sing N N 73  
GLU CA  CB   sing N N 74  
GLU CA  HA   sing N N 75  
GLU C   O    doub N N 76  
GLU C   OXT  sing N N 77  
GLU CB  CG   sing N N 78  
GLU CB  HB2  sing N N 79  
GLU CB  HB3  sing N N 80  
GLU CG  CD   sing N N 81  
GLU CG  HG2  sing N N 82  
GLU CG  HG3  sing N N 83  
GLU CD  OE1  doub N N 84  
GLU CD  OE2  sing N N 85  
GLU OE2 HE2  sing N N 86  
GLU OXT HXT  sing N N 87  
GLY N   CA   sing N N 88  
GLY N   H    sing N N 89  
GLY N   H2   sing N N 90  
GLY CA  C    sing N N 91  
GLY CA  HA2  sing N N 92  
GLY CA  HA3  sing N N 93  
GLY C   O    doub N N 94  
GLY C   OXT  sing N N 95  
GLY OXT HXT  sing N N 96  
HIS N   CA   sing N N 97  
HIS N   H    sing N N 98  
HIS N   H2   sing N N 99  
HIS CA  C    sing N N 100 
HIS CA  CB   sing N N 101 
HIS CA  HA   sing N N 102 
HIS C   O    doub N N 103 
HIS C   OXT  sing N N 104 
HIS CB  CG   sing N N 105 
HIS CB  HB2  sing N N 106 
HIS CB  HB3  sing N N 107 
HIS CG  ND1  sing Y N 108 
HIS CG  CD2  doub Y N 109 
HIS ND1 CE1  doub Y N 110 
HIS ND1 HD1  sing N N 111 
HIS CD2 NE2  sing Y N 112 
HIS CD2 HD2  sing N N 113 
HIS CE1 NE2  sing Y N 114 
HIS CE1 HE1  sing N N 115 
HIS NE2 HE2  sing N N 116 
HIS OXT HXT  sing N N 117 
HOH O   H1   sing N N 118 
HOH O   H2   sing N N 119 
ILE N   CA   sing N N 120 
ILE N   H    sing N N 121 
ILE N   H2   sing N N 122 
ILE CA  C    sing N N 123 
ILE CA  CB   sing N N 124 
ILE CA  HA   sing N N 125 
ILE C   O    doub N N 126 
ILE C   OXT  sing N N 127 
ILE CB  CG1  sing N N 128 
ILE CB  CG2  sing N N 129 
ILE CB  HB   sing N N 130 
ILE CG1 CD1  sing N N 131 
ILE CG1 HG12 sing N N 132 
ILE CG1 HG13 sing N N 133 
ILE CG2 HG21 sing N N 134 
ILE CG2 HG22 sing N N 135 
ILE CG2 HG23 sing N N 136 
ILE CD1 HD11 sing N N 137 
ILE CD1 HD12 sing N N 138 
ILE CD1 HD13 sing N N 139 
ILE OXT HXT  sing N N 140 
LEU N   CA   sing N N 141 
LEU N   H    sing N N 142 
LEU N   H2   sing N N 143 
LEU CA  C    sing N N 144 
LEU CA  CB   sing N N 145 
LEU CA  HA   sing N N 146 
LEU C   O    doub N N 147 
LEU C   OXT  sing N N 148 
LEU CB  CG   sing N N 149 
LEU CB  HB2  sing N N 150 
LEU CB  HB3  sing N N 151 
LEU CG  CD1  sing N N 152 
LEU CG  CD2  sing N N 153 
LEU CG  HG   sing N N 154 
LEU CD1 HD11 sing N N 155 
LEU CD1 HD12 sing N N 156 
LEU CD1 HD13 sing N N 157 
LEU CD2 HD21 sing N N 158 
LEU CD2 HD22 sing N N 159 
LEU CD2 HD23 sing N N 160 
LEU OXT HXT  sing N N 161 
LYS N   CA   sing N N 162 
LYS N   H    sing N N 163 
LYS N   H2   sing N N 164 
LYS CA  C    sing N N 165 
LYS CA  CB   sing N N 166 
LYS CA  HA   sing N N 167 
LYS C   O    doub N N 168 
LYS C   OXT  sing N N 169 
LYS CB  CG   sing N N 170 
LYS CB  HB2  sing N N 171 
LYS CB  HB3  sing N N 172 
LYS CG  CD   sing N N 173 
LYS CG  HG2  sing N N 174 
LYS CG  HG3  sing N N 175 
LYS CD  CE   sing N N 176 
LYS CD  HD2  sing N N 177 
LYS CD  HD3  sing N N 178 
LYS CE  NZ   sing N N 179 
LYS CE  HE2  sing N N 180 
LYS CE  HE3  sing N N 181 
LYS NZ  HZ1  sing N N 182 
LYS NZ  HZ2  sing N N 183 
LYS NZ  HZ3  sing N N 184 
LYS OXT HXT  sing N N 185 
MET N   CA   sing N N 186 
MET N   H    sing N N 187 
MET N   H2   sing N N 188 
MET CA  C    sing N N 189 
MET CA  CB   sing N N 190 
MET CA  HA   sing N N 191 
MET C   O    doub N N 192 
MET C   OXT  sing N N 193 
MET CB  CG   sing N N 194 
MET CB  HB2  sing N N 195 
MET CB  HB3  sing N N 196 
MET CG  SD   sing N N 197 
MET CG  HG2  sing N N 198 
MET CG  HG3  sing N N 199 
MET SD  CE   sing N N 200 
MET CE  HE1  sing N N 201 
MET CE  HE2  sing N N 202 
MET CE  HE3  sing N N 203 
MET OXT HXT  sing N N 204 
PHE N   CA   sing N N 205 
PHE N   H    sing N N 206 
PHE N   H2   sing N N 207 
PHE CA  C    sing N N 208 
PHE CA  CB   sing N N 209 
PHE CA  HA   sing N N 210 
PHE C   O    doub N N 211 
PHE C   OXT  sing N N 212 
PHE CB  CG   sing N N 213 
PHE CB  HB2  sing N N 214 
PHE CB  HB3  sing N N 215 
PHE CG  CD1  doub Y N 216 
PHE CG  CD2  sing Y N 217 
PHE CD1 CE1  sing Y N 218 
PHE CD1 HD1  sing N N 219 
PHE CD2 CE2  doub Y N 220 
PHE CD2 HD2  sing N N 221 
PHE CE1 CZ   doub Y N 222 
PHE CE1 HE1  sing N N 223 
PHE CE2 CZ   sing Y N 224 
PHE CE2 HE2  sing N N 225 
PHE CZ  HZ   sing N N 226 
PHE OXT HXT  sing N N 227 
PRO N   CA   sing N N 228 
PRO N   CD   sing N N 229 
PRO N   H    sing N N 230 
PRO CA  C    sing N N 231 
PRO CA  CB   sing N N 232 
PRO CA  HA   sing N N 233 
PRO C   O    doub N N 234 
PRO C   OXT  sing N N 235 
PRO CB  CG   sing N N 236 
PRO CB  HB2  sing N N 237 
PRO CB  HB3  sing N N 238 
PRO CG  CD   sing N N 239 
PRO CG  HG2  sing N N 240 
PRO CG  HG3  sing N N 241 
PRO CD  HD2  sing N N 242 
PRO CD  HD3  sing N N 243 
PRO OXT HXT  sing N N 244 
SER N   CA   sing N N 245 
SER N   H    sing N N 246 
SER N   H2   sing N N 247 
SER CA  C    sing N N 248 
SER CA  CB   sing N N 249 
SER CA  HA   sing N N 250 
SER C   O    doub N N 251 
SER C   OXT  sing N N 252 
SER CB  OG   sing N N 253 
SER CB  HB2  sing N N 254 
SER CB  HB3  sing N N 255 
SER OG  HG   sing N N 256 
SER OXT HXT  sing N N 257 
THR N   CA   sing N N 258 
THR N   H    sing N N 259 
THR N   H2   sing N N 260 
THR CA  C    sing N N 261 
THR CA  CB   sing N N 262 
THR CA  HA   sing N N 263 
THR C   O    doub N N 264 
THR C   OXT  sing N N 265 
THR CB  OG1  sing N N 266 
THR CB  CG2  sing N N 267 
THR CB  HB   sing N N 268 
THR OG1 HG1  sing N N 269 
THR CG2 HG21 sing N N 270 
THR CG2 HG22 sing N N 271 
THR CG2 HG23 sing N N 272 
THR OXT HXT  sing N N 273 
TYR N   CA   sing N N 274 
TYR N   H    sing N N 275 
TYR N   H2   sing N N 276 
TYR CA  C    sing N N 277 
TYR CA  CB   sing N N 278 
TYR CA  HA   sing N N 279 
TYR C   O    doub N N 280 
TYR C   OXT  sing N N 281 
TYR CB  CG   sing N N 282 
TYR CB  HB2  sing N N 283 
TYR CB  HB3  sing N N 284 
TYR CG  CD1  doub Y N 285 
TYR CG  CD2  sing Y N 286 
TYR CD1 CE1  sing Y N 287 
TYR CD1 HD1  sing N N 288 
TYR CD2 CE2  doub Y N 289 
TYR CD2 HD2  sing N N 290 
TYR CE1 CZ   doub Y N 291 
TYR CE1 HE1  sing N N 292 
TYR CE2 CZ   sing Y N 293 
TYR CE2 HE2  sing N N 294 
TYR CZ  OH   sing N N 295 
TYR OH  HH   sing N N 296 
TYR OXT HXT  sing N N 297 
VAL N   CA   sing N N 298 
VAL N   H    sing N N 299 
VAL N   H2   sing N N 300 
VAL CA  C    sing N N 301 
VAL CA  CB   sing N N 302 
VAL CA  HA   sing N N 303 
VAL C   O    doub N N 304 
VAL C   OXT  sing N N 305 
VAL CB  CG1  sing N N 306 
VAL CB  CG2  sing N N 307 
VAL CB  HB   sing N N 308 
VAL CG1 HG11 sing N N 309 
VAL CG1 HG12 sing N N 310 
VAL CG1 HG13 sing N N 311 
VAL CG2 HG21 sing N N 312 
VAL CG2 HG22 sing N N 313 
VAL CG2 HG23 sing N N 314 
VAL OXT HXT  sing N N 315 
# 
_atom_sites.entry_id                    3PDG 
_atom_sites.fract_transf_matrix[1][1]   -0.00576102 
_atom_sites.fract_transf_matrix[1][2]   -0.01425862 
_atom_sites.fract_transf_matrix[1][3]   -0.01794363 
_atom_sites.fract_transf_matrix[2][1]   0.01850964 
_atom_sites.fract_transf_matrix[2][2]   -0.01380540 
_atom_sites.fract_transf_matrix[2][3]   0.00502749 
_atom_sites.fract_transf_matrix[3][1]   -0.00489854 
_atom_sites.fract_transf_matrix[3][2]   -0.00464952 
_atom_sites.fract_transf_matrix[3][3]   0.00526740 
_atom_sites.fract_transf_vector[1]      -0.365969 
_atom_sites.fract_transf_vector[2]      -0.213975 
_atom_sites.fract_transf_vector[3]      -0.156067 
# 
loop_
_atom_type.symbol 
C  
N  
NA 
O  
S  
# 
loop_
_atom_site.group_PDB 
_atom_site.id 
_atom_site.type_symbol 
_atom_site.label_atom_id 
_atom_site.label_alt_id 
_atom_site.label_comp_id 
_atom_site.label_asym_id 
_atom_site.label_entity_id 
_atom_site.label_seq_id 
_atom_site.pdbx_PDB_ins_code 
_atom_site.Cartn_x 
_atom_site.Cartn_y 
_atom_site.Cartn_z 
_atom_site.occupancy 
_atom_site.B_iso_or_equiv 
_atom_site.pdbx_formal_charge 
_atom_site.auth_seq_id 
_atom_site.auth_comp_id 
_atom_site.auth_asym_id 
_atom_site.auth_atom_id 
_atom_site.pdbx_PDB_model_num 
ATOM   1   N  N   . MET A 1 1  ? -9.558  7.287   8.861   1.00 22.76 ? 1   MET A N   1 
ATOM   2   C  CA  . MET A 1 1  ? -9.237  7.154   7.416   1.00 23.71 ? 1   MET A CA  1 
ATOM   3   C  C   . MET A 1 1  ? -7.991  6.317   7.243   1.00 21.65 ? 1   MET A C   1 
ATOM   4   O  O   . MET A 1 1  ? -7.257  6.145   8.219   1.00 20.57 ? 1   MET A O   1 
ATOM   5   C  CB  . MET A 1 1  ? -8.922  8.540   6.833   1.00 26.59 ? 1   MET A CB  1 
ATOM   6   C  CG  . MET A 1 1  ? -7.704  9.175   7.450   1.00 27.01 ? 1   MET A CG  1 
ATOM   7   S  SD  . MET A 1 1  ? -7.424  10.865  6.871   1.00 37.36 ? 1   MET A SD  1 
ATOM   8   C  CE  . MET A 1 1  ? -8.567  11.799  7.913   1.00 30.47 ? 1   MET A CE  1 
ATOM   9   N  N   . VAL A 1 2  ? -7.761  5.836   6.011   1.00 19.09 ? 2   VAL A N   1 
ATOM   10  C  CA  . VAL A 1 2  ? -6.526  5.085   5.679   1.00 18.96 ? 2   VAL A CA  1 
ATOM   11  C  C   . VAL A 1 2  ? -5.940  5.791   4.460   1.00 19.23 ? 2   VAL A C   1 
ATOM   12  O  O   . VAL A 1 2  ? -6.684  6.048   3.491   1.00 18.79 ? 2   VAL A O   1 
ATOM   13  C  CB  . VAL A 1 2  ? -6.727  3.594   5.338   1.00 19.11 ? 2   VAL A CB  1 
ATOM   14  C  CG1 . VAL A 1 2  ? -5.298  2.922   5.056   1.00 18.13 ? 2   VAL A CG1 1 
ATOM   15  C  CG2 . VAL A 1 2  ? -7.478  2.890   6.459   1.00 23.50 ? 2   VAL A CG2 1 
ATOM   16  N  N   . THR A 1 3  ? -4.634  6.055   4.490   1.00 19.32 ? 3   THR A N   1 
ATOM   17  C  CA  . THR A 1 3  ? -4.000  6.820   3.373   1.00 20.14 ? 3   THR A CA  1 
ATOM   18  C  C   . THR A 1 3  ? -2.685  6.188   3.011   1.00 20.42 ? 3   THR A C   1 
ATOM   19  O  O   . THR A 1 3  ? -1.983  5.768   3.900   1.00 21.52 ? 3   THR A O   1 
ATOM   20  C  CB  . THR A 1 3  ? -3.785  8.345   3.734   1.00 21.36 ? 3   THR A CB  1 
ATOM   21  O  OG1 . THR A 1 3  ? -2.940  8.492   4.861   1.00 25.31 ? 3   THR A OG1 1 
ATOM   22  C  CG2 . THR A 1 3  ? -5.054  9.096   4.056   1.00 21.52 ? 3   THR A CG2 1 
ATOM   23  N  N   . ILE A 1 4  ? -2.373  6.079   1.711   1.00 19.79 ? 4   ILE A N   1 
ATOM   24  C  CA  . ILE A 1 4  ? -1.041  5.676   1.263   1.00 19.04 ? 4   ILE A CA  1 
ATOM   25  C  C   . ILE A 1 4  ? -0.221  6.982   1.140   1.00 19.57 ? 4   ILE A C   1 
ATOM   26  O  O   . ILE A 1 4  ? -0.663  7.946   0.515   1.00 19.98 ? 4   ILE A O   1 
ATOM   27  C  CB  . ILE A 1 4  ? -1.059  4.890   -0.060  1.00 19.53 ? 4   ILE A CB  1 
ATOM   28  C  CG1 . ILE A 1 4  ? -1.774  3.547   0.122   1.00 17.90 ? 4   ILE A CG1 1 
ATOM   29  C  CG2 . ILE A 1 4  ? 0.423   4.730   -0.584  1.00 16.71 ? 4   ILE A CG2 1 
ATOM   30  C  CD1 . ILE A 1 4  ? -2.153  2.832   -1.221  1.00 19.86 ? 4   ILE A CD1 1 
ATOM   31  N  N   . ASP A 1 5  ? 0.868   7.053   1.888   1.00 20.34 ? 5   ASP A N   1 
ATOM   32  C  CA  . ASP A 1 5  ? 1.702   8.263   1.971   1.00 21.29 ? 5   ASP A CA  1 
ATOM   33  C  C   . ASP A 1 5  ? 2.874   8.224   0.980   1.00 22.65 ? 5   ASP A C   1 
ATOM   34  O  O   . ASP A 1 5  ? 3.316   9.312   0.477   1.00 25.26 ? 5   ASP A O   1 
ATOM   35  C  CB  . ASP A 1 5  ? 2.213   8.445   3.404   1.00 23.50 ? 5   ASP A CB  1 
ATOM   36  C  CG  . ASP A 1 5  ? 1.095   8.394   4.414   1.00 20.50 ? 5   ASP A CG  1 
ATOM   37  O  OD1 . ASP A 1 5  ? 0.130   9.175   4.245   1.00 23.61 ? 5   ASP A OD1 1 
ATOM   38  O  OD2 . ASP A 1 5  ? 1.226   7.563   5.311   1.00 25.75 ? 5   ASP A OD2 1 
ATOM   39  N  N   . SER A 1 6  ? 3.298   7.017   0.669   1.00 22.26 ? 6   SER A N   1 
ATOM   40  C  CA  . SER A 1 6  ? 4.314   6.760   -0.306  1.00 23.76 ? 6   SER A CA  1 
ATOM   41  C  C   . SER A 1 6  ? 4.030   5.433   -0.898  1.00 23.43 ? 6   SER A C   1 
ATOM   42  O  O   . SER A 1 6  ? 3.618   4.497   -0.150  1.00 22.51 ? 6   SER A O   1 
ATOM   43  C  CB  . SER A 1 6  ? 5.648   6.643   0.387   1.00 25.23 ? 6   SER A CB  1 
ATOM   44  O  OG  . SER A 1 6  ? 6.664   6.782   -0.588  1.00 32.03 ? 6   SER A OG  1 
ATOM   45  N  N   . PRO A 1 7  ? 4.200   5.309   -2.233  1.00 23.06 ? 7   PRO A N   1 
ATOM   46  C  CA  . PRO A 1 7  ? 4.386   6.369   -3.264  1.00 23.17 ? 7   PRO A CA  1 
ATOM   47  C  C   . PRO A 1 7  ? 3.161   7.259   -3.413  1.00 23.77 ? 7   PRO A C   1 
ATOM   48  O  O   . PRO A 1 7  ? 2.110   7.006   -2.777  1.00 21.16 ? 7   PRO A O   1 
ATOM   49  C  CB  . PRO A 1 7  ? 4.599   5.574   -4.548  1.00 24.86 ? 7   PRO A CB  1 
ATOM   50  C  CG  . PRO A 1 7  ? 4.069   4.248   -4.296  1.00 25.14 ? 7   PRO A CG  1 
ATOM   51  C  CD  . PRO A 1 7  ? 4.201   3.977   -2.822  1.00 23.70 ? 7   PRO A CD  1 
ATOM   52  N  N   . VAL A 1 8  ? 3.319   8.335   -4.194  1.00 24.17 ? 8   VAL A N   1 
ATOM   53  C  CA  . VAL A 1 8  ? 2.233   9.224   -4.551  1.00 25.66 ? 8   VAL A CA  1 
ATOM   54  C  C   . VAL A 1 8  ? 1.688   8.871   -5.915  1.00 26.12 ? 8   VAL A C   1 
ATOM   55  O  O   . VAL A 1 8  ? 2.387   8.305   -6.721  1.00 25.36 ? 8   VAL A O   1 
ATOM   56  C  CB  . VAL A 1 8  ? 2.610   10.740  -4.448  1.00 27.39 ? 8   VAL A CB  1 
ATOM   57  C  CG1 . VAL A 1 8  ? 3.220   11.000  -3.053  1.00 28.87 ? 8   VAL A CG1 1 
ATOM   58  C  CG2 . VAL A 1 8  ? 3.537   11.155  -5.570  1.00 28.18 ? 8   VAL A CG2 1 
ATOM   59  N  N   . ALA A 1 9  ? 0.405   9.194   -6.096  1.00 28.74 ? 9   ALA A N   1 
ATOM   60  C  CA  . ALA A 1 9  ? -0.370  8.798   -7.245  1.00 30.51 ? 9   ALA A CA  1 
ATOM   61  C  C   . ALA A 1 9  ? 0.353   9.331   -8.419  1.00 33.02 ? 9   ALA A C   1 
ATOM   62  O  O   . ALA A 1 9  ? 0.769   10.518  -8.431  1.00 34.10 ? 9   ALA A O   1 
ATOM   63  C  CB  . ALA A 1 9  ? -1.777  9.365   -7.161  1.00 32.04 ? 9   ALA A CB  1 
ATOM   64  N  N   . GLY A 1 10 ? 0.556   8.450   -9.391  1.00 34.01 ? 10  GLY A N   1 
ATOM   65  C  CA  . GLY A 1 10 ? 1.240   8.790   -10.606 1.00 35.28 ? 10  GLY A CA  1 
ATOM   66  C  C   . GLY A 1 10 ? 2.760   8.740   -10.607 1.00 35.14 ? 10  GLY A C   1 
ATOM   67  O  O   . GLY A 1 10 ? 3.366   9.010   -11.661 1.00 37.11 ? 10  GLY A O   1 
ATOM   68  N  N   . GLU A 1 11 ? 3.396   8.431   -9.468  1.00 33.70 ? 11  GLU A N   1 
ATOM   69  C  CA  . GLU A 1 11 ? 4.851   8.285   -9.450  1.00 32.77 ? 11  GLU A CA  1 
ATOM   70  C  C   . GLU A 1 11 ? 5.336   7.232   -10.437 1.00 31.81 ? 11  GLU A C   1 
ATOM   71  O  O   . GLU A 1 11 ? 4.658   6.238   -10.655 1.00 29.59 ? 11  GLU A O   1 
ATOM   72  C  CB  . GLU A 1 11 ? 5.397   7.935   -8.074  1.00 33.26 ? 11  GLU A CB  1 
ATOM   73  C  CG  . GLU A 1 11 ? 5.967   9.102   -7.344  1.00 36.26 ? 11  GLU A CG  1 
ATOM   74  C  CD  . GLU A 1 11 ? 6.636   8.657   -6.072  1.00 39.63 ? 11  GLU A CD  1 
ATOM   75  O  OE1 . GLU A 1 11 ? 5.944   8.684   -5.031  1.00 34.00 ? 11  GLU A OE1 1 
ATOM   76  O  OE2 . GLU A 1 11 ? 7.805   8.199   -6.130  1.00 39.86 ? 11  GLU A OE2 1 
ATOM   77  N  N   . ARG A 1 12 ? 6.505   7.492   -11.042 1.00 31.17 ? 12  ARG A N   1 
ATOM   78  C  CA  . ARG A 1 12 ? 7.216   6.500   -11.860 1.00 31.42 ? 12  ARG A CA  1 
ATOM   79  C  C   . ARG A 1 12 ? 8.431   5.943   -11.154 1.00 30.67 ? 12  ARG A C   1 
ATOM   80  O  O   . ARG A 1 12 ? 9.116   6.683   -10.449 1.00 31.54 ? 12  ARG A O   1 
ATOM   81  C  CB  . ARG A 1 12 ? 7.654   7.139   -13.181 1.00 32.64 ? 12  ARG A CB  1 
ATOM   82  C  CG  . ARG A 1 12 ? 6.655   7.058   -14.324 1.00 34.44 ? 12  ARG A CG  1 
ATOM   83  C  CD  . ARG A 1 12 ? 5.450   7.975   -14.172 1.00 38.19 ? 12  ARG A CD  1 
ATOM   84  N  NE  . ARG A 1 12 ? 4.473   7.766   -15.270 1.00 38.72 ? 12  ARG A NE  1 
ATOM   85  C  CZ  . ARG A 1 12 ? 3.161   7.533   -15.126 1.00 44.81 ? 12  ARG A CZ  1 
ATOM   86  N  NH1 . ARG A 1 12 ? 2.575   7.503   -13.919 1.00 44.58 ? 12  ARG A NH1 1 
ATOM   87  N  NH2 . ARG A 1 12 ? 2.394   7.353   -16.208 1.00 46.68 ? 12  ARG A NH2 1 
ATOM   88  N  N   . PHE A 1 13 ? 8.694   4.641   -11.340 1.00 30.10 ? 13  PHE A N   1 
ATOM   89  C  CA  . PHE A 1 13 ? 9.836   3.924   -10.789 1.00 31.63 ? 13  PHE A CA  1 
ATOM   90  C  C   . PHE A 1 13 ? 10.570  3.162   -11.861 1.00 32.28 ? 13  PHE A C   1 
ATOM   91  O  O   . PHE A 1 13 ? 10.034  2.963   -12.941 1.00 32.96 ? 13  PHE A O   1 
ATOM   92  C  CB  . PHE A 1 13 ? 9.405   2.937   -9.680  1.00 32.10 ? 13  PHE A CB  1 
ATOM   93  C  CG  . PHE A 1 13 ? 8.778   3.631   -8.514  1.00 34.63 ? 13  PHE A CG  1 
ATOM   94  C  CD1 . PHE A 1 13 ? 9.579   4.248   -7.562  1.00 38.63 ? 13  PHE A CD1 1 
ATOM   95  C  CD2 . PHE A 1 13 ? 7.405   3.776   -8.428  1.00 35.22 ? 13  PHE A CD2 1 
ATOM   96  C  CE1 . PHE A 1 13 ? 9.025   4.962   -6.530  1.00 38.85 ? 13  PHE A CE1 1 
ATOM   97  C  CE2 . PHE A 1 13 ? 6.835   4.478   -7.394  1.00 35.25 ? 13  PHE A CE2 1 
ATOM   98  C  CZ  . PHE A 1 13 ? 7.642   5.066   -6.442  1.00 36.33 ? 13  PHE A CZ  1 
ATOM   99  N  N   . GLU A 1 14 ? 11.802  2.739   -11.550 1.00 33.90 ? 14  GLU A N   1 
ATOM   100 C  CA  . GLU A 1 14 ? 12.605  1.907   -12.467 1.00 34.86 ? 14  GLU A CA  1 
ATOM   101 C  C   . GLU A 1 14 ? 12.579  0.428   -12.147 1.00 34.30 ? 14  GLU A C   1 
ATOM   102 O  O   . GLU A 1 14 ? 12.555  0.054   -10.975 1.00 33.81 ? 14  GLU A O   1 
ATOM   103 C  CB  . GLU A 1 14 ? 14.072  2.382   -12.510 1.00 36.58 ? 14  GLU A CB  1 
ATOM   104 C  CG  . GLU A 1 14 ? 14.236  3.807   -13.018 1.00 37.74 ? 14  GLU A CG  1 
ATOM   105 C  CD  . GLU A 1 14 ? 15.709  4.202   -13.256 1.00 43.08 ? 14  GLU A CD  1 
ATOM   106 O  OE1 . GLU A 1 14 ? 16.611  3.640   -12.548 1.00 46.47 ? 14  GLU A OE1 1 
ATOM   107 O  OE2 . GLU A 1 14 ? 15.948  5.073   -14.138 1.00 39.05 ? 14  GLU A OE2 1 
ATOM   108 N  N   . ALA A 1 15 ? 12.662  -0.413  -13.190 1.00 35.39 ? 15  ALA A N   1 
ATOM   109 C  CA  . ALA A 1 15 ? 12.568  -1.864  -13.034 1.00 36.00 ? 15  ALA A CA  1 
ATOM   110 C  C   . ALA A 1 15 ? 13.554  -2.518  -12.023 1.00 37.70 ? 15  ALA A C   1 
ATOM   111 O  O   . ALA A 1 15 ? 14.752  -2.221  -12.004 1.00 38.96 ? 15  ALA A O   1 
ATOM   112 C  CB  . ALA A 1 15 ? 12.650  -2.557  -14.423 1.00 37.70 ? 15  ALA A CB  1 
ATOM   113 N  N   . GLY A 1 16 ? 13.067  -3.416  -11.186 1.00 38.45 ? 16  GLY A N   1 
ATOM   114 C  CA  . GLY A 1 16 ? 13.960  -4.118  -10.240 1.00 39.65 ? 16  GLY A CA  1 
ATOM   115 C  C   . GLY A 1 16 ? 14.263  -3.409  -8.928  1.00 39.71 ? 16  GLY A C   1 
ATOM   116 O  O   . GLY A 1 16 ? 14.833  -4.024  -7.968  1.00 40.50 ? 16  GLY A O   1 
ATOM   117 N  N   . LYS A 1 17 ? 13.863  -2.144  -8.847  1.00 39.82 ? 17  LYS A N   1 
ATOM   118 C  CA  . LYS A 1 17 ? 13.876  -1.403  -7.589  1.00 40.35 ? 17  LYS A CA  1 
ATOM   119 C  C   . LYS A 1 17 ? 12.704  -1.850  -6.675  1.00 39.56 ? 17  LYS A C   1 
ATOM   120 O  O   . LYS A 1 17 ? 11.636  -2.202  -7.181  1.00 39.25 ? 17  LYS A O   1 
ATOM   121 C  CB  . LYS A 1 17 ? 13.812  0.113   -7.895  1.00 40.99 ? 17  LYS A CB  1 
ATOM   122 C  CG  . LYS A 1 17 ? 15.159  0.746   -8.331  1.00 44.78 ? 17  LYS A CG  1 
ATOM   123 C  CD  . LYS A 1 17 ? 16.139  0.890   -7.121  1.00 50.26 ? 17  LYS A CD  1 
ATOM   124 C  CE  . LYS A 1 17 ? 17.376  1.844   -7.392  1.00 54.19 ? 17  LYS A CE  1 
ATOM   125 N  NZ  . LYS A 1 17 ? 18.535  1.294   -8.241  1.00 54.18 ? 17  LYS A NZ  1 
ATOM   126 N  N   . ASP A 1 18 ? 12.904  -1.911  -5.349  1.00 38.65 ? 18  ASP A N   1 
ATOM   127 C  CA  . ASP A 1 18 ? 11.770  -2.152  -4.463  1.00 36.65 ? 18  ASP A CA  1 
ATOM   128 C  C   . ASP A 1 18 ? 10.796  -0.944  -4.537  1.00 34.97 ? 18  ASP A C   1 
ATOM   129 O  O   . ASP A 1 18 ? 11.247  0.202   -4.609  1.00 34.03 ? 18  ASP A O   1 
ATOM   130 C  CB  . ASP A 1 18 ? 12.212  -2.324  -2.988  1.00 38.05 ? 18  ASP A CB  1 
ATOM   131 C  CG  . ASP A 1 18 ? 12.962  -3.621  -2.715  1.00 38.23 ? 18  ASP A CG  1 
ATOM   132 O  OD1 . ASP A 1 18 ? 13.227  -4.439  -3.651  1.00 37.79 ? 18  ASP A OD1 1 
ATOM   133 O  OD2 . ASP A 1 18 ? 13.264  -3.807  -1.505  1.00 40.12 ? 18  ASP A OD2 1 
ATOM   134 N  N   . ILE A 1 19 ? 9.472   -1.174  -4.529  1.00 32.26 ? 19  ILE A N   1 
ATOM   135 C  CA  . ILE A 1 19 ? 8.528   -0.026  -4.332  1.00 30.27 ? 19  ILE A CA  1 
ATOM   136 C  C   . ILE A 1 19 ? 8.147   -0.088  -2.866  1.00 28.16 ? 19  ILE A C   1 
ATOM   137 O  O   . ILE A 1 19 ? 7.541   -1.051  -2.448  1.00 27.71 ? 19  ILE A O   1 
ATOM   138 C  CB  . ILE A 1 19 ? 7.273   -0.091  -5.188  1.00 29.34 ? 19  ILE A CB  1 
ATOM   139 C  CG1 . ILE A 1 19 ? 7.621   0.084   -6.695  1.00 30.55 ? 19  ILE A CG1 1 
ATOM   140 C  CG2 . ILE A 1 19 ? 6.277   1.040   -4.767  1.00 29.87 ? 19  ILE A CG2 1 
ATOM   141 C  CD1 . ILE A 1 19 ? 6.562   -0.452  -7.592  1.00 26.14 ? 19  ILE A CD1 1 
ATOM   142 N  N   . ASN A 1 20 ? 8.532   0.914   -2.102  1.00 26.14 ? 20  ASN A N   1 
ATOM   143 C  CA  . ASN A 1 20 ? 8.261   0.954   -0.671  1.00 26.96 ? 20  ASN A CA  1 
ATOM   144 C  C   . ASN A 1 20 ? 6.964   1.699   -0.467  1.00 24.74 ? 20  ASN A C   1 
ATOM   145 O  O   . ASN A 1 20 ? 6.775   2.864   -0.911  1.00 24.96 ? 20  ASN A O   1 
ATOM   146 C  CB  . ASN A 1 20 ? 9.401   1.614   0.122   1.00 29.01 ? 20  ASN A CB  1 
ATOM   147 C  CG  . ASN A 1 20 ? 10.636  0.685   0.233   1.00 34.61 ? 20  ASN A CG  1 
ATOM   148 O  OD1 . ASN A 1 20 ? 10.575  -0.392  0.872   1.00 36.94 ? 20  ASN A OD1 1 
ATOM   149 N  ND2 . ASN A 1 20 ? 11.731  1.063   -0.455  1.00 39.57 ? 20  ASN A ND2 1 
ATOM   150 N  N   . ILE A 1 21 ? 6.060   1.018   0.208   1.00 23.18 ? 21  ILE A N   1 
ATOM   151 C  CA  . ILE A 1 21 ? 4.719   1.532   0.382   1.00 19.54 ? 21  ILE A CA  1 
ATOM   152 C  C   . ILE A 1 21 ? 4.545   1.833   1.874   1.00 19.27 ? 21  ILE A C   1 
ATOM   153 O  O   . ILE A 1 21 ? 4.872   1.001   2.752   1.00 19.39 ? 21  ILE A O   1 
ATOM   154 C  CB  . ILE A 1 21 ? 3.623   0.508   -0.076  1.00 19.42 ? 21  ILE A CB  1 
ATOM   155 C  CG1 . ILE A 1 21 ? 3.927   -0.050  -1.447  1.00 18.27 ? 21  ILE A CG1 1 
ATOM   156 C  CG2 . ILE A 1 21 ? 2.251   1.254   -0.057  1.00 15.49 ? 21  ILE A CG2 1 
ATOM   157 C  CD1 . ILE A 1 21 ? 3.179   -1.328  -1.831  1.00 16.70 ? 21  ILE A CD1 1 
ATOM   158 N  N   . SER A 1 22 ? 4.030   3.006   2.176   1.00 20.31 ? 22  SER A N   1 
ATOM   159 C  CA  . SER A 1 22 ? 3.733   3.434   3.537   1.00 19.80 ? 22  SER A CA  1 
ATOM   160 C  C   . SER A 1 22 ? 2.261   3.893   3.626   1.00 19.73 ? 22  SER A C   1 
ATOM   161 O  O   . SER A 1 22 ? 1.819   4.562   2.729   1.00 21.00 ? 22  SER A O   1 
ATOM   162 C  CB  . SER A 1 22 ? 4.607   4.615   3.888   1.00 22.19 ? 22  SER A CB  1 
ATOM   163 O  OG  . SER A 1 22 ? 5.971   4.195   3.889   1.00 29.62 ? 22  SER A OG  1 
ATOM   164 N  N   . ALA A 1 23 ? 1.586   3.556   4.732   1.00 17.48 ? 23  ALA A N   1 
ATOM   165 C  CA  . ALA A 1 23 ? 0.166   3.891   4.943   1.00 19.57 ? 23  ALA A CA  1 
ATOM   166 C  C   . ALA A 1 23 ? -0.011  4.402   6.377   1.00 19.74 ? 23  ALA A C   1 
ATOM   167 O  O   . ALA A 1 23 ? 0.708   3.972   7.288   1.00 20.69 ? 23  ALA A O   1 
ATOM   168 C  CB  . ALA A 1 23 ? -0.724  2.671   4.644   1.00 16.13 ? 23  ALA A CB  1 
ATOM   169 N  N   . THR A 1 24 ? -0.889  5.397   6.550   1.00 20.12 ? 24  THR A N   1 
ATOM   170 C  CA  . THR A 1 24 ? -1.290  5.929   7.849   1.00 22.40 ? 24  THR A CA  1 
ATOM   171 C  C   . THR A 1 24 ? -2.776  5.541   8.121   1.00 22.58 ? 24  THR A C   1 
ATOM   172 O  O   . THR A 1 24 ? -3.621  5.658   7.238   1.00 21.34 ? 24  THR A O   1 
ATOM   173 C  CB  . THR A 1 24 ? -1.210  7.473   7.862   1.00 23.85 ? 24  THR A CB  1 
ATOM   174 O  OG1 . THR A 1 24 ? 0.142   7.913   7.550   1.00 26.63 ? 24  THR A OG1 1 
ATOM   175 C  CG2 . THR A 1 24 ? -1.677  8.119   9.218   1.00 25.45 ? 24  THR A CG2 1 
ATOM   176 N  N   . VAL A 1 25 ? -3.075  5.125   9.355   1.00 22.08 ? 25  VAL A N   1 
ATOM   177 C  CA  . VAL A 1 25 ? -4.472  4.782   9.771   1.00 21.45 ? 25  VAL A CA  1 
ATOM   178 C  C   . VAL A 1 25 ? -4.830  5.667   10.948  1.00 23.42 ? 25  VAL A C   1 
ATOM   179 O  O   . VAL A 1 25 ? -4.128  5.708   11.965  1.00 24.16 ? 25  VAL A O   1 
ATOM   180 C  CB  . VAL A 1 25 ? -4.588  3.325   10.128  1.00 19.97 ? 25  VAL A CB  1 
ATOM   181 C  CG1 . VAL A 1 25 ? -6.094  2.938   10.322  1.00 21.49 ? 25  VAL A CG1 1 
ATOM   182 C  CG2 . VAL A 1 25 ? -4.013  2.482   8.990   1.00 21.71 ? 25  VAL A CG2 1 
ATOM   183 N  N   . LYS A 1 26 ? -5.925  6.375   10.808  1.00 23.42 ? 26  LYS A N   1 
ATOM   184 C  CA  . LYS A 1 26 ? -6.453  7.110   11.898  1.00 25.60 ? 26  LYS A CA  1 
ATOM   185 C  C   . LYS A 1 26 ? -7.805  6.394   12.227  1.00 24.90 ? 26  LYS A C   1 
ATOM   186 O  O   . LYS A 1 26 ? -8.719  6.437   11.408  1.00 25.34 ? 26  LYS A O   1 
ATOM   187 C  CB  . LYS A 1 26 ? -6.747  8.545   11.497  1.00 27.11 ? 26  LYS A CB  1 
ATOM   188 C  CG  . LYS A 1 26 ? -7.236  9.398   12.697  1.00 32.42 ? 26  LYS A CG  1 
ATOM   189 C  CD  . LYS A 1 26 ? -6.973  10.911  12.565  1.00 40.59 ? 26  LYS A CD  1 
ATOM   190 C  CE  . LYS A 1 26 ? -8.245  11.726  12.533  1.00 45.83 ? 26  LYS A CE  1 
ATOM   191 N  NZ  . LYS A 1 26 ? -8.689  12.094  13.926  1.00 50.69 ? 26  LYS A NZ  1 
ATOM   192 N  N   A SER A 1 27 ? -7.905  5.823   13.413  0.70 24.48 ? 27  SER A N   1 
ATOM   193 N  N   B SER A 1 27 ? -7.899  5.793   13.413  0.30 24.28 ? 27  SER A N   1 
ATOM   194 C  CA  A SER A 1 27 ? -9.144  5.192   13.878  0.70 23.48 ? 27  SER A CA  1 
ATOM   195 C  CA  B SER A 1 27 ? -9.117  5.090   13.846  0.30 23.45 ? 27  SER A CA  1 
ATOM   196 C  C   A SER A 1 27 ? -9.144  5.126   15.416  0.70 23.57 ? 27  SER A C   1 
ATOM   197 C  C   B SER A 1 27 ? -9.177  4.875   15.370  0.30 23.13 ? 27  SER A C   1 
ATOM   198 O  O   A SER A 1 27 ? -8.095  4.976   16.091  0.70 24.29 ? 27  SER A O   1 
ATOM   199 O  O   B SER A 1 27 ? -8.202  4.356   15.989  0.30 22.30 ? 27  SER A O   1 
ATOM   200 C  CB  A SER A 1 27 ? -9.303  3.782   13.312  0.70 23.52 ? 27  SER A CB  1 
ATOM   201 C  CB  B SER A 1 27 ? -9.219  3.727   13.172  0.30 23.25 ? 27  SER A CB  1 
ATOM   202 O  OG  A SER A 1 27 ? -10.541 3.131   13.671  0.70 19.69 ? 27  SER A OG  1 
ATOM   203 O  OG  B SER A 1 27 ? -8.862  2.676   14.062  0.30 21.60 ? 27  SER A OG  1 
ATOM   204 N  N   . LYS A 1 28 ? -10.343 5.191   15.948  1.00 22.51 ? 28  LYS A N   1 
ATOM   205 C  CA  . LYS A 1 28 ? -10.578 4.970   17.374  1.00 22.42 ? 28  LYS A CA  1 
ATOM   206 C  C   . LYS A 1 28 ? -10.524 3.494   17.786  1.00 20.37 ? 28  LYS A C   1 
ATOM   207 O  O   . LYS A 1 28 ? -10.348 3.141   18.972  1.00 23.88 ? 28  LYS A O   1 
ATOM   208 C  CB  . LYS A 1 28 ? -11.935 5.545   17.711  1.00 22.09 ? 28  LYS A CB  1 
ATOM   209 C  CG  . LYS A 1 28 ? -12.180 7.068   17.501  1.00 27.67 ? 28  LYS A CG  1 
ATOM   210 C  CD  . LYS A 1 28 ? -11.428 7.906   18.493  1.00 33.27 ? 28  LYS A CD  1 
ATOM   211 C  CE  . LYS A 1 28 ? -11.354 9.399   18.136  1.00 36.49 ? 28  LYS A CE  1 
ATOM   212 N  NZ  . LYS A 1 28 ? -12.633 10.029  18.180  1.00 36.05 ? 28  LYS A NZ  1 
ATOM   213 N  N   . THR A 1 29 ? -10.744 2.586   16.843  1.00 18.64 ? 29  THR A N   1 
ATOM   214 C  CA  . THR A 1 29 ? -10.785 1.194   17.118  1.00 17.23 ? 29  THR A CA  1 
ATOM   215 C  C   . THR A 1 29 ? -9.422  0.610   16.837  1.00 17.18 ? 29  THR A C   1 
ATOM   216 O  O   . THR A 1 29 ? -8.762  1.017   15.900  1.00 15.15 ? 29  THR A O   1 
ATOM   217 C  CB  . THR A 1 29 ? -11.822 0.480   16.214  1.00 17.91 ? 29  THR A CB  1 
ATOM   218 O  OG1 . THR A 1 29 ? -13.130 1.094   16.418  1.00 21.98 ? 29  THR A OG1 1 
ATOM   219 C  CG2 . THR A 1 29 ? -11.838 -0.924  16.531  1.00 16.06 ? 29  THR A CG2 1 
ATOM   220 N  N   . PRO A 1 30 ? -8.978  -0.347  17.657  1.00 18.59 ? 30  PRO A N   1 
ATOM   221 C  CA  . PRO A 1 30 ? -7.684  -0.893  17.333  1.00 17.04 ? 30  PRO A CA  1 
ATOM   222 C  C   . PRO A 1 30 ? -7.603  -1.531  15.961  1.00 16.62 ? 30  PRO A C   1 
ATOM   223 O  O   . PRO A 1 30 ? -8.557  -2.215  15.504  1.00 17.23 ? 30  PRO A O   1 
ATOM   224 C  CB  . PRO A 1 30 ? -7.527  -1.990  18.340  1.00 17.66 ? 30  PRO A CB  1 
ATOM   225 C  CG  . PRO A 1 30 ? -8.189  -1.406  19.573  1.00 19.11 ? 30  PRO A CG  1 
ATOM   226 C  CD  . PRO A 1 30 ? -9.461  -0.872  18.942  1.00 18.24 ? 30  PRO A CD  1 
ATOM   227 N  N   . VAL A 1 31 ? -6.447  -1.355  15.338  1.00 17.50 ? 31  VAL A N   1 
ATOM   228 C  CA  . VAL A 1 31 ? -6.194  -1.941  14.010  1.00 18.09 ? 31  VAL A CA  1 
ATOM   229 C  C   . VAL A 1 31 ? -5.532  -3.288  14.172  1.00 19.98 ? 31  VAL A C   1 
ATOM   230 O  O   . VAL A 1 31 ? -4.460  -3.375  14.826  1.00 20.81 ? 31  VAL A O   1 
ATOM   231 C  CB  . VAL A 1 31 ? -5.280  -1.004  13.177  1.00 17.31 ? 31  VAL A CB  1 
ATOM   232 C  CG1 . VAL A 1 31 ? -4.914  -1.678  11.838  1.00 16.82 ? 31  VAL A CG1 1 
ATOM   233 C  CG2 . VAL A 1 31 ? -5.913  0.404   13.042  1.00 19.57 ? 31  VAL A CG2 1 
ATOM   234 N  N   A SER A 1 32 ? -6.071  -4.327  13.527  0.70 19.78 ? 32  SER A N   1 
ATOM   235 N  N   B SER A 1 32 ? -6.137  -4.324  13.595  0.30 19.74 ? 32  SER A N   1 
ATOM   236 C  CA  A SER A 1 32 ? -5.498  -5.662  13.624  0.70 21.44 ? 32  SER A CA  1 
ATOM   237 C  CA  B SER A 1 32 ? -5.578  -5.660  13.622  0.30 20.43 ? 32  SER A CA  1 
ATOM   238 C  C   A SER A 1 32 ? -4.372  -5.808  12.631  0.70 20.97 ? 32  SER A C   1 
ATOM   239 C  C   B SER A 1 32 ? -4.367  -5.662  12.688  0.30 20.28 ? 32  SER A C   1 
ATOM   240 O  O   A SER A 1 32 ? -3.322  -6.450  12.929  0.70 20.92 ? 32  SER A O   1 
ATOM   241 O  O   B SER A 1 32 ? -3.230  -5.956  13.124  0.30 20.37 ? 32  SER A O   1 
ATOM   242 C  CB  A SER A 1 32 ? -6.518  -6.771  13.347  0.70 21.91 ? 32  SER A CB  1 
ATOM   243 C  CB  B SER A 1 32 ? -6.652  -6.701  13.228  0.30 20.96 ? 32  SER A CB  1 
ATOM   244 O  OG  A SER A 1 32 ? -7.508  -6.798  14.327  0.70 24.55 ? 32  SER A OG  1 
ATOM   245 O  OG  B SER A 1 32 ? -6.126  -7.991  12.945  0.30 20.87 ? 32  SER A OG  1 
ATOM   246 N  N   . LYS A 1 33 ? -4.602  -5.265  11.433  1.00 19.49 ? 33  LYS A N   1 
ATOM   247 C  CA  . LYS A 1 33 ? -3.570  -5.296  10.379  1.00 19.83 ? 33  LYS A CA  1 
ATOM   248 C  C   . LYS A 1 33 ? -3.951  -4.338  9.260   1.00 20.43 ? 33  LYS A C   1 
ATOM   249 O  O   . LYS A 1 33 ? -5.132  -3.970  9.124   1.00 18.40 ? 33  LYS A O   1 
ATOM   250 C  CB  . LYS A 1 33 ? -3.352  -6.697  9.831   1.00 20.59 ? 33  LYS A CB  1 
ATOM   251 C  CG  . LYS A 1 33 ? -4.602  -7.375  9.319   1.00 22.96 ? 33  LYS A CG  1 
ATOM   252 C  CD  . LYS A 1 33 ? -4.275  -8.691  8.746   1.00 28.34 ? 33  LYS A CD  1 
ATOM   253 C  CE  . LYS A 1 33 ? -5.544  -9.408  8.284   1.00 31.00 ? 33  LYS A CE  1 
ATOM   254 N  NZ  . LYS A 1 33 ? -5.308  -10.857 7.888   1.00 32.01 ? 33  LYS A NZ  1 
ATOM   255 N  N   . VAL A 1 34 ? -2.961  -3.888  8.511   1.00 18.61 ? 34  VAL A N   1 
ATOM   256 C  CA  . VAL A 1 34 ? -3.185  -3.121  7.285   1.00 18.80 ? 34  VAL A CA  1 
ATOM   257 C  C   . VAL A 1 34 ? -2.691  -4.030  6.204   1.00 18.54 ? 34  VAL A C   1 
ATOM   258 O  O   . VAL A 1 34 ? -1.515  -4.588  6.218   1.00 19.16 ? 34  VAL A O   1 
ATOM   259 C  CB  . VAL A 1 34 ? -2.520  -1.736  7.285   1.00 17.26 ? 34  VAL A CB  1 
ATOM   260 C  CG1 . VAL A 1 34 ? -2.629  -1.049  5.858   1.00 15.58 ? 34  VAL A CG1 1 
ATOM   261 C  CG2 . VAL A 1 34 ? -3.079  -0.827  8.386   1.00 21.57 ? 34  VAL A CG2 1 
ATOM   262 N  N   . GLU A 1 35 ? -3.619  -4.344  5.321   1.00 17.58 ? 35  GLU A N   1 
ATOM   263 C  CA  . GLU A 1 35 ? -3.375  -5.151  4.165   1.00 17.46 ? 35  GLU A CA  1 
ATOM   264 C  C   . GLU A 1 35 ? -3.033  -4.245  2.978   1.00 18.26 ? 35  GLU A C   1 
ATOM   265 O  O   . GLU A 1 35 ? -3.640  -3.153  2.803   1.00 19.19 ? 35  GLU A O   1 
ATOM   266 C  CB  . GLU A 1 35 ? -4.580  -5.985  3.777   1.00 17.61 ? 35  GLU A CB  1 
ATOM   267 C  CG  . GLU A 1 35 ? -5.067  -7.036  4.823   1.00 19.01 ? 35  GLU A CG  1 
ATOM   268 C  CD  . GLU A 1 35 ? -6.214  -7.921  4.330   1.00 26.91 ? 35  GLU A CD  1 
ATOM   269 O  OE1 . GLU A 1 35 ? -6.976  -7.465  3.447   1.00 24.81 ? 35  GLU A OE1 1 
ATOM   270 O  OE2 . GLU A 1 35 ? -6.326  -9.074  4.830   1.00 28.81 ? 35  GLU A OE2 1 
ATOM   271 N  N   . PHE A 1 36 ? -2.021  -4.658  2.228   1.00 18.66 ? 36  PHE A N   1 
ATOM   272 C  CA  . PHE A 1 36 ? -1.541  -3.861  1.080   1.00 19.17 ? 36  PHE A CA  1 
ATOM   273 C  C   . PHE A 1 36 ? -1.791  -4.711  -0.170  1.00 18.34 ? 36  PHE A C   1 
ATOM   274 O  O   . PHE A 1 36 ? -1.377  -5.863  -0.249  1.00 20.09 ? 36  PHE A O   1 
ATOM   275 C  CB  . PHE A 1 36 ? -0.010  -3.523  1.251   1.00 19.01 ? 36  PHE A CB  1 
ATOM   276 C  CG  . PHE A 1 36 ? 0.281   -2.513  2.314   1.00 17.48 ? 36  PHE A CG  1 
ATOM   277 C  CD1 . PHE A 1 36 ? 0.340   -1.144  2.043   1.00 15.79 ? 36  PHE A CD1 1 
ATOM   278 C  CD2 . PHE A 1 36 ? 0.493   -2.933  3.602   1.00 19.43 ? 36  PHE A CD2 1 
ATOM   279 C  CE1 . PHE A 1 36 ? 0.510   -0.218  3.054   1.00 13.55 ? 36  PHE A CE1 1 
ATOM   280 C  CE2 . PHE A 1 36 ? 0.711   -2.034  4.609   1.00 18.56 ? 36  PHE A CE2 1 
ATOM   281 C  CZ  . PHE A 1 36 ? 0.727   -0.668  4.357   1.00 17.92 ? 36  PHE A CZ  1 
ATOM   282 N  N   . TYR A 1 37 ? -2.444  -4.100  -1.169  1.00 17.34 ? 37  TYR A N   1 
ATOM   283 C  CA  . TYR A 1 37 ? -2.808  -4.736  -2.453  1.00 18.88 ? 37  TYR A CA  1 
ATOM   284 C  C   . TYR A 1 37 ? -2.215  -4.051  -3.671  1.00 18.50 ? 37  TYR A C   1 
ATOM   285 O  O   . TYR A 1 37 ? -2.053  -2.837  -3.727  1.00 21.03 ? 37  TYR A O   1 
ATOM   286 C  CB  . TYR A 1 37 ? -4.335  -4.668  -2.685  1.00 18.36 ? 37  TYR A CB  1 
ATOM   287 C  CG  . TYR A 1 37 ? -5.076  -5.571  -1.714  1.00 20.42 ? 37  TYR A CG  1 
ATOM   288 C  CD1 . TYR A 1 37 ? -5.356  -6.889  -2.054  1.00 22.45 ? 37  TYR A CD1 1 
ATOM   289 C  CD2 . TYR A 1 37 ? -5.495  -5.085  -0.461  1.00 20.84 ? 37  TYR A CD2 1 
ATOM   290 C  CE1 . TYR A 1 37 ? -6.011  -7.729  -1.191  1.00 24.36 ? 37  TYR A CE1 1 
ATOM   291 C  CE2 . TYR A 1 37 ? -6.126  -5.911  0.439   1.00 22.14 ? 37  TYR A CE2 1 
ATOM   292 C  CZ  . TYR A 1 37 ? -6.358  -7.248  0.067   1.00 24.33 ? 37  TYR A CZ  1 
ATOM   293 O  OH  . TYR A 1 37 ? -6.995  -8.101  0.961   1.00 25.23 ? 37  TYR A OH  1 
ATOM   294 N  N   . ASN A 1 38 ? -2.011  -4.837  -4.690  1.00 21.23 ? 38  ASN A N   1 
ATOM   295 C  CA  . ASN A 1 38 ? -1.806  -4.324  -6.054  1.00 23.48 ? 38  ASN A CA  1 
ATOM   296 C  C   . ASN A 1 38 ? -2.930  -4.886  -6.851  1.00 24.08 ? 38  ASN A C   1 
ATOM   297 O  O   . ASN A 1 38 ? -2.934  -6.095  -7.117  1.00 25.49 ? 38  ASN A O   1 
ATOM   298 C  CB  . ASN A 1 38 ? -0.503  -4.877  -6.660  1.00 24.30 ? 38  ASN A CB  1 
ATOM   299 C  CG  . ASN A 1 38 ? -0.307  -4.506  -8.129  1.00 25.54 ? 38  ASN A CG  1 
ATOM   300 O  OD1 . ASN A 1 38 ? -0.748  -3.454  -8.596  1.00 29.08 ? 38  ASN A OD1 1 
ATOM   301 N  ND2 . ASN A 1 38 ? 0.345   -5.392  -8.873  1.00 26.22 ? 38  ASN A ND2 1 
ATOM   302 N  N   . GLY A 1 39 ? -3.847  -4.021  -7.245  1.00 25.62 ? 39  GLY A N   1 
ATOM   303 C  CA  . GLY A 1 39 ? -5.118  -4.461  -7.817  1.00 27.19 ? 39  GLY A CA  1 
ATOM   304 C  C   . GLY A 1 39 ? -5.785  -5.361  -6.795  1.00 27.22 ? 39  GLY A C   1 
ATOM   305 O  O   . GLY A 1 39 ? -6.039  -4.932  -5.684  1.00 26.36 ? 39  GLY A O   1 
ATOM   306 N  N   . ASP A 1 40 ? -6.097  -6.599  -7.191  1.00 30.42 ? 40  ASP A N   1 
ATOM   307 C  CA  . ASP A 1 40 ? -6.749  -7.530  -6.260  1.00 31.76 ? 40  ASP A CA  1 
ATOM   308 C  C   . ASP A 1 40 ? -5.768  -8.486  -5.592  1.00 31.37 ? 40  ASP A C   1 
ATOM   309 O  O   . ASP A 1 40 ? -6.175  -9.334  -4.790  1.00 31.19 ? 40  ASP A O   1 
ATOM   310 C  CB  . ASP A 1 40 ? -7.850  -8.315  -6.998  1.00 34.77 ? 40  ASP A CB  1 
ATOM   311 C  CG  . ASP A 1 40 ? -8.958  -7.397  -7.514  1.00 38.64 ? 40  ASP A CG  1 
ATOM   312 O  OD1 . ASP A 1 40 ? -9.244  -6.360  -6.847  1.00 39.98 ? 40  ASP A OD1 1 
ATOM   313 O  OD2 . ASP A 1 40 ? -9.503  -7.719  -8.591  1.00 47.41 ? 40  ASP A OD2 1 
ATOM   314 N  N   . THR A 1 41 ? -4.489  -8.345  -5.897  1.00 29.79 ? 41  THR A N   1 
ATOM   315 C  CA  . THR A 1 41 ? -3.500  -9.251  -5.346  1.00 29.85 ? 41  THR A CA  1 
ATOM   316 C  C   . THR A 1 41 ? -2.888  -8.700  -4.068  1.00 27.90 ? 41  THR A C   1 
ATOM   317 O  O   . THR A 1 41 ? -2.405  -7.562  -4.026  1.00 26.22 ? 41  THR A O   1 
ATOM   318 C  CB  . THR A 1 41 ? -2.443  -9.550  -6.366  1.00 30.86 ? 41  THR A CB  1 
ATOM   319 O  OG1 . THR A 1 41 ? -3.082  -10.102 -7.525  1.00 33.25 ? 41  THR A OG1 1 
ATOM   320 C  CG2 . THR A 1 41 ? -1.387  -10.556 -5.797  1.00 29.83 ? 41  THR A CG2 1 
ATOM   321 N  N   . LEU A 1 42 ? -2.946  -9.511  -3.018  1.00 28.45 ? 42  LEU A N   1 
ATOM   322 C  CA  . LEU A 1 42 ? -2.373  -9.147  -1.717  1.00 27.41 ? 42  LEU A CA  1 
ATOM   323 C  C   . LEU A 1 42 ? -0.859  -9.181  -1.795  1.00 27.90 ? 42  LEU A C   1 
ATOM   324 O  O   . LEU A 1 42 ? -0.282  -10.214 -2.101  1.00 29.26 ? 42  LEU A O   1 
ATOM   325 C  CB  . LEU A 1 42 ? -2.860  -10.100 -0.608  1.00 28.75 ? 42  LEU A CB  1 
ATOM   326 C  CG  . LEU A 1 42 ? -2.412  -9.745  0.817   1.00 24.94 ? 42  LEU A CG  1 
ATOM   327 C  CD1 . LEU A 1 42 ? -3.033  -8.490  1.355   1.00 23.76 ? 42  LEU A CD1 1 
ATOM   328 C  CD2 . LEU A 1 42 ? -2.691  -10.933 1.739   1.00 32.73 ? 42  LEU A CD2 1 
ATOM   329 N  N   . ILE A 1 43 ? -0.234  -8.054  -1.481  1.00 30.41 ? 43  ILE A N   1 
ATOM   330 C  CA  . ILE A 1 43 ? 1.238   -7.946  -1.465  1.00 30.04 ? 43  ILE A CA  1 
ATOM   331 C  C   . ILE A 1 43 ? 1.712   -8.530  -0.149  1.00 30.17 ? 43  ILE A C   1 
ATOM   332 O  O   . ILE A 1 43 ? 2.458   -9.510  -0.126  1.00 30.05 ? 43  ILE A O   1 
ATOM   333 C  CB  . ILE A 1 43 ? 1.695   -6.475  -1.582  1.00 29.97 ? 43  ILE A CB  1 
ATOM   334 C  CG1 . ILE A 1 43 ? 1.160   -5.878  -2.904  1.00 30.05 ? 43  ILE A CG1 1 
ATOM   335 C  CG2 . ILE A 1 43 ? 3.270   -6.391  -1.458  1.00 29.07 ? 43  ILE A CG2 1 
ATOM   336 C  CD1 . ILE A 1 43 ? 1.187   -4.352  -2.964  1.00 26.24 ? 43  ILE A CD1 1 
ATOM   337 N  N   . SER A 1 44 ? 1.222   -7.959  0.936   1.00 28.54 ? 44  SER A N   1 
ATOM   338 C  CA  . SER A 1 44 ? 1.589   -8.339  2.301   1.00 29.14 ? 44  SER A CA  1 
ATOM   339 C  C   . SER A 1 44 ? 0.733   -7.567  3.249   1.00 28.77 ? 44  SER A C   1 
ATOM   340 O  O   . SER A 1 44 ? -0.130  -6.763  2.821   1.00 26.80 ? 44  SER A O   1 
ATOM   341 C  CB  . SER A 1 44 ? 3.079   -8.009  2.603   1.00 29.59 ? 44  SER A CB  1 
ATOM   342 O  OG  . SER A 1 44 ? 3.315   -6.594  2.708   1.00 32.50 ? 44  SER A OG  1 
ATOM   343 N  N   . SER A 1 45 ? 0.951   -7.757  4.554   1.00 28.24 ? 45  SER A N   1 
ATOM   344 C  CA  . SER A 1 45 ? 0.243   -6.965  5.537   1.00 28.99 ? 45  SER A CA  1 
ATOM   345 C  C   . SER A 1 45 ? 1.118   -6.591  6.730   1.00 28.56 ? 45  SER A C   1 
ATOM   346 O  O   . SER A 1 45 ? 2.209   -7.167  6.921   1.00 31.19 ? 45  SER A O   1 
ATOM   347 C  CB  . SER A 1 45 ? -0.991  -7.744  5.964   1.00 30.15 ? 45  SER A CB  1 
ATOM   348 O  OG  . SER A 1 45 ? -0.636  -8.833  6.766   1.00 34.11 ? 45  SER A OG  1 
ATOM   349 N  N   . ASP A 1 46 ? 0.681   -5.647  7.524   1.00 27.00 ? 46  ASP A N   1 
ATOM   350 C  CA  . ASP A 1 46 ? 1.471   -5.187  8.650   1.00 27.04 ? 46  ASP A CA  1 
ATOM   351 C  C   . ASP A 1 46 ? 0.575   -4.938  9.827   1.00 28.26 ? 46  ASP A C   1 
ATOM   352 O  O   . ASP A 1 46 ? -0.470  -4.286  9.696   1.00 27.09 ? 46  ASP A O   1 
ATOM   353 C  CB  . ASP A 1 46 ? 2.151   -3.888  8.262   1.00 26.56 ? 46  ASP A CB  1 
ATOM   354 C  CG  . ASP A 1 46 ? 3.268   -3.457  9.214   1.00 26.62 ? 46  ASP A CG  1 
ATOM   355 O  OD1 . ASP A 1 46 ? 3.466   -4.062  10.336  1.00 21.48 ? 46  ASP A OD1 1 
ATOM   356 O  OD2 . ASP A 1 46 ? 3.959   -2.478  8.805   1.00 22.18 ? 46  ASP A OD2 1 
ATOM   357 N  N   . THR A 1 47 ? 0.965   -5.439  11.006  1.00 29.33 ? 47  THR A N   1 
ATOM   358 C  CA  . THR A 1 47 ? 0.116   -5.314  12.186  1.00 29.65 ? 47  THR A CA  1 
ATOM   359 C  C   . THR A 1 47 ? 0.546   -4.217  13.108  1.00 30.45 ? 47  THR A C   1 
ATOM   360 O  O   . THR A 1 47 ? -0.116  -3.960  14.111  1.00 31.15 ? 47  THR A O   1 
ATOM   361 C  CB  . THR A 1 47 ? 0.111   -6.604  13.022  1.00 30.87 ? 47  THR A CB  1 
ATOM   362 O  OG1 . THR A 1 47 ? 1.417   -6.777  13.610  1.00 32.10 ? 47  THR A OG1 1 
ATOM   363 C  CG2 . THR A 1 47 ? -0.284  -7.793  12.186  1.00 29.84 ? 47  THR A CG2 1 
ATOM   364 N  N   A THR A 1 48 ? 1.647   -3.556  12.743  0.70 30.78 ? 48  THR A N   1 
ATOM   365 N  N   B THR A 1 48 ? 1.685   -3.588  12.862  0.30 30.55 ? 48  THR A N   1 
ATOM   366 C  CA  A THR A 1 48 ? 2.334   -2.606  13.588  0.70 31.94 ? 48  THR A CA  1 
ATOM   367 C  CA  B THR A 1 48 ? 2.078   -2.497  13.732  0.30 31.36 ? 48  THR A CA  1 
ATOM   368 C  C   A THR A 1 48 ? 2.548   -1.279  12.856  0.70 31.38 ? 48  THR A C   1 
ATOM   369 C  C   B THR A 1 48 ? 2.544   -1.303  12.937  0.30 31.02 ? 48  THR A C   1 
ATOM   370 O  O   A THR A 1 48 ? 3.120   -1.288  11.785  0.70 31.95 ? 48  THR A O   1 
ATOM   371 O  O   B THR A 1 48 ? 3.241   -1.430  11.934  0.30 31.08 ? 48  THR A O   1 
ATOM   372 C  CB  A THR A 1 48 ? 3.754   -3.204  13.967  0.70 32.55 ? 48  THR A CB  1 
ATOM   373 C  CB  B THR A 1 48 ? 3.127   -2.930  14.791  0.30 32.09 ? 48  THR A CB  1 
ATOM   374 O  OG1 A THR A 1 48 ? 3.658   -4.638  14.211  0.70 34.18 ? 48  THR A OG1 1 
ATOM   375 O  OG1 B THR A 1 48 ? 3.491   -4.296  14.578  0.30 32.86 ? 48  THR A OG1 1 
ATOM   376 C  CG2 A THR A 1 48 ? 4.363   -2.431  15.129  0.70 33.12 ? 48  THR A CG2 1 
ATOM   377 C  CG2 B THR A 1 48 ? 2.548   -2.790  16.191  0.30 33.25 ? 48  THR A CG2 1 
ATOM   378 N  N   . ALA A 1 49 ? 2.127   -0.145  13.421  1.00 31.30 ? 49  ALA A N   1 
ATOM   379 C  CA  . ALA A 1 49 ? 2.417   1.145   12.833  1.00 31.02 ? 49  ALA A CA  1 
ATOM   380 C  C   . ALA A 1 49 ? 3.915   1.448   13.078  1.00 30.69 ? 49  ALA A C   1 
ATOM   381 O  O   . ALA A 1 49 ? 4.489   0.897   14.045  1.00 31.59 ? 49  ALA A O   1 
ATOM   382 C  CB  . ALA A 1 49 ? 1.592   2.219   13.519  1.00 30.65 ? 49  ALA A CB  1 
ATOM   383 N  N   . PRO A 1 50 ? 4.554   2.248   12.202  1.00 28.80 ? 50  PRO A N   1 
ATOM   384 C  CA  . PRO A 1 50 ? 4.018   2.749   10.927  1.00 26.81 ? 50  PRO A CA  1 
ATOM   385 C  C   . PRO A 1 50 ? 3.872   1.592   9.948   1.00 24.59 ? 50  PRO A C   1 
ATOM   386 O  O   . PRO A 1 50 ? 4.665   0.661   9.952   1.00 23.41 ? 50  PRO A O   1 
ATOM   387 C  CB  . PRO A 1 50 ? 5.034   3.805   10.502  1.00 26.23 ? 50  PRO A CB  1 
ATOM   388 C  CG  . PRO A 1 50 ? 6.336   3.304   11.159  1.00 29.50 ? 50  PRO A CG  1 
ATOM   389 C  CD  . PRO A 1 50 ? 5.923   2.766   12.467  1.00 30.58 ? 50  PRO A CD  1 
ATOM   390 N  N   . TYR A 1 51 ? 2.759   1.575   9.219   1.00 22.95 ? 51  TYR A N   1 
ATOM   391 C  CA  . TYR A 1 51 ? 2.402   0.490   8.350   1.00 22.82 ? 51  TYR A CA  1 
ATOM   392 C  C   . TYR A 1 51 ? 3.082   0.552   7.007   1.00 23.25 ? 51  TYR A C   1 
ATOM   393 O  O   . TYR A 1 51 ? 3.003   1.584   6.323   1.00 25.60 ? 51  TYR A O   1 
ATOM   394 C  CB  . TYR A 1 51 ? 0.880   0.489   8.141   1.00 22.64 ? 51  TYR A CB  1 
ATOM   395 C  CG  . TYR A 1 51 ? 0.102   0.345   9.425   1.00 19.20 ? 51  TYR A CG  1 
ATOM   396 C  CD1 . TYR A 1 51 ? -0.009  -0.879  10.054  1.00 20.41 ? 51  TYR A CD1 1 
ATOM   397 C  CD2 . TYR A 1 51 ? -0.488  1.399   10.000  1.00 19.86 ? 51  TYR A CD2 1 
ATOM   398 C  CE1 . TYR A 1 51 ? -0.713  -1.025  11.245  1.00 21.92 ? 51  TYR A CE1 1 
ATOM   399 C  CE2 . TYR A 1 51 ? -1.200  1.286   11.190  1.00 25.00 ? 51  TYR A CE2 1 
ATOM   400 C  CZ  . TYR A 1 51 ? -1.290  0.052   11.816  1.00 22.70 ? 51  TYR A CZ  1 
ATOM   401 O  OH  . TYR A 1 51 ? -2.004  -0.045  12.992  1.00 24.87 ? 51  TYR A OH  1 
ATOM   402 N  N   . THR A 1 52 ? 3.743   -0.534  6.630   1.00 23.81 ? 52  THR A N   1 
ATOM   403 C  CA  . THR A 1 52 ? 4.493   -0.620  5.364   1.00 23.74 ? 52  THR A CA  1 
ATOM   404 C  C   . THR A 1 52 ? 4.451   -1.993  4.690   1.00 25.28 ? 52  THR A C   1 
ATOM   405 O  O   . THR A 1 52 ? 4.241   -3.023  5.342   1.00 24.52 ? 52  THR A O   1 
ATOM   406 C  CB  . THR A 1 52 ? 5.970   -0.293  5.619   1.00 25.48 ? 52  THR A CB  1 
ATOM   407 O  OG1 . THR A 1 52 ? 6.537   -1.350  6.402   1.00 22.29 ? 52  THR A OG1 1 
ATOM   408 C  CG2 . THR A 1 52 ? 6.084   1.018   6.365   1.00 23.16 ? 52  THR A CG2 1 
ATOM   409 N  N   . ALA A 1 53 ? 4.635   -1.993  3.362   1.00 27.42 ? 53  ALA A N   1 
ATOM   410 C  CA  . ALA A 1 53 ? 4.890   -3.188  2.579   1.00 28.23 ? 53  ALA A CA  1 
ATOM   411 C  C   . ALA A 1 53 ? 5.852   -2.778  1.483   1.00 28.68 ? 53  ALA A C   1 
ATOM   412 O  O   . ALA A 1 53 ? 6.126   -1.604  1.304   1.00 30.23 ? 53  ALA A O   1 
ATOM   413 C  CB  . ALA A 1 53 ? 3.587   -3.753  1.928   1.00 27.53 ? 53  ALA A CB  1 
ATOM   414 N  N   . LYS A 1 54 ? 6.297   -3.734  0.695   1.00 30.45 ? 54  LYS A N   1 
ATOM   415 C  CA  . LYS A 1 54 ? 7.197   -3.413  -0.387  1.00 32.55 ? 54  LYS A CA  1 
ATOM   416 C  C   . LYS A 1 54 ? 6.922   -4.408  -1.469  1.00 32.61 ? 54  LYS A C   1 
ATOM   417 O  O   . LYS A 1 54 ? 6.535   -5.522  -1.182  1.00 32.76 ? 54  LYS A O   1 
ATOM   418 C  CB  . LYS A 1 54 ? 8.675   -3.435  0.047   1.00 35.25 ? 54  LYS A CB  1 
ATOM   419 C  CG  . LYS A 1 54 ? 9.171   -4.788  0.518   1.00 39.28 ? 54  LYS A CG  1 
ATOM   420 C  CD  . LYS A 1 54 ? 10.724  -4.857  0.788   1.00 44.57 ? 54  LYS A CD  1 
ATOM   421 C  CE  . LYS A 1 54 ? 11.068  -5.919  1.910   1.00 47.78 ? 54  LYS A CE  1 
ATOM   422 N  NZ  . LYS A 1 54 ? 12.345  -5.687  2.747   1.00 48.31 ? 54  LYS A NZ  1 
ATOM   423 N  N   . ILE A 1 55 ? 7.000   -3.952  -2.717  1.00 32.90 ? 55  ILE A N   1 
ATOM   424 C  CA  . ILE A 1 55 ? 7.018   -4.863  -3.868  1.00 32.63 ? 55  ILE A CA  1 
ATOM   425 C  C   . ILE A 1 55 ? 8.491   -4.959  -4.170  1.00 34.84 ? 55  ILE A C   1 
ATOM   426 O  O   . ILE A 1 55 ? 9.114   -3.967  -4.605  1.00 34.64 ? 55  ILE A O   1 
ATOM   427 C  CB  . ILE A 1 55 ? 6.255   -4.314  -5.078  1.00 32.52 ? 55  ILE A CB  1 
ATOM   428 C  CG1 . ILE A 1 55 ? 4.766   -4.155  -4.682  1.00 32.26 ? 55  ILE A CG1 1 
ATOM   429 C  CG2 . ILE A 1 55 ? 6.416   -5.254  -6.284  1.00 30.20 ? 55  ILE A CG2 1 
ATOM   430 C  CD1 . ILE A 1 55 ? 3.991   -3.212  -5.567  1.00 33.77 ? 55  ILE A CD1 1 
ATOM   431 N  N   . THR A 1 56 ? 9.047   -6.132  -3.896  1.00 35.67 ? 56  THR A N   1 
ATOM   432 C  CA  . THR A 1 56 ? 10.476  -6.275  -3.959  1.00 38.35 ? 56  THR A CA  1 
ATOM   433 C  C   . THR A 1 56 ? 10.820  -6.553  -5.438  1.00 38.49 ? 56  THR A C   1 
ATOM   434 O  O   . THR A 1 56 ? 10.143  -7.321  -6.155  1.00 36.41 ? 56  THR A O   1 
ATOM   435 C  CB  . THR A 1 56 ? 11.076  -7.279  -2.851  1.00 38.87 ? 56  THR A CB  1 
ATOM   436 O  OG1 . THR A 1 56 ? 11.153  -8.598  -3.361  1.00 44.96 ? 56  THR A OG1 1 
ATOM   437 C  CG2 . THR A 1 56 ? 10.243  -7.347  -1.511  1.00 37.88 ? 56  THR A CG2 1 
ATOM   438 N  N   . GLY A 1 57 ? 11.838  -5.854  -5.919  1.00 39.64 ? 57  GLY A N   1 
ATOM   439 C  CA  . GLY A 1 57 ? 12.279  -6.001  -7.283  1.00 40.90 ? 57  GLY A CA  1 
ATOM   440 C  C   . GLY A 1 57 ? 11.208  -5.838  -8.329  1.00 39.93 ? 57  GLY A C   1 
ATOM   441 O  O   . GLY A 1 57 ? 11.043  -6.708  -9.187  1.00 39.66 ? 57  GLY A O   1 
ATOM   442 N  N   . ALA A 1 58 ? 10.511  -4.705  -8.283  1.00 39.26 ? 58  ALA A N   1 
ATOM   443 C  CA  . ALA A 1 58 ? 9.271   -4.502  -9.070  1.00 38.22 ? 58  ALA A CA  1 
ATOM   444 C  C   . ALA A 1 58 ? 9.473   -4.721  -10.556 1.00 38.76 ? 58  ALA A C   1 
ATOM   445 O  O   . ALA A 1 58 ? 10.358  -4.110  -11.180 1.00 39.14 ? 58  ALA A O   1 
ATOM   446 C  CB  . ALA A 1 58 ? 8.679   -3.114  -8.812  1.00 38.22 ? 58  ALA A CB  1 
ATOM   447 N  N   . ALA A 1 59 ? 8.637   -5.587  -11.138 1.00 37.68 ? 59  ALA A N   1 
ATOM   448 C  CA  . ALA A 1 59 ? 8.708   -5.848  -12.577 1.00 37.93 ? 59  ALA A CA  1 
ATOM   449 C  C   . ALA A 1 59 ? 8.045   -4.684  -13.262 1.00 35.95 ? 59  ALA A C   1 
ATOM   450 O  O   . ALA A 1 59 ? 7.363   -3.912  -12.620 1.00 35.20 ? 59  ALA A O   1 
ATOM   451 C  CB  . ALA A 1 59 ? 8.001   -7.203  -12.968 1.00 38.71 ? 59  ALA A CB  1 
ATOM   452 N  N   . VAL A 1 60 ? 8.228   -4.570  -14.572 1.00 35.77 ? 60  VAL A N   1 
ATOM   453 C  CA  . VAL A 1 60 ? 7.661   -3.461  -15.333 1.00 33.68 ? 60  VAL A CA  1 
ATOM   454 C  C   . VAL A 1 60 ? 6.117   -3.530  -15.497 1.00 32.84 ? 60  VAL A C   1 
ATOM   455 O  O   . VAL A 1 60 ? 5.573   -4.618  -15.696 1.00 32.14 ? 60  VAL A O   1 
ATOM   456 C  CB  . VAL A 1 60 ? 8.328   -3.441  -16.712 1.00 36.14 ? 60  VAL A CB  1 
ATOM   457 C  CG1 . VAL A 1 60 ? 7.538   -2.634  -17.699 1.00 34.69 ? 60  VAL A CG1 1 
ATOM   458 C  CG2 . VAL A 1 60 ? 9.798   -2.922  -16.592 1.00 34.82 ? 60  VAL A CG2 1 
ATOM   459 N  N   . GLY A 1 61 ? 5.441   -2.378  -15.458 1.00 30.62 ? 61  GLY A N   1 
ATOM   460 C  CA  . GLY A 1 61 ? 3.958   -2.280  -15.679 1.00 29.64 ? 61  GLY A CA  1 
ATOM   461 C  C   . GLY A 1 61 ? 3.246   -1.254  -14.799 1.00 28.88 ? 61  GLY A C   1 
ATOM   462 O  O   . GLY A 1 61 ? 3.881   -0.482  -14.077 1.00 29.87 ? 61  GLY A O   1 
ATOM   463 N  N   . ALA A 1 62 ? 1.910   -1.242  -14.840 1.00 27.75 ? 62  ALA A N   1 
ATOM   464 C  CA  . ALA A 1 62 ? 1.092   -0.350  -14.042 1.00 28.00 ? 62  ALA A CA  1 
ATOM   465 C  C   . ALA A 1 62 ? 0.637   -1.099  -12.756 1.00 26.53 ? 62  ALA A C   1 
ATOM   466 O  O   . ALA A 1 62 ? 0.391   -2.306  -12.804 1.00 27.42 ? 62  ALA A O   1 
ATOM   467 C  CB  . ALA A 1 62 ? -0.098  0.141   -14.880 1.00 28.36 ? 62  ALA A CB  1 
ATOM   468 N  N   . TYR A 1 63 ? 0.719   -0.409  -11.617 1.00 24.93 ? 63  TYR A N   1 
ATOM   469 C  CA  . TYR A 1 63 ? 0.417   -0.998  -10.330 1.00 25.56 ? 63  TYR A CA  1 
ATOM   470 C  C   . TYR A 1 63 ? -0.644  -0.148  -9.735  1.00 25.21 ? 63  TYR A C   1 
ATOM   471 O  O   . TYR A 1 63 ? -0.488  1.057   -9.687  1.00 26.40 ? 63  TYR A O   1 
ATOM   472 C  CB  . TYR A 1 63 ? 1.612   -0.947  -9.380  1.00 25.74 ? 63  TYR A CB  1 
ATOM   473 C  CG  . TYR A 1 63 ? 2.734   -1.893  -9.767  1.00 27.49 ? 63  TYR A CG  1 
ATOM   474 C  CD1 . TYR A 1 63 ? 2.904   -3.086  -9.124  1.00 30.80 ? 63  TYR A CD1 1 
ATOM   475 C  CD2 . TYR A 1 63 ? 3.606   -1.596  -10.822 1.00 29.75 ? 63  TYR A CD2 1 
ATOM   476 C  CE1 . TYR A 1 63 ? 3.913   -3.963  -9.485  1.00 31.33 ? 63  TYR A CE1 1 
ATOM   477 C  CE2 . TYR A 1 63 ? 4.631   -2.459  -11.178 1.00 30.40 ? 63  TYR A CE2 1 
ATOM   478 C  CZ  . TYR A 1 63 ? 4.781   -3.645  -10.505 1.00 34.61 ? 63  TYR A CZ  1 
ATOM   479 O  OH  . TYR A 1 63 ? 5.782   -4.540  -10.810 1.00 33.02 ? 63  TYR A OH  1 
ATOM   480 N  N   . ASN A 1 64 ? -1.715  -0.751  -9.224  1.00 24.14 ? 64  ASN A N   1 
ATOM   481 C  CA  . ASN A 1 64 ? -2.738  0.036   -8.594  1.00 24.07 ? 64  ASN A CA  1 
ATOM   482 C  C   . ASN A 1 64 ? -2.761  -0.243  -7.099  1.00 22.34 ? 64  ASN A C   1 
ATOM   483 O  O   . ASN A 1 64 ? -3.340  -1.219  -6.666  1.00 22.95 ? 64  ASN A O   1 
ATOM   484 C  CB  . ASN A 1 64 ? -4.070  -0.298  -9.220  1.00 25.31 ? 64  ASN A CB  1 
ATOM   485 C  CG  . ASN A 1 64 ? -4.156  0.143   -10.683 1.00 26.52 ? 64  ASN A CG  1 
ATOM   486 O  OD1 . ASN A 1 64 ? -4.460  -0.659  -11.555 1.00 37.19 ? 64  ASN A OD1 1 
ATOM   487 N  ND2 . ASN A 1 64 ? -3.949  1.394   -10.935 1.00 25.11 ? 64  ASN A ND2 1 
ATOM   488 N  N   . LEU A 1 65 ? -2.106  0.595   -6.332  1.00 22.04 ? 65  LEU A N   1 
ATOM   489 C  CA  . LEU A 1 65 ? -1.828  0.245   -4.934  1.00 19.92 ? 65  LEU A CA  1 
ATOM   490 C  C   . LEU A 1 65 ? -3.011  0.658   -4.087  1.00 19.02 ? 65  LEU A C   1 
ATOM   491 O  O   . LEU A 1 65 ? -3.562  1.744   -4.239  1.00 20.67 ? 65  LEU A O   1 
ATOM   492 C  CB  . LEU A 1 65 ? -0.579  0.946   -4.465  1.00 20.33 ? 65  LEU A CB  1 
ATOM   493 C  CG  . LEU A 1 65 ? 0.664   0.562   -5.308  1.00 19.76 ? 65  LEU A CG  1 
ATOM   494 C  CD1 . LEU A 1 65 ? 1.890   1.400   -4.829  1.00 22.76 ? 65  LEU A CD1 1 
ATOM   495 C  CD2 . LEU A 1 65 ? 0.928   -0.912  -5.372  1.00 18.36 ? 65  LEU A CD2 1 
ATOM   496 N  N   . LYS A 1 66 ? -3.389  -0.227  -3.164  1.00 20.20 ? 66  LYS A N   1 
ATOM   497 C  CA  . LYS A 1 66 ? -4.402  0.090   -2.181  1.00 21.17 ? 66  LYS A CA  1 
ATOM   498 C  C   . LYS A 1 66 ? -4.000  -0.466  -0.811  1.00 19.98 ? 66  LYS A C   1 
ATOM   499 O  O   . LYS A 1 66 ? -3.494  -1.576  -0.732  1.00 22.18 ? 66  LYS A O   1 
ATOM   500 C  CB  . LYS A 1 66 ? -5.746  -0.545  -2.588  1.00 21.51 ? 66  LYS A CB  1 
ATOM   501 C  CG  . LYS A 1 66 ? -6.891  0.022   -1.692  1.00 25.32 ? 66  LYS A CG  1 
ATOM   502 C  CD  . LYS A 1 66 ? -8.297  -0.182  -2.285  1.00 30.75 ? 66  LYS A CD  1 
ATOM   503 C  CE  . LYS A 1 66 ? -8.504  -1.561  -2.798  1.00 34.18 ? 66  LYS A CE  1 
ATOM   504 N  NZ  . LYS A 1 66 ? -9.993  -1.789  -3.072  1.00 30.39 ? 66  LYS A NZ  1 
ATOM   505 N  N   . ALA A 1 67 ? -4.309  0.281   0.228   1.00 17.58 ? 67  ALA A N   1 
ATOM   506 C  CA  . ALA A 1 67 ? -4.272  -0.236  1.610   1.00 17.25 ? 67  ALA A CA  1 
ATOM   507 C  C   . ALA A 1 67 ? -5.647  -0.345  2.208   1.00 17.41 ? 67  ALA A C   1 
ATOM   508 O  O   . ALA A 1 67 ? -6.477  0.599   2.084   1.00 18.33 ? 67  ALA A O   1 
ATOM   509 C  CB  . ALA A 1 67 ? -3.430  0.689   2.488   1.00 19.12 ? 67  ALA A CB  1 
ATOM   510 N  N   . VAL A 1 68 ? -5.839  -1.418  2.973   1.00 16.77 ? 68  VAL A N   1 
ATOM   511 C  CA  . VAL A 1 68 ? -7.100  -1.716  3.662   1.00 16.08 ? 68  VAL A CA  1 
ATOM   512 C  C   . VAL A 1 68 ? -6.803  -2.051  5.128   1.00 15.15 ? 68  VAL A C   1 
ATOM   513 O  O   . VAL A 1 68 ? -6.110  -3.042  5.437   1.00 16.08 ? 68  VAL A O   1 
ATOM   514 C  CB  . VAL A 1 68 ? -7.772  -2.903  3.030   1.00 15.62 ? 68  VAL A CB  1 
ATOM   515 C  CG1 . VAL A 1 68 ? -9.113  -3.050  3.758   1.00 15.11 ? 68  VAL A CG1 1 
ATOM   516 C  CG2 . VAL A 1 68 ? -7.964  -2.716  1.490   1.00 16.26 ? 68  VAL A CG2 1 
ATOM   517 N  N   . ALA A 1 69 ? -7.234  -1.178  6.011   1.00 14.57 ? 69  ALA A N   1 
ATOM   518 C  CA  . ALA A 1 69 ? -7.149  -1.427  7.437   1.00 15.51 ? 69  ALA A CA  1 
ATOM   519 C  C   . ALA A 1 69 ? -8.251  -2.424  7.790   1.00 16.56 ? 69  ALA A C   1 
ATOM   520 O  O   . ALA A 1 69 ? -9.383  -2.230  7.379   1.00 16.56 ? 69  ALA A O   1 
ATOM   521 C  CB  . ALA A 1 69 ? -7.271  -0.197  8.207   1.00 14.17 ? 69  ALA A CB  1 
ATOM   522 N  N   . VAL A 1 70 ? -7.852  -3.488  8.465   1.00 15.41 ? 70  VAL A N   1 
ATOM   523 C  CA  . VAL A 1 70 ? -8.752  -4.421  9.141   1.00 16.79 ? 70  VAL A CA  1 
ATOM   524 C  C   . VAL A 1 70 ? -8.690  -4.159  10.649  1.00 16.06 ? 70  VAL A C   1 
ATOM   525 O  O   . VAL A 1 70 ? -7.696  -4.423  11.316  1.00 15.63 ? 70  VAL A O   1 
ATOM   526 C  CB  . VAL A 1 70 ? -8.416  -5.863  8.767   1.00 15.81 ? 70  VAL A CB  1 
ATOM   527 C  CG1 . VAL A 1 70 ? -9.545  -6.795  9.308   1.00 16.24 ? 70  VAL A CG1 1 
ATOM   528 C  CG2 . VAL A 1 70 ? -8.150  -6.021  7.206   1.00 17.40 ? 70  VAL A CG2 1 
ATOM   529 N  N   . LEU A 1 71 ? -9.776  -3.626  11.177  1.00 13.59 ? 71  LEU A N   1 
ATOM   530 C  CA  . LEU A 1 71 ? -9.927  -3.330  12.570  1.00 14.54 ? 71  LEU A CA  1 
ATOM   531 C  C   . LEU A 1 71 ? -10.170 -4.606  13.372  1.00 16.35 ? 71  LEU A C   1 
ATOM   532 O  O   . LEU A 1 71 ? -10.439 -5.672  12.796  1.00 15.95 ? 71  LEU A O   1 
ATOM   533 C  CB  . LEU A 1 71 ? -11.034 -2.310  12.798  1.00 14.09 ? 71  LEU A CB  1 
ATOM   534 C  CG  . LEU A 1 71 ? -11.045 -1.009  12.015  1.00 13.78 ? 71  LEU A CG  1 
ATOM   535 C  CD1 . LEU A 1 71 ? -12.160 -0.087  12.415  1.00 21.61 ? 71  LEU A CD1 1 
ATOM   536 C  CD2 . LEU A 1 71 ? -9.648  -0.220  12.212  1.00 15.98 ? 71  LEU A CD2 1 
ATOM   537 N  N   . SER A 1 72 ? -10.105 -4.485  14.704  1.00 16.84 ? 72  SER A N   1 
ATOM   538 C  CA  . SER A 1 72 ? -10.111 -5.721  15.545  1.00 16.67 ? 72  SER A CA  1 
ATOM   539 C  C   . SER A 1 72 ? -11.515 -6.273  15.573  1.00 16.86 ? 72  SER A C   1 
ATOM   540 O  O   . SER A 1 72 ? -11.671 -7.429  15.901  1.00 20.04 ? 72  SER A O   1 
ATOM   541 C  CB  . SER A 1 72 ? -9.636  -5.456  16.976  1.00 14.25 ? 72  SER A CB  1 
ATOM   542 O  OG  . SER A 1 72 ? -10.231 -4.333  17.574  1.00 17.06 ? 72  SER A OG  1 
ATOM   543 N  N   . ASP A 1 73 ? -12.476 -5.406  15.271  1.00 16.81 ? 73  ASP A N   1 
ATOM   544 C  CA  . ASP A 1 73 ? -13.929 -5.830  15.145  1.00 15.99 ? 73  ASP A CA  1 
ATOM   545 C  C   . ASP A 1 73 ? -14.296 -6.410  13.793  1.00 17.69 ? 73  ASP A C   1 
ATOM   546 O  O   . ASP A 1 73 ? -15.497 -6.719  13.546  1.00 18.10 ? 73  ASP A O   1 
ATOM   547 C  CB  . ASP A 1 73 ? -14.861 -4.717  15.481  1.00 15.15 ? 73  ASP A CB  1 
ATOM   548 C  CG  . ASP A 1 73 ? -14.792 -3.466  14.581  1.00 10.87 ? 73  ASP A CG  1 
ATOM   549 O  OD1 . ASP A 1 73 ? -14.231 -3.479  13.460  1.00 15.78 ? 73  ASP A OD1 1 
ATOM   550 O  OD2 . ASP A 1 73 ? -15.267 -2.420  15.030  1.00 19.59 ? 73  ASP A OD2 1 
ATOM   551 N  N   . GLY A 1 74 ? -13.322 -6.474  12.901  1.00 15.96 ? 74  GLY A N   1 
ATOM   552 C  CA  . GLY A 1 74 ? -13.539 -6.964  11.543  1.00 18.54 ? 74  GLY A CA  1 
ATOM   553 C  C   . GLY A 1 74 ? -13.773 -5.956  10.438  1.00 15.70 ? 74  GLY A C   1 
ATOM   554 O  O   . GLY A 1 74 ? -13.640 -6.308  9.231   1.00 16.97 ? 74  GLY A O   1 
ATOM   555 N  N   A ARG A 1 75 ? -14.181 -4.723  10.797  0.70 17.72 ? 75  ARG A N   1 
ATOM   556 N  N   B ARG A 1 75 ? -14.115 -4.748  10.793  0.30 16.05 ? 75  ARG A N   1 
ATOM   557 C  CA  A ARG A 1 75 ? -14.510 -3.671  9.819   0.70 15.38 ? 75  ARG A CA  1 
ATOM   558 C  CA  B ARG A 1 75 ? -14.351 -3.827  9.766   0.30 14.16 ? 75  ARG A CA  1 
ATOM   559 C  C   A ARG A 1 75 ? -13.236 -3.346  8.945   0.70 16.20 ? 75  ARG A C   1 
ATOM   560 C  C   B ARG A 1 75 ? -13.124 -3.718  8.852   0.30 13.88 ? 75  ARG A C   1 
ATOM   561 O  O   A ARG A 1 75 ? -12.156 -3.045  9.498   0.70 14.10 ? 75  ARG A O   1 
ATOM   562 O  O   B ARG A 1 75 ? -11.971 -3.954  9.251   0.30 11.86 ? 75  ARG A O   1 
ATOM   563 C  CB  A ARG A 1 75 ? -15.109 -2.406  10.496  0.70 15.84 ? 75  ARG A CB  1 
ATOM   564 C  CB  B ARG A 1 75 ? -14.664 -2.500  10.356  0.30 13.80 ? 75  ARG A CB  1 
ATOM   565 C  CG  A ARG A 1 75 ? -15.618 -1.281  9.545   0.70 13.59 ? 75  ARG A CG  1 
ATOM   566 C  CG  B ARG A 1 75 ? -15.305 -1.619  9.404   0.30 12.76 ? 75  ARG A CG  1 
ATOM   567 C  CD  A ARG A 1 75 ? -16.404 -0.126  10.078  0.70 14.71 ? 75  ARG A CD  1 
ATOM   568 C  CD  B ARG A 1 75 ? -16.169 -0.727  10.121  0.30 8.46  ? 75  ARG A CD  1 
ATOM   569 N  NE  A ARG A 1 75 ? -15.847 0.584   11.225  0.70 15.17 ? 75  ARG A NE  1 
ATOM   570 N  NE  B ARG A 1 75 ? -15.471 0.352   10.807  0.30 8.30  ? 75  ARG A NE  1 
ATOM   571 C  CZ  A ARG A 1 75 ? -14.965 1.601   11.191  0.70 15.90 ? 75  ARG A CZ  1 
ATOM   572 C  CZ  B ARG A 1 75 ? -14.994 1.433   10.205  0.30 8.00  ? 75  ARG A CZ  1 
ATOM   573 N  NH1 A ARG A 1 75 ? -14.560 2.114   12.373  0.70 16.81 ? 75  ARG A NH1 1 
ATOM   574 N  NH1 B ARG A 1 75 ? -14.439 2.422   10.933  0.30 5.00  ? 75  ARG A NH1 1 
ATOM   575 N  NH2 A ARG A 1 75 ? -14.489 2.090   10.021  0.70 16.14 ? 75  ARG A NH2 1 
ATOM   576 N  NH2 B ARG A 1 75 ? -15.113 1.535   8.883   0.30 4.98  ? 75  ARG A NH2 1 
ATOM   577 N  N   . ARG A 1 76 ? -13.416 -3.358  7.621   1.00 18.29 ? 76  ARG A N   1 
ATOM   578 C  CA  . ARG A 1 76 ? -12.356 -3.027  6.616   1.00 19.74 ? 76  ARG A CA  1 
ATOM   579 C  C   . ARG A 1 76 ? -12.490 -1.558  6.190   1.00 19.10 ? 76  ARG A C   1 
ATOM   580 O  O   . ARG A 1 76 ? -13.618 -1.076  5.942   1.00 20.47 ? 76  ARG A O   1 
ATOM   581 C  CB  . ARG A 1 76 ? -12.511 -3.999  5.455   1.00 18.61 ? 76  ARG A CB  1 
ATOM   582 C  CG  . ARG A 1 76 ? -12.263 -5.410  5.833   1.00 22.77 ? 76  ARG A CG  1 
ATOM   583 C  CD  . ARG A 1 76 ? -12.628 -6.280  4.780   1.00 27.88 ? 76  ARG A CD  1 
ATOM   584 N  NE  . ARG A 1 76 ? -11.688 -6.144  3.679   1.00 32.33 ? 76  ARG A NE  1 
ATOM   585 C  CZ  . ARG A 1 76 ? -10.477 -6.723  3.615   1.00 32.77 ? 76  ARG A CZ  1 
ATOM   586 N  NH1 . ARG A 1 76 ? -10.016 -7.443  4.618   1.00 35.92 ? 76  ARG A NH1 1 
ATOM   587 N  NH2 . ARG A 1 76 ? -9.717  -6.537  2.541   1.00 35.27 ? 76  ARG A NH2 1 
ATOM   588 N  N   . ILE A 1 77 ? -11.384 -0.784  6.140   1.00 18.37 ? 77  ILE A N   1 
ATOM   589 C  CA  . ILE A 1 77 ? -11.441 0.597   5.689   1.00 18.58 ? 77  ILE A CA  1 
ATOM   590 C  C   . ILE A 1 77 ? -10.436 0.694   4.535   1.00 19.11 ? 77  ILE A C   1 
ATOM   591 O  O   . ILE A 1 77 ? -9.266  0.384   4.729   1.00 17.32 ? 77  ILE A O   1 
ATOM   592 C  CB  . ILE A 1 77 ? -10.985 1.561   6.763   1.00 19.65 ? 77  ILE A CB  1 
ATOM   593 C  CG1 . ILE A 1 77 ? -11.635 1.318   8.144   1.00 23.99 ? 77  ILE A CG1 1 
ATOM   594 C  CG2 . ILE A 1 77 ? -11.147 3.057   6.277   1.00 21.56 ? 77  ILE A CG2 1 
ATOM   595 C  CD1 . ILE A 1 77 ? -10.994 2.325   9.278   1.00 24.69 ? 77  ILE A CD1 1 
ATOM   596 N  N   A GLU A 1 78 ? -10.919 1.087   3.356   0.50 18.59 ? 78  GLU A N   1 
ATOM   597 N  N   B GLU A 1 78 ? -10.896 1.030   3.339   0.50 18.81 ? 78  GLU A N   1 
ATOM   598 C  CA  A GLU A 1 78 ? -10.075 1.281   2.156   0.50 18.12 ? 78  GLU A CA  1 
ATOM   599 C  CA  B GLU A 1 78 ? -9.988  1.102   2.184   0.50 18.53 ? 78  GLU A CA  1 
ATOM   600 C  C   A GLU A 1 78 ? -9.429  2.638   2.078   0.50 17.91 ? 78  GLU A C   1 
ATOM   601 C  C   B GLU A 1 78 ? -9.467  2.543   1.949   0.50 18.09 ? 78  GLU A C   1 
ATOM   602 O  O   A GLU A 1 78 ? -10.049 3.686   2.404   0.50 16.38 ? 78  GLU A O   1 
ATOM   603 O  O   B GLU A 1 78 ? -10.173 3.557   2.129   0.50 17.05 ? 78  GLU A O   1 
ATOM   604 C  CB  A GLU A 1 78 ? -10.921 1.211   0.879   0.50 18.54 ? 78  GLU A CB  1 
ATOM   605 C  CB  B GLU A 1 78 ? -10.678 0.517   0.931   0.50 19.25 ? 78  GLU A CB  1 
ATOM   606 C  CG  A GLU A 1 78 ? -11.169 -0.174  0.361   0.50 19.17 ? 78  GLU A CG  1 
ATOM   607 C  CG  B GLU A 1 78 ? -11.218 -0.897  1.123   0.50 21.80 ? 78  GLU A CG  1 
ATOM   608 C  CD  A GLU A 1 78 ? -12.204 -0.159  -0.768  0.50 21.92 ? 78  GLU A CD  1 
ATOM   609 C  CD  B GLU A 1 78 ? -11.930 -1.493  -0.104  0.50 26.41 ? 78  GLU A CD  1 
ATOM   610 O  OE1 A GLU A 1 78 ? -13.389 0.174   -0.537  0.50 17.35 ? 78  GLU A OE1 1 
ATOM   611 O  OE1 B GLU A 1 78 ? -12.194 -0.722  -1.053  0.50 30.85 ? 78  GLU A OE1 1 
ATOM   612 O  OE2 A GLU A 1 78 ? -11.844 -0.507  -1.897  0.50 25.37 ? 78  GLU A OE2 1 
ATOM   613 O  OE2 B GLU A 1 78 ? -12.218 -2.734  -0.131  0.50 30.81 ? 78  GLU A OE2 1 
ATOM   614 N  N   . SER A 1 79 ? -8.179  2.627   1.593   1.00 17.79 ? 79  SER A N   1 
ATOM   615 C  CA  . SER A 1 79 ? -7.578  3.851   1.085   1.00 18.09 ? 79  SER A CA  1 
ATOM   616 C  C   . SER A 1 79 ? -8.048  4.023   -0.379  1.00 17.82 ? 79  SER A C   1 
ATOM   617 O  O   . SER A 1 79 ? -8.509  3.079   -1.024  1.00 17.54 ? 79  SER A O   1 
ATOM   618 C  CB  . SER A 1 79 ? -6.044  3.777   1.066   1.00 16.21 ? 79  SER A CB  1 
ATOM   619 O  OG  . SER A 1 79 ? -5.613  2.933   0.089   1.00 16.73 ? 79  SER A OG  1 
ATOM   620 N  N   . PRO A 1 80 ? -7.932  5.236   -0.879  1.00 19.87 ? 80  PRO A N   1 
ATOM   621 C  CA  . PRO A 1 80 ? -8.014  5.442   -2.334  1.00 20.83 ? 80  PRO A CA  1 
ATOM   622 C  C   . PRO A 1 80 ? -6.897  4.634   -2.995  1.00 21.46 ? 80  PRO A C   1 
ATOM   623 O  O   . PRO A 1 80 ? -5.912  4.229   -2.284  1.00 22.54 ? 80  PRO A O   1 
ATOM   624 C  CB  . PRO A 1 80 ? -7.734  6.907   -2.474  1.00 20.99 ? 80  PRO A CB  1 
ATOM   625 C  CG  . PRO A 1 80 ? -8.044  7.513   -1.163  1.00 24.16 ? 80  PRO A CG  1 
ATOM   626 C  CD  . PRO A 1 80 ? -7.705  6.482   -0.139  1.00 19.86 ? 80  PRO A CD  1 
ATOM   627 N  N   . VAL A 1 81 ? -7.036  4.346   -4.279  1.00 20.83 ? 81  VAL A N   1 
ATOM   628 C  CA  . VAL A 1 81 ? -6.008  3.726   -5.058  1.00 19.76 ? 81  VAL A CA  1 
ATOM   629 C  C   . VAL A 1 81 ? -4.872  4.700   -5.428  1.00 20.16 ? 81  VAL A C   1 
ATOM   630 O  O   . VAL A 1 81 ? -5.108  5.883   -5.811  1.00 18.28 ? 81  VAL A O   1 
ATOM   631 C  CB  . VAL A 1 81 ? -6.586  3.102   -6.292  1.00 21.00 ? 81  VAL A CB  1 
ATOM   632 C  CG1 . VAL A 1 81 ? -5.489  2.571   -7.210  1.00 20.97 ? 81  VAL A CG1 1 
ATOM   633 C  CG2 . VAL A 1 81 ? -7.508  1.995   -5.903  1.00 24.14 ? 81  VAL A CG2 1 
ATOM   634 N  N   . THR A 1 82 ? -3.631  4.206   -5.275  1.00 18.73 ? 82  THR A N   1 
ATOM   635 C  CA  . THR A 1 82 ? -2.421  4.936   -5.678  1.00 20.17 ? 82  THR A CA  1 
ATOM   636 C  C   . THR A 1 82 ? -1.799  4.212   -6.872  1.00 19.85 ? 82  THR A C   1 
ATOM   637 O  O   . THR A 1 82 ? -1.146  3.220   -6.736  1.00 20.14 ? 82  THR A O   1 
ATOM   638 C  CB  . THR A 1 82 ? -1.421  5.023   -4.581  1.00 20.73 ? 82  THR A CB  1 
ATOM   639 O  OG1 . THR A 1 82 ? -1.974  5.815   -3.562  1.00 22.32 ? 82  THR A OG1 1 
ATOM   640 C  CG2 . THR A 1 82 ? -0.118  5.670   -5.050  1.00 21.38 ? 82  THR A CG2 1 
ATOM   641 N  N   . PRO A 1 83 ? -2.044  4.708   -8.092  1.00 21.67 ? 83  PRO A N   1 
ATOM   642 C  CA  . PRO A 1 83 ? -1.444  4.138   -9.282  1.00 21.04 ? 83  PRO A CA  1 
ATOM   643 C  C   . PRO A 1 83 ? -0.015  4.649   -9.458  1.00 21.57 ? 83  PRO A C   1 
ATOM   644 O  O   . PRO A 1 83 ? 0.239   5.859   -9.272  1.00 23.37 ? 83  PRO A O   1 
ATOM   645 C  CB  . PRO A 1 83 ? -2.307  4.690   -10.409 1.00 22.79 ? 83  PRO A CB  1 
ATOM   646 C  CG  . PRO A 1 83 ? -3.451  5.290   -9.789  1.00 21.77 ? 83  PRO A CG  1 
ATOM   647 C  CD  . PRO A 1 83 ? -3.014  5.734   -8.438  1.00 22.97 ? 83  PRO A CD  1 
ATOM   648 N  N   . VAL A 1 84 ? 0.893   3.720   -9.726  1.00 22.73 ? 84  VAL A N   1 
ATOM   649 C  CA  . VAL A 1 84 ? 2.284   4.014   -10.116 1.00 23.80 ? 84  VAL A CA  1 
ATOM   650 C  C   . VAL A 1 84 ? 2.669   3.207   -11.361 1.00 26.17 ? 84  VAL A C   1 
ATOM   651 O  O   . VAL A 1 84 ? 2.020   2.216   -11.695 1.00 25.99 ? 84  VAL A O   1 
ATOM   652 C  CB  . VAL A 1 84 ? 3.268   3.735   -8.971  1.00 25.56 ? 84  VAL A CB  1 
ATOM   653 C  CG1 . VAL A 1 84 ? 2.890   4.518   -7.778  1.00 22.00 ? 84  VAL A CG1 1 
ATOM   654 C  CG2 . VAL A 1 84 ? 3.344   2.251   -8.627  1.00 23.60 ? 84  VAL A CG2 1 
ATOM   655 N  N   . LEU A 1 85 ? 3.777   3.590   -12.018 1.00 26.72 ? 85  LEU A N   1 
ATOM   656 C  CA  . LEU A 1 85 ? 4.213   2.929   -13.238 1.00 28.91 ? 85  LEU A CA  1 
ATOM   657 C  C   . LEU A 1 85 ? 5.670   2.603   -13.129 1.00 30.07 ? 85  LEU A C   1 
ATOM   658 O  O   . LEU A 1 85 ? 6.443   3.461   -12.716 1.00 30.62 ? 85  LEU A O   1 
ATOM   659 C  CB  . LEU A 1 85 ? 3.982   3.878   -14.410 1.00 29.10 ? 85  LEU A CB  1 
ATOM   660 C  CG  . LEU A 1 85 ? 4.221   3.310   -15.791 1.00 31.16 ? 85  LEU A CG  1 
ATOM   661 C  CD1 . LEU A 1 85 ? 2.981   2.470   -16.213 1.00 33.53 ? 85  LEU A CD1 1 
ATOM   662 C  CD2 . LEU A 1 85 ? 4.505   4.417   -16.776 1.00 30.37 ? 85  LEU A CD2 1 
ATOM   663 N  N   . VAL A 1 86 ? 6.049   1.364   -13.432 1.00 31.13 ? 86  VAL A N   1 
ATOM   664 C  CA  . VAL A 1 86 ? 7.427   0.926   -13.330 1.00 30.92 ? 86  VAL A CA  1 
ATOM   665 C  C   . VAL A 1 86 ? 7.909   0.771   -14.753 1.00 33.22 ? 86  VAL A C   1 
ATOM   666 O  O   . VAL A 1 86 ? 7.292   0.053   -15.558 1.00 30.69 ? 86  VAL A O   1 
ATOM   667 C  CB  . VAL A 1 86 ? 7.559   -0.373  -12.600 1.00 30.80 ? 86  VAL A CB  1 
ATOM   668 C  CG1 . VAL A 1 86 ? 8.943   -0.964  -12.767 1.00 30.50 ? 86  VAL A CG1 1 
ATOM   669 C  CG2 . VAL A 1 86 ? 7.236   -0.188  -11.121 1.00 29.27 ? 86  VAL A CG2 1 
ATOM   670 N  N   . LYS A 1 87 ? 9.001   1.477   -15.066 1.00 34.50 ? 87  LYS A N   1 
ATOM   671 C  CA  . LYS A 1 87 ? 9.599   1.417   -16.414 1.00 34.93 ? 87  LYS A CA  1 
ATOM   672 C  C   . LYS A 1 87 ? 11.044  1.020   -16.348 1.00 34.19 ? 87  LYS A C   1 
ATOM   673 O  O   . LYS A 1 87 ? 11.702  1.059   -15.285 1.00 34.76 ? 87  LYS A O   1 
ATOM   674 C  CB  . LYS A 1 87 ? 9.649   2.756   -17.087 1.00 36.05 ? 87  LYS A CB  1 
ATOM   675 C  CG  . LYS A 1 87 ? 8.421   3.550   -17.153 1.00 38.29 ? 87  LYS A CG  1 
ATOM   676 C  CD  . LYS A 1 87 ? 8.900   4.973   -17.168 1.00 41.35 ? 87  LYS A CD  1 
ATOM   677 C  CE  . LYS A 1 87 ? 8.423   5.744   -18.353 1.00 44.02 ? 87  LYS A CE  1 
ATOM   678 N  NZ  . LYS A 1 87 ? 9.444   6.791   -18.717 1.00 44.43 ? 87  LYS A NZ  1 
ATOM   679 N  N   . VAL A 1 88 ? 11.536  0.697   -17.544 1.00 33.90 ? 88  VAL A N   1 
ATOM   680 C  CA  . VAL A 1 88 ? 12.888  0.238   -17.758 1.00 33.19 ? 88  VAL A CA  1 
ATOM   681 C  C   . VAL A 1 88 ? 13.892  1.306   -17.338 1.00 33.41 ? 88  VAL A C   1 
ATOM   682 O  O   . VAL A 1 88 ? 14.904  1.000   -16.622 1.00 33.76 ? 88  VAL A O   1 
ATOM   683 C  CB  . VAL A 1 88 ? 13.047  -0.154  -19.233 1.00 32.68 ? 88  VAL A CB  1 
ATOM   684 C  CG1 . VAL A 1 88 ? 14.475  -0.369  -19.596 1.00 31.63 ? 88  VAL A CG1 1 
ATOM   685 C  CG2 . VAL A 1 88 ? 12.262  -1.400  -19.434 1.00 32.34 ? 88  VAL A CG2 1 
ATOM   686 N  N   A ILE A 1 89 ? 13.617  2.535   -17.741 0.50 33.56 ? 89  ILE A N   1 
ATOM   687 N  N   B ILE A 1 89 ? 13.553  2.533   -17.739 0.50 34.01 ? 89  ILE A N   1 
ATOM   688 C  CA  A ILE A 1 89 ? 14.411  3.678   -17.338 0.50 34.40 ? 89  ILE A CA  1 
ATOM   689 C  CA  B ILE A 1 89 ? 14.355  3.741   -17.598 0.50 35.29 ? 89  ILE A CA  1 
ATOM   690 C  C   A ILE A 1 89 ? 13.517  4.918   -17.269 0.50 35.86 ? 89  ILE A C   1 
ATOM   691 C  C   B ILE A 1 89 ? 13.469  4.974   -17.313 0.50 36.32 ? 89  ILE A C   1 
ATOM   692 O  O   A ILE A 1 89 ? 12.656  5.144   -18.132 0.50 36.58 ? 89  ILE A O   1 
ATOM   693 O  O   B ILE A 1 89 ? 12.551  5.269   -18.097 0.50 36.97 ? 89  ILE A O   1 
ATOM   694 C  CB  A ILE A 1 89 ? 15.577  3.929   -18.321 0.50 34.29 ? 89  ILE A CB  1 
ATOM   695 C  CB  B ILE A 1 89 ? 15.142  4.017   -18.919 0.50 35.56 ? 89  ILE A CB  1 
ATOM   696 C  CG1 A ILE A 1 89 ? 16.707  4.745   -17.658 0.50 32.72 ? 89  ILE A CG1 1 
ATOM   697 C  CG1 B ILE A 1 89 ? 14.212  3.867   -20.141 0.50 35.86 ? 89  ILE A CG1 1 
ATOM   698 C  CG2 A ILE A 1 89 ? 15.057  4.620   -19.601 0.50 34.99 ? 89  ILE A CG2 1 
ATOM   699 C  CG2 B ILE A 1 89 ? 16.354  3.092   -18.992 0.50 36.00 ? 89  ILE A CG2 1 
ATOM   700 C  CD1 A ILE A 1 89 ? 18.037  4.646   -18.421 0.50 28.26 ? 89  ILE A CD1 1 
ATOM   701 C  CD1 B ILE A 1 89 ? 14.733  4.367   -21.521 0.50 36.31 ? 89  ILE A CD1 1 
ATOM   702 N  N   . VAL A 1 90 ? 13.735  5.704   -16.213 1.00 36.42 ? 90  VAL A N   1 
ATOM   703 C  CA  . VAL A 1 90 ? 12.992  6.940   -15.938 1.00 37.44 ? 90  VAL A CA  1 
ATOM   704 C  C   . VAL A 1 90 ? 13.944  8.113   -16.131 1.00 39.19 ? 90  VAL A C   1 
ATOM   705 O  O   . VAL A 1 90 ? 14.931  8.279   -15.373 1.00 38.47 ? 90  VAL A O   1 
ATOM   706 C  CB  . VAL A 1 90 ? 12.413  7.029   -14.478 1.00 37.43 ? 90  VAL A CB  1 
ATOM   707 C  CG1 . VAL A 1 90 ? 11.719  8.384   -14.242 1.00 35.74 ? 90  VAL A CG1 1 
ATOM   708 C  CG2 . VAL A 1 90 ? 11.426  5.903   -14.217 1.00 37.49 ? 90  VAL A CG2 1 
ATOM   709 N  N   . LEU A 1 91 ? 13.603  8.934   -17.106 1.00 40.60 ? 91  LEU A N   1 
ATOM   710 C  CA  . LEU A 1 91 ? 14.423  10.080  -17.514 1.00 43.30 ? 91  LEU A CA  1 
ATOM   711 C  C   . LEU A 1 91 ? 14.506  11.228  -16.467 1.00 44.78 ? 91  LEU A C   1 
ATOM   712 O  O   . LEU A 1 91 ? 13.554  11.551  -15.729 1.00 45.05 ? 91  LEU A O   1 
ATOM   713 C  CB  . LEU A 1 91 ? 13.903  10.641  -18.860 1.00 43.88 ? 91  LEU A CB  1 
ATOM   714 C  CG  . LEU A 1 91 ? 13.976  9.685   -20.070 1.00 43.94 ? 91  LEU A CG  1 
ATOM   715 C  CD1 . LEU A 1 91 ? 13.366  10.319  -21.332 1.00 43.37 ? 91  LEU A CD1 1 
ATOM   716 C  CD2 . LEU A 1 91 ? 15.429  9.215   -20.278 1.00 43.25 ? 91  LEU A CD2 1 
HETATM 717 NA NA  . NA  B 2 .  ? 5.112   -1.411  10.563  1.00 23.10 ? 99  NA  A NA  1 
HETATM 718 NA NA  . NA  C 2 .  ? -18.510 0.580   12.927  0.25 9.08  ? 100 NA  A NA  1 
HETATM 719 O  O   . HOH D 3 .  ? -8.483  -5.235  -3.406  0.50 13.96 ? 101 HOH A O   1 
HETATM 720 O  O   . HOH D 3 .  ? -13.593 4.921   9.433   0.50 2.00  ? 102 HOH A O   1 
HETATM 721 O  O   . HOH D 3 .  ? 7.772   1.403   3.125   1.00 24.76 ? 103 HOH A O   1 
HETATM 722 O  O   . HOH D 3 .  ? -5.526  14.436  13.241  1.00 25.00 ? 104 HOH A O   1 
HETATM 723 O  O   . HOH D 3 .  ? 7.604   4.291   1.499   1.00 30.53 ? 105 HOH A O   1 
HETATM 724 O  O   . HOH D 3 .  ? 2.245   -3.873  16.781  0.70 24.34 ? 106 HOH A O   1 
HETATM 725 O  O   . HOH D 3 .  ? 7.914   9.469   0.867   1.00 28.55 ? 107 HOH A O   1 
HETATM 726 O  O   . HOH D 3 .  ? -0.414  -4.483  16.846  1.00 32.35 ? 108 HOH A O   1 
HETATM 727 O  O   . HOH D 3 .  ? 5.815   -3.746  7.318   1.00 7.37  ? 109 HOH A O   1 
HETATM 728 O  O   . HOH D 3 .  ? 6.018   -3.518  11.177  1.00 14.09 ? 110 HOH A O   1 
HETATM 729 O  O   . HOH D 3 .  ? -0.894  4.853   11.156  1.00 13.47 ? 111 HOH A O   1 
HETATM 730 O  O   . HOH D 3 .  ? 1.168   -6.697  16.379  1.00 17.05 ? 112 HOH A O   1 
HETATM 731 O  O   . HOH D 3 .  ? -0.332  7.555   -2.472  1.00 12.26 ? 113 HOH A O   1 
HETATM 732 O  O   . HOH D 3 .  ? 6.180   -6.250  2.257   1.00 18.55 ? 114 HOH A O   1 
HETATM 733 O  O   . HOH D 3 .  ? -9.120  5.672   -5.733  1.00 13.02 ? 115 HOH A O   1 
HETATM 734 O  O   . HOH D 3 .  ? -6.464  6.350   -8.255  1.00 13.67 ? 116 HOH A O   1 
HETATM 735 O  O   . HOH D 3 .  ? -4.251  7.055   -0.241  1.00 21.24 ? 117 HOH A O   1 
HETATM 736 O  O   . HOH D 3 .  ? 5.727   10.473  -0.371  1.00 18.76 ? 118 HOH A O   1 
HETATM 737 O  O   . HOH D 3 .  ? -0.208  3.131   -13.088 1.00 32.87 ? 119 HOH A O   1 
HETATM 738 O  O   . HOH D 3 .  ? 1.289   -4.845  -11.861 1.00 21.35 ? 120 HOH A O   1 
HETATM 739 O  O   . HOH D 3 .  ? -1.945  -2.517  14.326  1.00 24.98 ? 121 HOH A O   1 
HETATM 740 O  O   . HOH D 3 .  ? -9.223  -4.868  20.154  1.00 14.11 ? 122 HOH A O   1 
HETATM 741 O  O   . HOH D 3 .  ? -9.599  -7.952  19.889  1.00 28.77 ? 123 HOH A O   1 
HETATM 742 O  O   . HOH D 3 .  ? 3.582   6.516   6.738   1.00 19.52 ? 124 HOH A O   1 
HETATM 743 O  O   . HOH D 3 .  ? -0.278  11.079  2.587   1.00 17.08 ? 125 HOH A O   1 
HETATM 744 O  O   A HOH D 3 .  ? -12.841 6.068   10.389  0.50 4.00  ? 126 HOH A O   1 
HETATM 745 O  O   B HOH D 3 .  ? -12.078 5.671   8.837   0.50 2.00  ? 126 HOH A O   1 
HETATM 746 O  O   . HOH D 3 .  ? -5.536  6.281   15.395  1.00 27.46 ? 127 HOH A O   1 
HETATM 747 O  O   . HOH D 3 .  ? -10.190 -8.416  12.816  1.00 19.80 ? 128 HOH A O   1 
HETATM 748 O  O   A HOH D 3 .  ? -15.835 -2.448  3.516   0.50 3.47  ? 129 HOH A O   1 
HETATM 749 O  O   B HOH D 3 .  ? -15.744 -4.297  2.880   0.50 7.82  ? 129 HOH A O   1 
HETATM 750 O  O   A HOH D 3 .  ? -12.720 -4.539  1.445   0.70 21.90 ? 130 HOH A O   1 
HETATM 751 O  O   B HOH D 3 .  ? -11.458 -4.796  0.287   0.30 9.53  ? 130 HOH A O   1 
HETATM 752 O  O   . HOH D 3 .  ? -4.348  0.008   16.535  1.00 19.86 ? 131 HOH A O   1 
HETATM 753 O  O   . HOH D 3 .  ? 7.943   10.158  -10.490 1.00 20.19 ? 132 HOH A O   1 
HETATM 754 O  O   . HOH D 3 .  ? 0.721   -2.995  -16.682 1.00 23.23 ? 133 HOH A O   1 
HETATM 755 O  O   . HOH D 3 .  ? 1.506   4.662   9.944   1.00 13.36 ? 134 HOH A O   1 
HETATM 756 O  O   . HOH D 3 .  ? -2.778  -3.700  -10.764 1.00 25.16 ? 135 HOH A O   1 
HETATM 757 O  O   . HOH D 3 .  ? -10.627 2.670   -2.704  1.00 18.48 ? 136 HOH A O   1 
HETATM 758 O  O   . HOH D 3 .  ? 3.701   -5.428  4.642   1.00 24.89 ? 137 HOH A O   1 
HETATM 759 O  O   . HOH D 3 .  ? -12.644 -8.558  8.354   1.00 23.99 ? 138 HOH A O   1 
HETATM 760 O  O   . HOH D 3 .  ? 4.400   4.075   7.286   1.00 17.83 ? 139 HOH A O   1 
HETATM 761 O  O   . HOH D 3 .  ? -7.320  -9.345  11.358  1.00 33.99 ? 140 HOH A O   1 
HETATM 762 O  O   . HOH D 3 .  ? -4.112  6.079   -2.222  1.00 22.76 ? 141 HOH A O   1 
HETATM 763 O  O   . HOH D 3 .  ? -12.365 6.886   6.374   0.50 12.60 ? 142 HOH A O   1 
HETATM 764 O  O   . HOH D 3 .  ? 0.437   -8.398  9.299   1.00 39.95 ? 143 HOH A O   1 
HETATM 765 O  O   . HOH D 3 .  ? -8.418  -10.598 9.358   1.00 33.52 ? 144 HOH A O   1 
HETATM 766 O  O   . HOH D 3 .  ? -12.907 -10.024 13.486  1.00 35.28 ? 145 HOH A O   1 
HETATM 767 O  O   A HOH D 3 .  ? -6.525  -7.229  16.983  0.50 13.55 ? 146 HOH A O   1 
HETATM 768 O  O   B HOH D 3 .  ? -5.314  -5.749  17.524  0.50 26.92 ? 146 HOH A O   1 
HETATM 769 O  O   . HOH D 3 .  ? 11.421  3.273   -20.024 1.00 15.16 ? 147 HOH A O   1 
HETATM 770 O  O   . HOH D 3 .  ? 0.517   -0.405  16.085  1.00 23.88 ? 148 HOH A O   1 
HETATM 771 O  O   . HOH D 3 .  ? -8.204  8.519   16.570  0.60 6.16  ? 149 HOH A O   1 
HETATM 772 O  O   . HOH D 3 .  ? -6.019  -2.046  -5.354  1.00 15.87 ? 150 HOH A O   1 
HETATM 773 O  O   . HOH D 3 .  ? -9.312  4.960   20.866  1.00 26.25 ? 151 HOH A O   1 
HETATM 774 O  O   . HOH D 3 .  ? 7.058   -1.153  9.007   1.00 25.23 ? 152 HOH A O   1 
HETATM 775 O  O   . HOH D 3 .  ? -7.635  -1.824  -6.945  1.00 19.32 ? 153 HOH A O   1 
HETATM 776 O  O   . HOH D 3 .  ? -10.029 5.892   4.236   1.00 12.35 ? 154 HOH A O   1 
HETATM 777 O  O   . HOH D 3 .  ? -1.567  9.742   -3.983  1.00 22.97 ? 155 HOH A O   1 
HETATM 778 O  O   . HOH D 3 .  ? -2.525  11.473  -1.310  1.00 29.36 ? 156 HOH A O   1 
HETATM 779 O  O   . HOH D 3 .  ? 6.196   7.902   3.567   1.00 23.26 ? 157 HOH A O   1 
HETATM 780 O  O   . HOH D 3 .  ? 6.757   9.353   -2.728  1.00 27.91 ? 158 HOH A O   1 
HETATM 781 O  O   . HOH D 3 .  ? 8.246   -5.187  3.603   1.00 17.80 ? 159 HOH A O   1 
HETATM 782 O  O   . HOH D 3 .  ? 6.909   -7.966  0.374   1.00 33.44 ? 160 HOH A O   1 
HETATM 783 O  O   . HOH D 3 .  ? -10.906 1.549   -5.114  1.00 20.94 ? 161 HOH A O   1 
HETATM 784 O  O   . HOH D 3 .  ? -6.103  8.905   -4.719  1.00 16.72 ? 162 HOH A O   1 
HETATM 785 O  O   . HOH D 3 .  ? -0.483  -8.816  15.877  1.00 28.55 ? 163 HOH A O   1 
HETATM 786 O  O   . HOH D 3 .  ? 7.852   4.790   -2.585  1.00 26.04 ? 164 HOH A O   1 
HETATM 787 O  O   . HOH D 3 .  ? -1.560  -10.754 10.689  1.00 34.36 ? 165 HOH A O   1 
HETATM 788 O  O   . HOH D 3 .  ? -7.636  -0.398  -8.905  1.00 31.17 ? 166 HOH A O   1 
HETATM 789 O  O   . HOH D 3 .  ? -1.793  10.457  0.656   1.00 15.94 ? 167 HOH A O   1 
HETATM 790 O  O   . HOH D 3 .  ? -11.164 -9.923  10.042  1.00 34.54 ? 168 HOH A O   1 
HETATM 791 O  O   . HOH D 3 .  ? -15.563 0.274   13.905  1.00 13.55 ? 169 HOH A O   1 
HETATM 792 O  O   . HOH D 3 .  ? 11.019  8.923   -18.502 1.00 22.19 ? 170 HOH A O   1 
HETATM 793 O  O   . HOH D 3 .  ? -13.741 1.318   2.388   1.00 22.52 ? 171 HOH A O   1 
HETATM 794 O  O   . HOH D 3 .  ? -12.859 4.060   2.035   1.00 27.01 ? 172 HOH A O   1 
HETATM 795 O  O   . HOH D 3 .  ? 7.899   -2.702  4.321   1.00 21.36 ? 173 HOH A O   1 
HETATM 796 O  O   . HOH D 3 .  ? 9.319   -0.715  3.280   1.00 22.31 ? 174 HOH A O   1 
HETATM 797 O  O   . HOH D 3 .  ? -3.418  -9.737  12.604  1.00 29.55 ? 175 HOH A O   1 
HETATM 798 O  O   . HOH D 3 .  ? 13.282  4.124   -9.479  1.00 26.02 ? 176 HOH A O   1 
HETATM 799 O  O   . HOH D 3 .  ? -7.594  6.921   18.851  1.00 27.96 ? 177 HOH A O   1 
HETATM 800 O  O   . HOH D 3 .  ? 9.907   3.705   -3.244  1.00 33.45 ? 178 HOH A O   1 
HETATM 801 O  O   . HOH D 3 .  ? 0.204   5.799   -13.239 1.00 19.10 ? 179 HOH A O   1 
HETATM 802 O  O   . HOH D 3 .  ? -2.744  2.414   -13.104 1.00 20.99 ? 180 HOH A O   1 
HETATM 803 O  O   . HOH D 3 .  ? -10.063 9.232   14.891  1.00 22.32 ? 181 HOH A O   1 
HETATM 804 O  O   A HOH D 3 .  ? -13.423 3.499   15.131  0.70 3.75  ? 182 HOH A O   1 
HETATM 805 O  O   B HOH D 3 .  ? -14.008 2.576   13.693  0.30 2.00  ? 182 HOH A O   1 
HETATM 806 O  O   A HOH D 3 .  ? -16.059 -0.030  6.732   0.30 4.88  ? 183 HOH A O   1 
HETATM 807 O  O   B HOH D 3 .  ? -15.232 1.411   7.101   0.70 26.86 ? 183 HOH A O   1 
HETATM 808 O  O   . HOH D 3 .  ? -12.409 4.476   12.256  1.00 20.02 ? 184 HOH A O   1 
HETATM 809 O  O   A HOH D 3 .  ? -12.325 5.865   13.767  0.50 3.45  ? 185 HOH A O   1 
HETATM 810 O  O   B HOH D 3 .  ? -13.365 5.869   13.415  0.50 2.00  ? 185 HOH A O   1 
HETATM 811 O  O   . HOH D 3 .  ? 7.023   -0.298  -18.324 1.00 19.96 ? 186 HOH A O   1 
HETATM 812 O  O   A HOH D 3 .  ? -9.832  -4.234  -1.934  0.50 10.01 ? 187 HOH A O   1 
HETATM 813 O  O   B HOH D 3 .  ? -9.172  -5.578  -1.994  0.50 7.03  ? 187 HOH A O   1 
HETATM 814 O  O   . HOH D 3 .  ? 15.476  -1.368  -4.332  1.00 17.84 ? 188 HOH A O   1 
HETATM 815 O  O   . HOH D 3 .  ? 17.720  1.648   -11.191 1.00 18.99 ? 189 HOH A O   1 
HETATM 816 O  O   . HOH D 3 .  ? 6.180   -0.966  12.916  1.00 33.97 ? 190 HOH A O   1 
HETATM 817 O  O   . HOH D 3 .  ? 15.846  4.057   -9.725  0.50 12.56 ? 191 HOH A O   1 
HETATM 818 O  O   . HOH D 3 .  ? 5.344   7.954   -18.245 1.00 23.61 ? 192 HOH A O   1 
HETATM 819 O  O   . HOH D 3 .  ? -15.864 -1.491  4.257   0.50 14.35 ? 193 HOH A O   1 
# 
loop_
_atom_site_anisotrop.id 
_atom_site_anisotrop.type_symbol 
_atom_site_anisotrop.pdbx_label_atom_id 
_atom_site_anisotrop.pdbx_label_alt_id 
_atom_site_anisotrop.pdbx_label_comp_id 
_atom_site_anisotrop.pdbx_label_asym_id 
_atom_site_anisotrop.pdbx_label_seq_id 
_atom_site_anisotrop.pdbx_PDB_ins_code 
_atom_site_anisotrop.U[1][1] 
_atom_site_anisotrop.U[2][2] 
_atom_site_anisotrop.U[3][3] 
_atom_site_anisotrop.U[1][2] 
_atom_site_anisotrop.U[1][3] 
_atom_site_anisotrop.U[2][3] 
_atom_site_anisotrop.pdbx_auth_seq_id 
_atom_site_anisotrop.pdbx_auth_comp_id 
_atom_site_anisotrop.pdbx_auth_asym_id 
_atom_site_anisotrop.pdbx_auth_atom_id 
1   N N   . MET A 1  ? 0.2716 0.2947 0.2986 0.0065  0.0137  -0.0166 1  MET A N   
2   C CA  . MET A 1  ? 0.2814 0.3042 0.3153 0.0132  0.0041  -0.0100 1  MET A CA  
3   C C   . MET A 1  ? 0.2597 0.2778 0.2852 0.0038  -0.0065 -0.0099 1  MET A C   
4   O O   . MET A 1  ? 0.2503 0.2660 0.2654 -0.0055 -0.0064 -0.0127 1  MET A O   
5   C CB  . MET A 1  ? 0.3250 0.3281 0.3572 0.0232  0.0131  -0.0098 1  MET A CB  
6   C CG  . MET A 1  ? 0.3437 0.3237 0.3589 0.0124  0.0191  -0.0196 1  MET A CG  
7   S SD  . MET A 1  ? 0.4867 0.4335 0.4994 0.0212  0.0361  -0.0205 1  MET A SD  
8   C CE  . MET A 1  ? 0.4029 0.3363 0.4186 0.0283  0.0598  -0.0280 1  MET A CE  
9   N N   . VAL A 2  ? 0.2248 0.2455 0.2550 0.0066  -0.0144 -0.0061 2  VAL A N   
10  C CA  . VAL A 2  ? 0.2268 0.2412 0.2524 0.0014  -0.0208 -0.0057 2  VAL A CA  
11  C C   . VAL A 2  ? 0.2335 0.2405 0.2568 0.0069  -0.0210 -0.0051 2  VAL A C   
12  O O   . VAL A 2  ? 0.2241 0.2386 0.2511 0.0134  -0.0221 -0.0020 2  VAL A O   
13  C CB  . VAL A 2  ? 0.2254 0.2443 0.2565 -0.0030 -0.0255 -0.0042 2  VAL A CB  
14  C CG1 . VAL A 2  ? 0.2167 0.2256 0.2464 -0.0039 -0.0273 -0.0024 2  VAL A CG1 
15  C CG2 . VAL A 2  ? 0.2779 0.3032 0.3118 -0.0089 -0.0233 -0.0021 2  VAL A CG2 
16  N N   . THR A 3  ? 0.2393 0.2375 0.2571 0.0035  -0.0205 -0.0064 3  THR A N   
17  C CA  . THR A 3  ? 0.2536 0.2436 0.2680 0.0070  -0.0184 -0.0052 3  THR A CA  
18  C C   . THR A 3  ? 0.2565 0.2479 0.2714 0.0031  -0.0213 -0.0055 3  THR A C   
19  O O   . THR A 3  ? 0.2677 0.2650 0.2852 -0.0021 -0.0230 -0.0054 3  THR A O   
20  C CB  . THR A 3  ? 0.2766 0.2500 0.2849 0.0065  -0.0081 -0.0073 3  THR A CB  
21  O OG1 . THR A 3  ? 0.3284 0.3015 0.3317 -0.0058 -0.0063 -0.0142 3  THR A OG1 
22  C CG2 . THR A 3  ? 0.2795 0.2475 0.2905 0.0148  0.0000  -0.0058 3  THR A CG2 
23  N N   . ILE A 4  ? 0.2493 0.2400 0.2626 0.0061  -0.0213 -0.0046 4  ILE A N   
24  C CA  . ILE A 4  ? 0.2385 0.2306 0.2542 0.0041  -0.0201 -0.0052 4  ILE A CA  
25  C C   . ILE A 4  ? 0.2487 0.2349 0.2599 0.0004  -0.0147 -0.0045 4  ILE A C   
26  O O   . ILE A 4  ? 0.2598 0.2358 0.2636 0.0032  -0.0103 -0.0017 4  ILE A O   
27  C CB  . ILE A 4  ? 0.2454 0.2382 0.2584 0.0063  -0.0192 -0.0077 4  ILE A CB  
28  C CG1 . ILE A 4  ? 0.2234 0.2163 0.2404 0.0050  -0.0210 -0.0117 4  ILE A CG1 
29  C CG2 . ILE A 4  ? 0.2080 0.2021 0.2248 0.0061  -0.0137 -0.0082 4  ILE A CG2 
30  C CD1 . ILE A 4  ? 0.2507 0.2442 0.2597 0.0015  -0.0188 -0.0198 4  ILE A CD1 
31  N N   . ASP A 5  ? 0.2539 0.2485 0.2702 -0.0069 -0.0144 -0.0055 5  ASP A N   
32  C CA  . ASP A 5  ? 0.2685 0.2592 0.2811 -0.0169 -0.0080 -0.0081 5  ASP A CA  
33  C C   . ASP A 5  ? 0.2817 0.2799 0.2989 -0.0181 -0.0044 -0.0060 5  ASP A C   
34  O O   . ASP A 5  ? 0.3205 0.3077 0.3315 -0.0249 0.0040  -0.0066 5  ASP A O   
35  C CB  . ASP A 5  ? 0.2913 0.2963 0.3053 -0.0297 -0.0103 -0.0124 5  ASP A CB  
36  C CG  . ASP A 5  ? 0.2569 0.2569 0.2650 -0.0290 -0.0121 -0.0151 5  ASP A CG  
37  O OD1 . ASP A 5  ? 0.3065 0.2836 0.3070 -0.0253 -0.0048 -0.0179 5  ASP A OD1 
38  O OD2 . ASP A 5  ? 0.3153 0.3353 0.3277 -0.0307 -0.0193 -0.0120 5  ASP A OD2 
39  N N   . SER A 6  ? 0.2685 0.2810 0.2962 -0.0113 -0.0075 -0.0035 6  SER A N   
40  C CA  . SER A 6  ? 0.2826 0.3036 0.3166 -0.0096 -0.0018 -0.0024 6  SER A CA  
41  C C   . SER A 6  ? 0.2778 0.2970 0.3155 0.0011  -0.0011 -0.0031 6  SER A C   
42  O O   . SER A 6  ? 0.2633 0.2835 0.3083 0.0060  -0.0054 -0.0015 6  SER A O   
43  C CB  . SER A 6  ? 0.2857 0.3355 0.3376 -0.0153 -0.0024 0.0006  6  SER A CB  
44  O OG  . SER A 6  ? 0.3667 0.4254 0.4247 -0.0163 0.0060  0.0011  6  SER A OG  
45  N N   . PRO A 7  ? 0.2773 0.2912 0.3075 0.0034  0.0063  -0.0063 7  PRO A N   
46  C CA  . PRO A 7  ? 0.2851 0.2943 0.3011 -0.0015 0.0120  -0.0054 7  PRO A CA  
47  C C   . PRO A 7  ? 0.3031 0.2978 0.3021 -0.0018 0.0080  -0.0019 7  PRO A C   
48  O O   . PRO A 7  ? 0.2714 0.2623 0.2703 0.0014  0.0007  -0.0024 7  PRO A O   
49  C CB  . PRO A 7  ? 0.3083 0.3183 0.3178 0.0020  0.0200  -0.0109 7  PRO A CB  
50  C CG  . PRO A 7  ? 0.3117 0.3172 0.3263 0.0073  0.0185  -0.0172 7  PRO A CG  
51  C CD  . PRO A 7  ? 0.2854 0.2958 0.3191 0.0102  0.0121  -0.0116 7  PRO A CD  
52  N N   . VAL A 8  ? 0.3147 0.3021 0.3018 -0.0045 0.0143  0.0042  8  VAL A N   
53  C CA  . VAL A 8  ? 0.3420 0.3174 0.3155 0.0000  0.0135  0.0132  8  VAL A CA  
54  C C   . VAL A 8  ? 0.3497 0.3355 0.3070 0.0042  0.0120  0.0171  8  VAL A C   
55  O O   . VAL A 8  ? 0.3390 0.3336 0.2911 0.0006  0.0166  0.0117  8  VAL A O   
56  C CB  . VAL A 8  ? 0.3717 0.3272 0.3417 -0.0045 0.0241  0.0213  8  VAL A CB  
57  C CG1 . VAL A 8  ? 0.3876 0.3390 0.3704 -0.0151 0.0254  0.0122  8  VAL A CG1 
58  C CG2 . VAL A 8  ? 0.3844 0.3406 0.3459 -0.0094 0.0341  0.0268  8  VAL A CG2 
59  N N   . ALA A 9  ? 0.3844 0.3730 0.3346 0.0114  0.0059  0.0261  9  ALA A N   
60  C CA  . ALA A 9  ? 0.4049 0.4149 0.3396 0.0130  0.0002  0.0299  9  ALA A CA  
61  C C   . ALA A 9  ? 0.4415 0.4534 0.3597 0.0107  0.0085  0.0382  9  ALA A C   
62  O O   . ALA A 9  ? 0.4611 0.4557 0.3787 0.0135  0.0174  0.0521  9  ALA A O   
63  C CB  . ALA A 9  ? 0.4209 0.4403 0.3562 0.0232  -0.0070 0.0446  9  ALA A CB  
64  N N   . GLY A 10 ? 0.4530 0.4826 0.3565 0.0035  0.0086  0.0282  10 GLY A N   
65  C CA  . GLY A 10 ? 0.4735 0.5099 0.3573 -0.0008 0.0173  0.0340  10 GLY A CA  
66  C C   . GLY A 10 ? 0.4732 0.4977 0.3641 -0.0066 0.0314  0.0256  10 GLY A C   
67  O O   . GLY A 10 ? 0.5015 0.5330 0.3754 -0.0112 0.0409  0.0300  10 GLY A O   
68  N N   . GLU A 11 ? 0.4403 0.4195 0.4207 0.0171  0.0091  0.0187  11 GLU A N   
69  C CA  . GLU A 11 ? 0.4343 0.4032 0.4077 0.0053  0.0080  0.0111  11 GLU A CA  
70  C C   . GLU A 11 ? 0.4145 0.3981 0.3959 0.0000  0.0005  0.0083  11 GLU A C   
71  O O   . GLU A 11 ? 0.3782 0.3773 0.3689 0.0001  -0.0055 0.0089  11 GLU A O   
72  C CB  . GLU A 11 ? 0.4423 0.4057 0.4157 -0.0021 0.0081  0.0057  11 GLU A CB  
73  C CG  . GLU A 11 ? 0.4959 0.4327 0.4493 -0.0066 0.0152  0.0041  11 GLU A CG  
74  C CD  . GLU A 11 ? 0.5406 0.4736 0.4915 -0.0162 0.0112  -0.0012 11 GLU A CD  
75  O OE1 . GLU A 11 ? 0.4760 0.3971 0.4186 -0.0129 0.0151  -0.0004 11 GLU A OE1 
76  O OE2 . GLU A 11 ? 0.5373 0.4816 0.4956 -0.0256 0.0042  -0.0050 11 GLU A OE2 
77  N N   . ARG A 12 ? 0.4113 0.3867 0.3862 -0.0056 0.0029  0.0055  12 ARG A N   
78  C CA  . ARG A 12 ? 0.4106 0.3936 0.3897 -0.0100 0.0002  0.0026  12 ARG A CA  
79  C C   . ARG A 12 ? 0.3959 0.3847 0.3846 -0.0162 0.0006  -0.0017 12 ARG A C   
80  O O   . ARG A 12 ? 0.4082 0.3933 0.3971 -0.0213 0.0028  -0.0030 12 ARG A O   
81  C CB  . ARG A 12 ? 0.4343 0.4055 0.4004 -0.0098 0.0050  0.0043  12 ARG A CB  
82  C CG  . ARG A 12 ? 0.4609 0.4310 0.4166 -0.0041 0.0004  0.0089  12 ARG A CG  
83  C CD  . ARG A 12 ? 0.5095 0.4796 0.4620 0.0055  -0.0012 0.0157  12 ARG A CD  
84  N NE  . ARG A 12 ? 0.5157 0.4933 0.4619 0.0103  -0.0099 0.0217  12 ARG A NE  
85  C CZ  . ARG A 12 ? 0.5818 0.5810 0.5398 0.0156  -0.0184 0.0276  12 ARG A CZ  
86  N NH1 . ARG A 12 ? 0.5686 0.5811 0.5444 0.0186  -0.0167 0.0286  12 ARG A NH1 
87  N NH2 . ARG A 12 ? 0.6043 0.6133 0.5560 0.0171  -0.0291 0.0333  12 ARG A NH2 
88  N N   . PHE A 13 ? 0.3842 0.3811 0.3785 -0.0157 -0.0015 -0.0032 13 PHE A N   
89  C CA  . PHE A 13 ? 0.3970 0.4029 0.4019 -0.0170 -0.0011 -0.0049 13 PHE A CA  
90  C C   . PHE A 13 ? 0.4056 0.4111 0.4099 -0.0146 0.0047  -0.0044 13 PHE A C   
91  O O   . PHE A 13 ? 0.4224 0.4170 0.4131 -0.0138 0.0066  -0.0041 13 PHE A O   
92  C CB  . PHE A 13 ? 0.4011 0.4100 0.4083 -0.0147 -0.0062 -0.0060 13 PHE A CB  
93  C CG  . PHE A 13 ? 0.4352 0.4404 0.4404 -0.0165 -0.0092 -0.0063 13 PHE A CG  
94  C CD1 . PHE A 13 ? 0.4851 0.4908 0.4918 -0.0212 -0.0112 -0.0072 13 PHE A CD1 
95  C CD2 . PHE A 13 ? 0.4456 0.4464 0.4463 -0.0143 -0.0092 -0.0052 13 PHE A CD2 
96  C CE1 . PHE A 13 ? 0.4953 0.4887 0.4921 -0.0236 -0.0117 -0.0077 13 PHE A CE1 
97  C CE2 . PHE A 13 ? 0.4498 0.4431 0.4463 -0.0138 -0.0079 -0.0046 13 PHE A CE2 
98  C CZ  . PHE A 13 ? 0.4681 0.4531 0.4591 -0.0184 -0.0083 -0.0063 13 PHE A CZ  
99  N N   . GLU A 14 ? 0.4175 0.4353 0.4354 -0.0130 0.0077  -0.0035 14 GLU A N   
100 C CA  . GLU A 14 ? 0.4301 0.4466 0.4480 -0.0073 0.0173  -0.0015 14 GLU A CA  
101 C C   . GLU A 14 ? 0.4262 0.4381 0.4391 0.0009  0.0183  -0.0009 14 GLU A C   
102 O O   . GLU A 14 ? 0.4149 0.4351 0.4346 0.0031  0.0116  -0.0007 14 GLU A O   
103 C CB  . GLU A 14 ? 0.4378 0.4744 0.4777 -0.0085 0.0237  0.0014  14 GLU A CB  
104 C CG  . GLU A 14 ? 0.4539 0.4876 0.4926 -0.0185 0.0270  0.0004  14 GLU A CG  
105 C CD  . GLU A 14 ? 0.5068 0.5617 0.5681 -0.0229 0.0360  0.0033  14 GLU A CD  
106 O OE1 . GLU A 14 ? 0.5319 0.6151 0.6184 -0.0195 0.0336  0.0071  14 GLU A OE1 
107 O OE2 . GLU A 14 ? 0.4617 0.5060 0.5159 -0.0294 0.0454  0.0027  14 GLU A OE2 
108 N N   . ALA A 15 ? 0.4517 0.4454 0.4477 0.0056  0.0282  -0.0004 15 ALA A N   
109 C CA  . ALA A 15 ? 0.4698 0.4477 0.4504 0.0130  0.0326  0.0000  15 ALA A CA  
110 C C   . ALA A 15 ? 0.4801 0.4741 0.4781 0.0251  0.0344  0.0047  15 ALA A C   
111 O O   . ALA A 15 ? 0.4803 0.4976 0.5024 0.0313  0.0390  0.0099  15 ALA A O   
112 C CB  . ALA A 15 ? 0.5106 0.4588 0.4631 0.0151  0.0461  -0.0001 15 ALA A CB  
113 N N   . GLY A 16 ? 0.4970 0.4806 0.4833 0.0285  0.0307  0.0039  16 GLY A N   
114 C CA  . GLY A 16 ? 0.5046 0.4999 0.5021 0.0427  0.0316  0.0098  16 GLY A CA  
115 C C   . GLY A 16 ? 0.4875 0.5122 0.5092 0.0403  0.0170  0.0114  16 GLY A C   
116 O O   . GLY A 16 ? 0.4928 0.5264 0.5197 0.0514  0.0135  0.0166  16 GLY A O   
117 N N   . LYS A 17 ? 0.4821 0.5176 0.5132 0.0262  0.0085  0.0074  17 LYS A N   
118 C CA  . LYS A 17 ? 0.4803 0.5310 0.5218 0.0195  -0.0050 0.0069  17 LYS A CA  
119 C C   . LYS A 17 ? 0.4845 0.5135 0.5050 0.0176  -0.0101 0.0028  17 LYS A C   
120 O O   . LYS A 17 ? 0.4930 0.5015 0.4966 0.0144  -0.0054 -0.0011 17 LYS A O   
121 C CB  . LYS A 17 ? 0.4824 0.5421 0.5331 0.0055  -0.0080 0.0039  17 LYS A CB  
122 C CG  . LYS A 17 ? 0.5129 0.5999 0.5885 0.0030  -0.0054 0.0080  17 LYS A CG  
123 C CD  . LYS A 17 ? 0.5660 0.6823 0.6612 0.0010  -0.0173 0.0124  17 LYS A CD  
124 C CE  . LYS A 17 ? 0.5954 0.7448 0.7186 -0.0099 -0.0177 0.0156  17 LYS A CE  
125 N NZ  . LYS A 17 ? 0.5772 0.7539 0.7277 0.0013  -0.0060 0.0234  17 LYS A NZ  
126 N N   . ASP A 18 ? 0.4718 0.5049 0.4918 0.0190  -0.0191 0.0043  18 ASP A N   
127 C CA  . ASP A 18 ? 0.4608 0.4715 0.4604 0.0155  -0.0215 0.0002  18 ASP A CA  
128 C C   . ASP A 18 ? 0.4410 0.4477 0.4399 0.0029  -0.0226 -0.0044 18 ASP A C   
129 O O   . ASP A 18 ? 0.4217 0.4404 0.4310 -0.0037 -0.0262 -0.0043 18 ASP A O   
130 C CB  . ASP A 18 ? 0.4801 0.4915 0.4740 0.0189  -0.0312 0.0029  18 ASP A CB  
131 C CG  . ASP A 18 ? 0.4843 0.4948 0.4737 0.0353  -0.0300 0.0091  18 ASP A CG  
132 O OD1 . ASP A 18 ? 0.4799 0.4869 0.4692 0.0452  -0.0192 0.0115  18 ASP A OD1 
133 O OD2 . ASP A 18 ? 0.5116 0.5204 0.4924 0.0390  -0.0393 0.0120  18 ASP A OD2 
134 N N   . ILE A 19 ? 0.4164 0.4065 0.4029 -0.0002 -0.0184 -0.0078 19 ILE A N   
135 C CA  . ILE A 19 ? 0.3921 0.3795 0.3786 -0.0077 -0.0184 -0.0097 19 ILE A CA  
136 C C   . ILE A 19 ? 0.3747 0.3474 0.3476 -0.0082 -0.0199 -0.0106 19 ILE A C   
137 O O   . ILE A 19 ? 0.3769 0.3370 0.3389 -0.0063 -0.0164 -0.0115 19 ILE A O   
138 C CB  . ILE A 19 ? 0.3809 0.3667 0.3675 -0.0104 -0.0134 -0.0106 19 ILE A CB  
139 C CG1 . ILE A 19 ? 0.3910 0.3857 0.3841 -0.0106 -0.0123 -0.0098 19 ILE A CG1 
140 C CG2 . ILE A 19 ? 0.3877 0.3719 0.3755 -0.0129 -0.0114 -0.0100 19 ILE A CG2 
141 C CD1 . ILE A 19 ? 0.3374 0.3300 0.3257 -0.0143 -0.0105 -0.0104 19 ILE A CD1 
142 N N   . ASN A 20 ? 0.2919 0.3773 0.3239 -0.0064 0.0267  0.0175  20 ASN A N   
143 C CA  . ASN A 20 ? 0.2970 0.3906 0.3368 -0.0088 0.0210  0.0163  20 ASN A CA  
144 C C   . ASN A 20 ? 0.2838 0.3438 0.3124 -0.0122 0.0192  0.0166  20 ASN A C   
145 O O   . ASN A 20 ? 0.2978 0.3369 0.3138 -0.0217 0.0255  0.0163  20 ASN A O   
146 C CB  . ASN A 20 ? 0.3087 0.4357 0.3577 -0.0240 0.0245  0.0116  20 ASN A CB  
147 C CG  . ASN A 20 ? 0.3594 0.5322 0.4236 -0.0152 0.0241  0.0125  20 ASN A CG  
148 O OD1 . ASN A 20 ? 0.3824 0.5673 0.4538 0.0011  0.0181  0.0164  20 ASN A OD1 
149 N ND2 . ASN A 20 ? 0.4132 0.6098 0.4804 -0.0240 0.0317  0.0097  20 ASN A ND2 
150 N N   . ILE A 21 ? 0.2651 0.3191 0.2965 -0.0033 0.0118  0.0180  21 ILE A N   
151 C CA  . ILE A 21 ? 0.2305 0.2586 0.2534 -0.0027 0.0092  0.0189  21 ILE A CA  
152 C C   . ILE A 21 ? 0.2231 0.2575 0.2517 -0.0085 0.0066  0.0163  21 ILE A C   
153 O O   . ILE A 21 ? 0.2145 0.2691 0.2532 -0.0051 0.0020  0.0162  21 ILE A O   
154 C CB  . ILE A 21 ? 0.2334 0.2508 0.2537 0.0095  0.0034  0.0209  21 ILE A CB  
155 C CG1 . ILE A 21 ? 0.2211 0.2371 0.2359 0.0148  0.0059  0.0218  21 ILE A CG1 
156 C CG2 . ILE A 21 ? 0.1926 0.1912 0.2046 0.0106  0.0016  0.0221  21 ILE A CG2 
157 C CD1 . ILE A 21 ? 0.2040 0.2143 0.2161 0.0230  0.0021  0.0209  21 ILE A CD1 
158 N N   . SER A 22 ? 0.2455 0.2611 0.2651 -0.0161 0.0103  0.0148  22 SER A N   
159 C CA  . SER A 22 ? 0.2381 0.2548 0.2594 -0.0226 0.0093  0.0112  22 SER A CA  
160 C C   . SER A 22 ? 0.2490 0.2391 0.2613 -0.0156 0.0087  0.0132  22 SER A C   
161 O O   . SER A 22 ? 0.2763 0.2449 0.2766 -0.0117 0.0136  0.0163  22 SER A O   
162 C CB  . SER A 22 ? 0.2703 0.2871 0.2857 -0.0411 0.0183  0.0052  22 SER A CB  
163 O OG  . SER A 22 ? 0.3490 0.4010 0.3753 -0.0479 0.0183  0.0027  22 SER A OG  
164 N N   . ALA A 23 ? 0.2172 0.2121 0.2350 -0.0134 0.0036  0.0119  23 ALA A N   
165 C CA  . ALA A 23 ? 0.2510 0.2293 0.2634 -0.0057 0.0027  0.0134  23 ALA A CA  
166 C C   . ALA A 23 ? 0.2534 0.2310 0.2655 -0.0130 0.0044  0.0085  23 ALA A C   
167 O O   . ALA A 23 ? 0.2562 0.2539 0.2761 -0.0207 0.0015  0.0053  23 ALA A O   
168 C CB  . ALA A 23 ? 0.2021 0.1894 0.2214 0.0051  -0.0055 0.0163  23 ALA A CB  
169 N N   . THR A 24 ? 0.2697 0.2244 0.2705 -0.0100 0.0102  0.0083  24 THR A N   
170 C CA  . THR A 24 ? 0.3013 0.2508 0.2989 -0.0150 0.0131  0.0033  24 THR A CA  
171 C C   . THR A 24 ? 0.3015 0.2533 0.3030 -0.0011 0.0083  0.0063  24 THR A C   
172 O O   . THR A 24 ? 0.2891 0.2344 0.2872 0.0120  0.0082  0.0116  24 THR A O   
173 C CB  . THR A 24 ? 0.3377 0.2534 0.3151 -0.0211 0.0274  0.0001  24 THR A CB  
174 O OG1 . THR A 24 ? 0.3754 0.2892 0.3474 -0.0378 0.0339  -0.0041 24 THR A OG1 
175 C CG2 . THR A 24 ? 0.3638 0.2689 0.3342 -0.0265 0.0329  -0.0067 24 THR A CG2 
176 N N   . VAL A 25 ? 0.2888 0.2533 0.2969 -0.0047 0.0048  0.0028  25 VAL A N   
177 C CA  . VAL A 25 ? 0.2774 0.2478 0.2899 0.0053  0.0015  0.0042  25 VAL A CA  
178 C C   . VAL A 25 ? 0.3086 0.2678 0.3132 0.0018  0.0084  -0.0010 25 VAL A C   
179 O O   . VAL A 25 ? 0.3166 0.2808 0.3205 -0.0110 0.0091  -0.0066 25 VAL A O   
180 C CB  . VAL A 25 ? 0.2469 0.2400 0.2718 0.0040  -0.0076 0.0052  25 VAL A CB  
181 C CG1 . VAL A 25 ? 0.2619 0.2637 0.2910 0.0117  -0.0100 0.0060  25 VAL A CG1 
182 C CG2 . VAL A 25 ? 0.2657 0.2645 0.2947 0.0058  -0.0118 0.0089  25 VAL A CG2 
183 N N   . LYS A 26 ? 0.3151 0.2617 0.3129 0.0143  0.0138  0.0007  26 LYS A N   
184 C CA  . LYS A 26 ? 0.3489 0.2846 0.3389 0.0141  0.0212  -0.0041 26 LYS A CA  
185 C C   . LYS A 26 ? 0.3282 0.2877 0.3302 0.0247  0.0151  -0.0019 26 LYS A C   
186 O O   . LYS A 26 ? 0.3310 0.2967 0.3349 0.0399  0.0143  0.0035  26 LYS A O   
187 C CB  . LYS A 26 ? 0.3868 0.2867 0.3567 0.0238  0.0351  -0.0030 26 LYS A CB  
188 C CG  . LYS A 26 ? 0.4640 0.3459 0.4217 0.0233  0.0460  -0.0096 26 LYS A CG  
189 C CD  . LYS A 26 ? 0.5931 0.4262 0.5229 0.0239  0.0646  -0.0121 26 LYS A CD  
190 C CE  . LYS A 26 ? 0.6706 0.4833 0.5874 0.0487  0.0755  -0.0072 26 LYS A CE  
191 N NZ  . LYS A 26 ? 0.7363 0.5426 0.6471 0.0448  0.0829  -0.0162 26 LYS A NZ  
192 N N   A SER A 27 ? 0.3161 0.2900 0.3241 0.0160  0.0120  -0.0062 27 SER A N   
193 N N   B SER A 27 ? 0.3133 0.2876 0.3216 0.0159  0.0118  -0.0062 27 SER A N   
194 C CA  A SER A 27 ? 0.2929 0.2886 0.3104 0.0220  0.0085  -0.0057 27 SER A CA  
195 C CA  B SER A 27 ? 0.2917 0.2890 0.3102 0.0215  0.0077  -0.0055 27 SER A CA  
196 C C   A SER A 27 ? 0.2936 0.2928 0.3091 0.0122  0.0106  -0.0116 27 SER A C   
197 C C   B SER A 27 ? 0.2856 0.2893 0.3039 0.0117  0.0087  -0.0109 27 SER A C   
198 O O   A SER A 27 ? 0.3042 0.3018 0.3166 -0.0012 0.0094  -0.0149 27 SER A O   
199 O O   B SER A 27 ? 0.2740 0.2813 0.2921 -0.0010 0.0051  -0.0126 27 SER A O   
200 C CB  A SER A 27 ? 0.2816 0.3001 0.3121 0.0196  -0.0015 -0.0022 27 SER A CB  
201 C CB  B SER A 27 ? 0.2783 0.2965 0.3088 0.0196  -0.0021 -0.0018 27 SER A CB  
202 O OG  A SER A 27 ? 0.2227 0.2638 0.2614 0.0217  -0.0036 -0.0029 27 SER A OG  
203 O OG  B SER A 27 ? 0.2525 0.2807 0.2874 0.0081  -0.0063 -0.0032 27 SER A OG  
204 N N   . LYS A 28 ? 0.2757 0.2855 0.2940 0.0192  0.0133  -0.0128 28 LYS A N   
205 C CA  . LYS A 28 ? 0.2724 0.2899 0.2896 0.0110  0.0150  -0.0177 28 LYS A CA  
206 C C   . LYS A 28 ? 0.2363 0.2751 0.2627 0.0013  0.0065  -0.0154 28 LYS A C   
207 O O   . LYS A 28 ? 0.2802 0.3238 0.3033 -0.0077 0.0066  -0.0179 28 LYS A O   
208 C CB  . LYS A 28 ? 0.2662 0.2896 0.2833 0.0235  0.0220  -0.0193 28 LYS A CB  
209 C CG  . LYS A 28 ? 0.3507 0.3471 0.3534 0.0377  0.0345  -0.0207 28 LYS A CG  
210 C CD  . LYS A 28 ? 0.4368 0.4053 0.4221 0.0265  0.0438  -0.0290 28 LYS A CD  
211 C CE  . LYS A 28 ? 0.4981 0.4260 0.4624 0.0366  0.0589  -0.0307 28 LYS A CE  
212 N NZ  . LYS A 28 ? 0.4945 0.4202 0.4551 0.0590  0.0683  -0.0287 28 LYS A NZ  
213 N N   . THR A 29 ? 0.2079 0.2573 0.2432 0.0032  0.0004  -0.0108 29 THR A N   
214 C CA  . THR A 29 ? 0.1849 0.2458 0.2242 -0.0053 -0.0042 -0.0086 29 THR A CA  
215 C C   . THR A 29 ? 0.1882 0.2398 0.2246 -0.0100 -0.0088 -0.0049 29 THR A C   
216 O O   . THR A 29 ? 0.1652 0.2087 0.2018 -0.0065 -0.0102 -0.0037 29 THR A O   
217 C CB  . THR A 29 ? 0.1852 0.2624 0.2331 -0.0033 -0.0064 -0.0077 29 THR A CB  
218 O OG1 . THR A 29 ? 0.2292 0.3240 0.2820 0.0038  -0.0023 -0.0107 29 THR A OG1 
219 C CG2 . THR A 29 ? 0.1612 0.2411 0.2081 -0.0144 -0.0078 -0.0064 29 THR A CG2 
220 N N   . PRO A 30 ? 0.2067 0.2603 0.2392 -0.0166 -0.0104 -0.0022 30 PRO A N   
221 C CA  . PRO A 30 ? 0.1894 0.2383 0.2196 -0.0168 -0.0141 0.0025  30 PRO A CA  
222 C C   . PRO A 30 ? 0.1847 0.2282 0.2186 -0.0134 -0.0163 0.0053  30 PRO A C   
223 O O   . PRO A 30 ? 0.1914 0.2361 0.2272 -0.0149 -0.0153 0.0048  30 PRO A O   
224 C CB  . PRO A 30 ? 0.1989 0.2500 0.2222 -0.0200 -0.0141 0.0072  30 PRO A CB  
225 C CG  . PRO A 30 ? 0.2159 0.2740 0.2362 -0.0242 -0.0109 0.0027  30 PRO A CG  
226 C CD  . PRO A 30 ? 0.2017 0.2615 0.2296 -0.0221 -0.0081 -0.0023 30 PRO A CD  
227 N N   . VAL A 31 ? 0.1970 0.2369 0.2311 -0.0107 -0.0185 0.0074  31 VAL A N   
228 C CA  . VAL A 31 ? 0.2059 0.2398 0.2418 -0.0073 -0.0199 0.0098  31 VAL A CA  
229 C C   . VAL A 31 ? 0.2335 0.2622 0.2636 -0.0060 -0.0197 0.0156  31 VAL A C   
230 O O   . VAL A 31 ? 0.2430 0.2773 0.2705 -0.0035 -0.0209 0.0196  31 VAL A O   
231 C CB  . VAL A 31 ? 0.1958 0.2279 0.2338 -0.0046 -0.0206 0.0092  31 VAL A CB  
232 C CG1 . VAL A 31 ? 0.1912 0.2180 0.2298 -0.0009 -0.0218 0.0118  31 VAL A CG1 
233 C CG2 . VAL A 31 ? 0.2256 0.2542 0.2637 -0.0035 -0.0177 0.0048  31 VAL A CG2 
234 N N   A SER A 32 ? 0.2356 0.2540 0.2621 -0.0072 -0.0175 0.0161  32 SER A N   
235 N N   B SER A 32 ? 0.2349 0.2537 0.2613 -0.0076 -0.0175 0.0161  32 SER A N   
236 C CA  A SER A 32 ? 0.2649 0.2689 0.2807 -0.0042 -0.0142 0.0222  32 SER A CA  
237 C CA  B SER A 32 ? 0.2521 0.2561 0.2681 -0.0047 -0.0140 0.0218  32 SER A CA  
238 C C   A SER A 32 ? 0.2599 0.2604 0.2763 0.0034  -0.0150 0.0249  32 SER A C   
239 C C   B SER A 32 ? 0.2502 0.2527 0.2677 0.0033  -0.0155 0.0246  32 SER A C   
240 O O   A SER A 32 ? 0.2624 0.2599 0.2727 0.0122  -0.0135 0.0320  32 SER A O   
241 O O   B SER A 32 ? 0.2511 0.2572 0.2655 0.0113  -0.0157 0.0310  32 SER A O   
242 C CB  A SER A 32 ? 0.2791 0.2673 0.2861 -0.0120 -0.0082 0.0198  32 SER A CB  
243 C CB  B SER A 32 ? 0.2662 0.2557 0.2744 -0.0130 -0.0085 0.0186  32 SER A CB  
244 O OG  A SER A 32 ? 0.3114 0.3043 0.3170 -0.0199 -0.0060 0.0177  32 SER A OG  
245 O OG  B SER A 32 ? 0.2779 0.2432 0.2717 -0.0100 -0.0022 0.0232  32 SER A OG  
246 N N   . LYS A 33 ? 0.2385 0.2410 0.2611 0.0019  -0.0168 0.0201  33 LYS A N   
247 C CA  . LYS A 33 ? 0.2432 0.2436 0.2665 0.0082  -0.0171 0.0218  33 LYS A CA  
248 C C   . LYS A 33 ? 0.2470 0.2527 0.2766 0.0060  -0.0197 0.0170  33 LYS A C   
249 O O   . LYS A 33 ? 0.2192 0.2289 0.2509 0.0016  -0.0206 0.0128  33 LYS A O   
250 C CB  . LYS A 33 ? 0.2633 0.2437 0.2751 0.0114  -0.0114 0.0242  33 LYS A CB  
251 C CG  . LYS A 33 ? 0.3001 0.2674 0.3048 0.0014  -0.0077 0.0180  33 LYS A CG  
252 C CD  . LYS A 33 ? 0.3821 0.3232 0.3714 0.0031  0.0005  0.0188  33 LYS A CD  
253 C CE  . LYS A 33 ? 0.4230 0.3520 0.4029 -0.0125 0.0056  0.0101  33 LYS A CE  
254 N NZ  . LYS A 33 ? 0.4555 0.3478 0.4130 -0.0139 0.0178  0.0096  33 LYS A NZ  
255 N N   . VAL A 34 ? 0.2222 0.2306 0.2543 0.0103  -0.0202 0.0182  34 VAL A N   
256 C CA  . VAL A 34 ? 0.2238 0.2329 0.2575 0.0102  -0.0212 0.0156  34 VAL A CA  
257 C C   . VAL A 34 ? 0.2248 0.2260 0.2535 0.0130  -0.0189 0.0161  34 VAL A C   
258 O O   . VAL A 34 ? 0.2338 0.2334 0.2609 0.0185  -0.0165 0.0196  34 VAL A O   
259 C CB  . VAL A 34 ? 0.2015 0.2157 0.2387 0.0101  -0.0211 0.0159  34 VAL A CB  
260 C CG1 . VAL A 34 ? 0.1826 0.1923 0.2169 0.0125  -0.0202 0.0155  34 VAL A CG1 
261 C CG2 . VAL A 34 ? 0.2548 0.2716 0.2933 0.0067  -0.0211 0.0139  34 VAL A CG2 
262 N N   . GLU A 35 ? 0.2152 0.2132 0.2397 0.0098  -0.0190 0.0121  35 GLU A N   
263 C CA  . GLU A 35 ? 0.2192 0.2083 0.2361 0.0101  -0.0161 0.0102  35 GLU A CA  
264 C C   . GLU A 35 ? 0.2267 0.2221 0.2448 0.0133  -0.0178 0.0106  35 GLU A C   
265 O O   . GLU A 35 ? 0.2344 0.2390 0.2556 0.0140  -0.0209 0.0109  35 GLU A O   
266 C CB  . GLU A 35 ? 0.2245 0.2102 0.2342 0.0011  -0.0147 0.0036  35 GLU A CB  
267 C CG  . GLU A 35 ? 0.2484 0.2218 0.2521 -0.0054 -0.0103 0.0024  35 GLU A CG  
268 C CD  . GLU A 35 ? 0.3529 0.3226 0.3468 -0.0194 -0.0067 -0.0066 35 GLU A CD  
269 O OE1 . GLU A 35 ? 0.3185 0.3084 0.3158 -0.0242 -0.0111 -0.0119 35 GLU A OE1 
270 O OE2 . GLU A 35 ? 0.3888 0.3359 0.3700 -0.0260 0.0014  -0.0082 35 GLU A OE2 
271 N N   . PHE A 36 ? 0.2352 0.2245 0.2493 0.0171  -0.0143 0.0115  36 PHE A N   
272 C CA  . PHE A 36 ? 0.2405 0.2342 0.2536 0.0196  -0.0144 0.0125  36 PHE A CA  
273 C C   . PHE A 36 ? 0.2356 0.2231 0.2382 0.0179  -0.0122 0.0079  36 PHE A C   
274 O O   . PHE A 36 ? 0.2642 0.2391 0.2602 0.0185  -0.0071 0.0058  36 PHE A O   
275 C CB  . PHE A 36 ? 0.2357 0.2330 0.2536 0.0238  -0.0115 0.0164  36 PHE A CB  
276 C CG  . PHE A 36 ? 0.2109 0.2166 0.2366 0.0214  -0.0129 0.0185  36 PHE A CG  
277 C CD1 . PHE A 36 ? 0.1895 0.1957 0.2147 0.0183  -0.0121 0.0192  36 PHE A CD1 
278 C CD2 . PHE A 36 ? 0.2322 0.2431 0.2628 0.0218  -0.0139 0.0198  36 PHE A CD2 
279 C CE1 . PHE A 36 ? 0.1591 0.1680 0.1877 0.0134  -0.0115 0.0190  36 PHE A CE1 
280 C CE2 . PHE A 36 ? 0.2164 0.2364 0.2524 0.0174  -0.0151 0.0199  36 PHE A CE2 
281 C CZ  . PHE A 36 ? 0.2092 0.2275 0.2440 0.0120  -0.0135 0.0186  36 PHE A CZ  
282 N N   . TYR A 37 ? 0.2215 0.2173 0.2203 0.0170  -0.0150 0.0066  37 TYR A N   
283 C CA  . TYR A 37 ? 0.2445 0.2407 0.2321 0.0134  -0.0140 0.0011  37 TYR A CA  
284 C C   . TYR A 37 ? 0.2405 0.2396 0.2227 0.0183  -0.0131 0.0040  37 TYR A C   
285 O O   . TYR A 37 ? 0.2703 0.2736 0.2550 0.0234  -0.0144 0.0102  37 TYR A O   
286 C CB  . TYR A 37 ? 0.2328 0.2464 0.2185 0.0076  -0.0193 -0.0034 37 TYR A CB  
287 C CG  . TYR A 37 ? 0.2592 0.2702 0.2466 -0.0016 -0.0184 -0.0090 37 TYR A CG  
288 C CD1 . TYR A 37 ? 0.2925 0.2926 0.2679 -0.0132 -0.0132 -0.0182 37 TYR A CD1 
289 C CD2 . TYR A 37 ? 0.2593 0.2754 0.2572 -0.0001 -0.0211 -0.0054 37 TYR A CD2 
290 C CE1 . TYR A 37 ? 0.3197 0.3126 0.2931 -0.0237 -0.0101 -0.0232 37 TYR A CE1 
291 C CE2 . TYR A 37 ? 0.2770 0.2895 0.2748 -0.0091 -0.0192 -0.0099 37 TYR A CE2 
292 C CZ  . TYR A 37 ? 0.3133 0.3127 0.2984 -0.0211 -0.0132 -0.0184 37 TYR A CZ  
293 O OH  . TYR A 37 ? 0.3289 0.3196 0.3101 -0.0321 -0.0089 -0.0229 37 TYR A OH  
294 N N   . ASN A 38 ? 0.2802 0.2747 0.2516 0.0157  -0.0095 -0.0012 38 ASN A N   
295 C CA  . ASN A 38 ? 0.3097 0.3103 0.2720 0.0183  -0.0093 0.0000  38 ASN A CA  
296 C C   . ASN A 38 ? 0.3169 0.3295 0.2686 0.0108  -0.0123 -0.0079 38 ASN A C   
297 O O   . ASN A 38 ? 0.3412 0.3434 0.2839 0.0025  -0.0076 -0.0171 38 ASN A O   
298 C CB  . ASN A 38 ? 0.3260 0.3144 0.2830 0.0206  -0.0014 -0.0010 38 ASN A CB  
299 C CG  . ASN A 38 ? 0.3441 0.3376 0.2888 0.0219  0.0001  -0.0009 38 ASN A CG  
300 O OD1 . ASN A 38 ? 0.3862 0.3905 0.3281 0.0248  -0.0041 0.0046  38 ASN A OD1 
301 N ND2 . ASN A 38 ? 0.3590 0.3433 0.2941 0.0210  0.0071  -0.0065 38 ASN A ND2 
302 N N   . GLY A 39 ? 0.3296 0.3636 0.2803 0.0139  -0.0190 -0.0045 39 GLY A N   
303 C CA  . GLY A 39 ? 0.3436 0.4021 0.2877 0.0060  -0.0240 -0.0123 39 GLY A CA  
304 C C   . GLY A 39 ? 0.3424 0.3994 0.2925 -0.0057 -0.0237 -0.0205 39 GLY A C   
305 O O   . GLY A 39 ? 0.3271 0.3847 0.2895 -0.0019 -0.0259 -0.0156 39 GLY A O   
306 N N   . ASP A 40 ? 0.3879 0.4412 0.3267 -0.0212 -0.0196 -0.0333 40 ASP A N   
307 C CA  . ASP A 40 ? 0.4065 0.4534 0.3467 -0.0351 -0.0166 -0.0417 40 ASP A CA  
308 C C   . ASP A 40 ? 0.4175 0.4217 0.3526 -0.0359 -0.0059 -0.0425 40 ASP A C   
309 O O   . ASP A 40 ? 0.4212 0.4108 0.3530 -0.0466 -0.0007 -0.0481 40 ASP A O   
310 C CB  . ASP A 40 ? 0.4415 0.5103 0.3692 -0.0553 -0.0167 -0.0569 40 ASP A CB  
311 C CG  . ASP A 40 ? 0.4707 0.5923 0.4051 -0.0519 -0.0284 -0.0548 40 ASP A CG  
312 O OD1 . ASP A 40 ? 0.4776 0.6141 0.4272 -0.0372 -0.0348 -0.0435 40 ASP A OD1 
313 O OD2 . ASP A 40 ? 0.5771 0.7245 0.4998 -0.0628 -0.0304 -0.0645 40 ASP A OD2 
314 N N   . THR A 41 ? 0.4040 0.3898 0.3378 -0.0238 -0.0017 -0.0363 41 THR A N   
315 C CA  . THR A 41 ? 0.4185 0.3689 0.3468 -0.0199 0.0088  -0.0355 41 THR A CA  
316 C C   . THR A 41 ? 0.3891 0.3373 0.3338 -0.0075 0.0065  -0.0239 41 THR A C   
317 O O   . THR A 41 ? 0.3586 0.3218 0.3157 0.0022  0.0007  -0.0154 41 THR A O   
318 C CB  . THR A 41 ? 0.4396 0.3759 0.3571 -0.0135 0.0159  -0.0363 41 THR A CB  
319 O OG1 . THR A 41 ? 0.4749 0.4138 0.3746 -0.0275 0.0183  -0.0488 41 THR A OG1 
320 C CG2 . THR A 41 ? 0.4405 0.3418 0.3510 -0.0047 0.0282  -0.0342 41 THR A CG2 
321 N N   . LEU A 42 ? 0.4034 0.3319 0.3455 -0.0095 0.0119  -0.0241 42 LEU A N   
322 C CA  . LEU A 42 ? 0.3861 0.3140 0.3412 0.0012  0.0101  -0.0139 42 LEU A CA  
323 C C   . LEU A 42 ? 0.3942 0.3149 0.3511 0.0166  0.0148  -0.0069 42 LEU A C   
324 O O   . LEU A 42 ? 0.4238 0.3210 0.3668 0.0211  0.0250  -0.0086 42 LEU A O   
325 C CB  . LEU A 42 ? 0.4121 0.3199 0.3603 -0.0043 0.0157  -0.0153 42 LEU A CB  
326 C CG  . LEU A 42 ? 0.3587 0.2699 0.3189 0.0056  0.0131  -0.0052 42 LEU A CG  
327 C CD1 . LEU A 42 ? 0.3285 0.2682 0.3060 0.0031  0.0022  -0.0029 42 LEU A CD1 
328 C CD2 . LEU A 42 ? 0.4716 0.3544 0.4177 0.0026  0.0222  -0.0052 42 LEU A CD2 
329 N N   . ILE A 43 ? 0.4452 0.3443 0.3660 -0.0152 -0.0176 -0.0309 43 ILE A N   
330 C CA  . ILE A 43 ? 0.4422 0.3370 0.3621 -0.0071 -0.0130 -0.0283 43 ILE A CA  
331 C C   . ILE A 43 ? 0.4440 0.3318 0.3707 -0.0041 -0.0101 -0.0237 43 ILE A C   
332 O O   . ILE A 43 ? 0.4467 0.3225 0.3725 -0.0011 -0.0048 -0.0243 43 ILE A O   
333 C CB  . ILE A 43 ? 0.4354 0.3440 0.3591 -0.0026 -0.0148 -0.0233 43 ILE A CB  
334 C CG1 . ILE A 43 ? 0.4362 0.3529 0.3528 -0.0047 -0.0174 -0.0260 43 ILE A CG1 
335 C CG2 . ILE A 43 ? 0.4239 0.3294 0.3512 0.0053  -0.0102 -0.0201 43 ILE A CG2 
336 C CD1 . ILE A 43 ? 0.3810 0.3122 0.3037 -0.0016 -0.0188 -0.0201 43 ILE A CD1 
337 N N   . SER A 44 ? 0.4189 0.3139 0.3517 -0.0047 -0.0130 -0.0187 44 SER A N   
338 C CA  . SER A 44 ? 0.4265 0.3172 0.3634 -0.0014 -0.0115 -0.0131 44 SER A CA  
339 C C   . SER A 44 ? 0.4181 0.3169 0.3581 -0.0037 -0.0145 -0.0096 44 SER A C   
340 O O   . SER A 44 ? 0.3900 0.2972 0.3312 -0.0076 -0.0172 -0.0109 44 SER A O   
341 C CB  . SER A 44 ? 0.4304 0.3236 0.3703 0.0061  -0.0108 -0.0088 44 SER A CB  
342 O OG  . SER A 44 ? 0.4619 0.3680 0.4051 0.0073  -0.0146 -0.0070 44 SER A OG  
343 N N   . SER A 45 ? 0.4122 0.3082 0.3528 -0.0008 -0.0137 -0.0044 45 SER A N   
344 C CA  . SER A 45 ? 0.4195 0.3214 0.3607 -0.0022 -0.0152 -0.0012 45 SER A CA  
345 C C   . SER A 45 ? 0.4142 0.3181 0.3530 0.0029  -0.0166 0.0035  45 SER A C   
346 O O   . SER A 45 ? 0.4486 0.3496 0.3872 0.0076  -0.0166 0.0059  45 SER A O   
347 C CB  . SER A 45 ? 0.4361 0.3313 0.3782 -0.0065 -0.0122 -0.0004 45 SER A CB  
348 O OG  . SER A 45 ? 0.4902 0.3751 0.4306 -0.0033 -0.0084 0.0035  45 SER A OG  
349 N N   . ASP A 46 ? 0.3932 0.3023 0.3302 0.0020  -0.0178 0.0048  46 ASP A N   
350 C CA  . ASP A 46 ? 0.3944 0.3060 0.3270 0.0056  -0.0204 0.0076  46 ASP A CA  
351 C C   . ASP A 46 ? 0.4129 0.3220 0.3387 0.0043  -0.0183 0.0099  46 ASP A C   
352 O O   . ASP A 46 ? 0.3968 0.3076 0.3248 0.0006  -0.0158 0.0085  46 ASP A O   
353 C CB  . ASP A 46 ? 0.3838 0.3050 0.3205 0.0057  -0.0238 0.0046  46 ASP A CB  
354 C CG  . ASP A 46 ? 0.3837 0.3095 0.3182 0.0087  -0.0285 0.0058  46 ASP A CG  
355 O OD1 . ASP A 46 ? 0.3224 0.2448 0.2490 0.0112  -0.0299 0.0097  46 ASP A OD1 
356 O OD2 . ASP A 46 ? 0.3228 0.2560 0.2640 0.0085  -0.0309 0.0031  46 ASP A OD2 
357 N N   . THR A 47 ? 0.4306 0.3357 0.3481 0.0079  -0.0187 0.0144  47 THR A N   
358 C CA  . THR A 47 ? 0.4393 0.3399 0.3473 0.0076  -0.0152 0.0173  47 THR A CA  
359 C C   . THR A 47 ? 0.4511 0.3562 0.3497 0.0082  -0.0187 0.0156  47 THR A C   
360 O O   . THR A 47 ? 0.4648 0.3654 0.3530 0.0081  -0.0151 0.0170  47 THR A O   
361 C CB  . THR A 47 ? 0.4597 0.3519 0.3614 0.0116  -0.0121 0.0243  47 THR A CB  
362 O OG1 . THR A 47 ? 0.4760 0.3717 0.3718 0.0168  -0.0178 0.0276  47 THR A OG1 
363 C CG2 . THR A 47 ? 0.4457 0.3310 0.3570 0.0104  -0.0076 0.0252  47 THR A CG2 
364 N N   A THR A 48 ? 0.4511 0.3644 0.3538 0.0085  -0.0250 0.0121  48 THR A N   
365 N N   B THR A 48 ? 0.4487 0.3619 0.3504 0.0088  -0.0253 0.0124  48 THR A N   
366 C CA  A THR A 48 ? 0.4667 0.3850 0.3620 0.0085  -0.0301 0.0092  48 THR A CA  
367 C CA  B THR A 48 ? 0.4603 0.3774 0.3537 0.0079  -0.0289 0.0090  48 THR A CA  
368 C C   A THR A 48 ? 0.4539 0.3791 0.3591 0.0048  -0.0312 0.0026  48 THR A C   
369 C C   B THR A 48 ? 0.4499 0.3747 0.3541 0.0050  -0.0313 0.0028  48 THR A C   
370 O O   A THR A 48 ? 0.4554 0.3856 0.3730 0.0053  -0.0327 0.0017  48 THR A O   
371 O O   B THR A 48 ? 0.4449 0.3749 0.3611 0.0058  -0.0336 0.0024  48 THR A O   
372 C CB  A THR A 48 ? 0.4728 0.3966 0.3671 0.0129  -0.0380 0.0127  48 THR A CB  
373 C CB  B THR A 48 ? 0.4724 0.3919 0.3552 0.0119  -0.0358 0.0124  48 THR A CB  
374 O OG1 A THR A 48 ? 0.4967 0.4141 0.3878 0.0174  -0.0354 0.0205  48 THR A OG1 
375 O OG1 B THR A 48 ? 0.4817 0.3990 0.3680 0.0166  -0.0356 0.0194  48 THR A OG1 
376 C CG2 A THR A 48 ? 0.4824 0.4110 0.3650 0.0124  -0.0448 0.0103  48 THR A CG2 
377 C CG2 B THR A 48 ? 0.4956 0.4091 0.3586 0.0123  -0.0338 0.0136  48 THR A CG2 
378 N N   . ALA A 49 ? 0.4550 0.3793 0.3550 0.0018  -0.0292 -0.0018 49 ALA A N   
379 C CA  . ALA A 49 ? 0.4462 0.3760 0.3566 -0.0012 -0.0291 -0.0075 49 ALA A CA  
380 C C   . ALA A 49 ? 0.4384 0.3760 0.3515 -0.0009 -0.0379 -0.0104 49 ALA A C   
381 O O   . ALA A 49 ? 0.4533 0.3915 0.3555 0.0009  -0.0440 -0.0087 49 ALA A O   
382 C CB  . ALA A 49 ? 0.4454 0.3702 0.3490 -0.0044 -0.0232 -0.0114 49 ALA A CB  
383 N N   . PRO A 50 ? 0.4072 0.3516 0.3357 -0.0023 -0.0386 -0.0137 50 PRO A N   
384 C CA  . PRO A 50 ? 0.3771 0.3227 0.3189 -0.0029 -0.0322 -0.0135 50 PRO A CA  
385 C C   . PRO A 50 ? 0.3479 0.2931 0.2933 0.0003  -0.0314 -0.0083 50 PRO A C   
386 O O   . PRO A 50 ? 0.3327 0.2789 0.2778 0.0033  -0.0357 -0.0056 50 PRO A O   
387 C CB  . PRO A 50 ? 0.3627 0.3154 0.3184 -0.0044 -0.0340 -0.0176 50 PRO A CB  
388 C CG  . PRO A 50 ? 0.4027 0.3608 0.3573 -0.0033 -0.0436 -0.0176 50 PRO A CG  
389 C CD  . PRO A 50 ? 0.4247 0.3773 0.3597 -0.0034 -0.0464 -0.0172 50 PRO A CD  
390 N N   . TYR A 51 ? 0.3272 0.2702 0.2748 -0.0005 -0.0257 -0.0068 51 TYR A N   
391 C CA  . TYR A 51 ? 0.3258 0.2670 0.2744 0.0010  -0.0247 -0.0037 51 TYR A CA  
392 C C   . TYR A 51 ? 0.3262 0.2725 0.2847 0.0028  -0.0250 -0.0038 51 TYR A C   
393 O O   . TYR A 51 ? 0.3517 0.3030 0.3180 0.0022  -0.0223 -0.0047 51 TYR A O   
394 C CB  . TYR A 51 ? 0.3245 0.2632 0.2724 -0.0015 -0.0198 -0.0022 51 TYR A CB  
395 C CG  . TYR A 51 ? 0.2863 0.2185 0.2247 -0.0027 -0.0173 -0.0011 51 TYR A CG  
396 C CD1 . TYR A 51 ? 0.3066 0.2322 0.2368 -0.0014 -0.0180 0.0017  51 TYR A CD1 
397 C CD2 . TYR A 51 ? 0.2952 0.2267 0.2328 -0.0044 -0.0131 -0.0023 51 TYR A CD2 
398 C CE1 . TYR A 51 ? 0.3312 0.2502 0.2516 -0.0016 -0.0145 0.0037  51 TYR A CE1 
399 C CE2 . TYR A 51 ? 0.3662 0.2903 0.2932 -0.0049 -0.0093 -0.0012 51 TYR A CE2 
400 C CZ  . TYR A 51 ? 0.3422 0.2603 0.2601 -0.0033 -0.0102 0.0021  51 TYR A CZ  
401 O OH  . TYR A 51 ? 0.3760 0.2863 0.2827 -0.0031 -0.0053 0.0041  51 TYR A OH  
402 N N   . THR A 52 ? 0.3342 0.2784 0.2921 0.0055  -0.0267 -0.0024 52 THR A N   
403 C CA  . THR A 52 ? 0.3301 0.2769 0.2951 0.0081  -0.0256 -0.0024 52 THR A CA  
404 C C   . THR A 52 ? 0.3533 0.2932 0.3141 0.0097  -0.0242 -0.0016 52 THR A C   
405 O O   . THR A 52 ? 0.3478 0.2811 0.3029 0.0098  -0.0246 -0.0002 52 THR A O   
406 C CB  . THR A 52 ? 0.3477 0.2995 0.3210 0.0109  -0.0285 -0.0019 52 THR A CB  
407 O OG1 . THR A 52 ? 0.3095 0.2582 0.2791 0.0133  -0.0319 0.0007  52 THR A OG1 
408 C CG2 . THR A 52 ? 0.3151 0.2723 0.2925 0.0082  -0.0302 -0.0043 52 THR A CG2 
409 N N   . ALA A 53 ? 0.3255 0.3441 0.3721 -0.0193 -0.0515 -0.0345 53 ALA A N   
410 C CA  . ALA A 53 ? 0.3331 0.3551 0.3843 -0.0067 -0.0481 -0.0342 53 ALA A CA  
411 C C   . ALA A 53 ? 0.3266 0.3734 0.3898 -0.0101 -0.0462 -0.0359 53 ALA A C   
412 O O   . ALA A 53 ? 0.3423 0.3982 0.4081 -0.0237 -0.0466 -0.0374 53 ALA A O   
413 C CB  . ALA A 53 ? 0.3358 0.3305 0.3798 -0.0051 -0.0426 -0.0354 53 ALA A CB  
414 N N   . LYS A 54 ? 0.3455 0.3990 0.4126 0.0018  -0.0430 -0.0355 54 LYS A N   
415 C CA  . LYS A 54 ? 0.3603 0.4380 0.4385 -0.0001 -0.0400 -0.0367 54 LYS A CA  
416 C C   . LYS A 54 ? 0.3669 0.4310 0.4411 0.0111  -0.0341 -0.0372 54 LYS A C   
417 O O   . LYS A 54 ? 0.3784 0.4237 0.4427 0.0228  -0.0330 -0.0362 54 LYS A O   
418 C CB  . LYS A 54 ? 0.3770 0.4953 0.4672 0.0041  -0.0437 -0.0353 54 LYS A CB  
419 C CG  . LYS A 54 ? 0.4268 0.5516 0.5142 0.0266  -0.0448 -0.0319 54 LYS A CG  
420 C CD  . LYS A 54 ? 0.4719 0.6479 0.5735 0.0346  -0.0484 -0.0303 54 LYS A CD  
421 C CE  . LYS A 54 ? 0.5144 0.6940 0.6072 0.0569  -0.0524 -0.0260 54 LYS A CE  
422 N NZ  . LYS A 54 ? 0.4992 0.7321 0.6043 0.0610  -0.0601 -0.0249 54 LYS A NZ  
423 N N   . ILE A 55 ? 0.3677 0.4364 0.4461 0.0060  -0.0296 -0.0392 55 ILE A N   
424 C CA  . ILE A 55 ? 0.3681 0.4291 0.4428 0.0169  -0.0239 -0.0401 55 ILE A CA  
425 C C   . ILE A 55 ? 0.3802 0.4766 0.4669 0.0245  -0.0225 -0.0382 55 ILE A C   
426 O O   . ILE A 55 ? 0.3663 0.4860 0.4639 0.0135  -0.0214 -0.0387 55 ILE A O   
427 C CB  . ILE A 55 ? 0.3723 0.4199 0.4434 0.0086  -0.0199 -0.0432 55 ILE A CB  
428 C CG1 . ILE A 55 ? 0.3811 0.4023 0.4423 0.0017  -0.0219 -0.0450 55 ILE A CG1 
429 C CG2 . ILE A 55 ? 0.3464 0.3881 0.4127 0.0197  -0.0142 -0.0447 55 ILE A CG2 
430 C CD1 . ILE A 55 ? 0.4038 0.4179 0.4613 -0.0069 -0.0198 -0.0471 55 ILE A CD1 
431 N N   . THR A 56 ? 0.3907 0.4910 0.4736 0.0433  -0.0219 -0.0355 56 THR A N   
432 C CA  . THR A 56 ? 0.4070 0.5479 0.5020 0.0539  -0.0214 -0.0328 56 THR A CA  
433 C C   . THR A 56 ? 0.4080 0.5513 0.5033 0.0602  -0.0134 -0.0336 56 THR A C   
434 O O   . THR A 56 ? 0.3980 0.5077 0.4776 0.0673  -0.0086 -0.0351 56 THR A O   
435 C CB  . THR A 56 ? 0.4121 0.5628 0.5019 0.0748  -0.0246 -0.0285 56 THR A CB  
436 O OG1 . THR A 56 ? 0.5015 0.6318 0.5749 0.0971  -0.0180 -0.0265 56 THR A OG1 
437 C CG2 . THR A 56 ? 0.4115 0.5372 0.4907 0.0712  -0.0304 -0.0281 56 THR A CG2 
438 N N   . GLY A 57 ? 0.4038 0.5867 0.5158 0.0548  -0.0116 -0.0332 57 GLY A N   
439 C CA  . GLY A 57 ? 0.4170 0.6065 0.5304 0.0605  -0.0036 -0.0334 57 GLY A CA  
440 C C   . GLY A 57 ? 0.4217 0.5730 0.5224 0.0528  0.0006  -0.0369 57 GLY A C   
441 O O   . GLY A 57 ? 0.4289 0.5609 0.5173 0.0659  0.0060  -0.0375 57 GLY A O   
442 N N   . ALA A 58 ? 0.4163 0.5575 0.5181 0.0326  -0.0015 -0.0394 58 ALA A N   
443 C CA  . ALA A 58 ? 0.4194 0.5250 0.5077 0.0264  0.0004  -0.0428 58 ALA A CA  
444 C C   . ALA A 58 ? 0.4289 0.5316 0.5123 0.0326  0.0080  -0.0438 58 ALA A C   
445 O O   . ALA A 58 ? 0.4225 0.5495 0.5152 0.0291  0.0130  -0.0427 58 ALA A O   
446 C CB  . ALA A 58 ? 0.4214 0.5209 0.5099 0.0070  -0.0017 -0.0440 58 ALA A CB  
447 N N   . ALA A 59 ? 0.4304 0.5030 0.4982 0.0404  0.0093  -0.0467 59 ALA A N   
448 C CA  . ALA A 59 ? 0.4389 0.5042 0.4982 0.0466  0.0160  -0.0485 59 ALA A CA  
449 C C   . ALA A 59 ? 0.4168 0.4754 0.4738 0.0331  0.0168  -0.0507 59 ALA A C   
450 O O   . ALA A 59 ? 0.4088 0.4619 0.4666 0.0216  0.0122  -0.0509 59 ALA A O   
451 C CB  . ALA A 59 ? 0.4665 0.4987 0.5054 0.0574  0.0171  -0.0521 59 ALA A CB  
452 N N   . VAL A 60 ? 0.4171 0.4740 0.4678 0.0364  0.0231  -0.0517 60 VAL A N   
453 C CA  . VAL A 60 ? 0.3956 0.4445 0.4397 0.0270  0.0252  -0.0529 60 VAL A CA  
454 C C   . VAL A 60 ? 0.3981 0.4216 0.4280 0.0247  0.0201  -0.0573 60 VAL A C   
455 O O   . VAL A 60 ? 0.3970 0.4062 0.4181 0.0310  0.0181  -0.0611 60 VAL A O   
456 C CB  . VAL A 60 ? 0.4267 0.4805 0.4661 0.0336  0.0341  -0.0526 60 VAL A CB  
457 C CG1 . VAL A 60 ? 0.4187 0.4558 0.4435 0.0295  0.0364  -0.0545 60 VAL A CG1 
458 C CG2 . VAL A 60 ? 0.3935 0.4801 0.4493 0.0304  0.0402  -0.0481 60 VAL A CG2 
459 N N   . GLY A 61 ? 0.3731 0.3915 0.3987 0.0161  0.0190  -0.0569 61 GLY A N   
460 C CA  . GLY A 61 ? 0.3702 0.3727 0.3835 0.0153  0.0144  -0.0606 61 GLY A CA  
461 C C   . GLY A 61 ? 0.3619 0.3613 0.3743 0.0076  0.0108  -0.0586 61 GLY A C   
462 O O   . GLY A 61 ? 0.3706 0.3753 0.3889 0.0007  0.0124  -0.0548 61 GLY A O   
463 N N   . ALA A 62 ? 0.3528 0.3448 0.3567 0.0084  0.0062  -0.0615 62 ALA A N   
464 C CA  . ALA A 62 ? 0.3583 0.3469 0.3587 0.0045  0.0032  -0.0594 62 ALA A CA  
465 C C   . ALA A 62 ? 0.3361 0.3259 0.3461 0.0005  -0.0032 -0.0605 62 ALA A C   
466 O O   . ALA A 62 ? 0.3466 0.3360 0.3593 0.0016  -0.0056 -0.0647 62 ALA A O   
467 C CB  . ALA A 62 ? 0.3689 0.3544 0.3540 0.0106  0.0026  -0.0613 62 ALA A CB  
468 N N   . TYR A 63 ? 0.3153 0.3038 0.3283 -0.0048 -0.0044 -0.0567 63 TYR A N   
469 C CA  . TYR A 63 ? 0.3207 0.3091 0.3414 -0.0082 -0.0094 -0.0567 63 TYR A CA  
470 C C   . TYR A 63 ? 0.3202 0.3039 0.3336 -0.0095 -0.0113 -0.0550 63 TYR A C   
471 O O   . TYR A 63 ? 0.3403 0.3180 0.3449 -0.0105 -0.0082 -0.0516 63 TYR A O   
472 C CB  . TYR A 63 ? 0.3182 0.3114 0.3486 -0.0122 -0.0094 -0.0534 63 TYR A CB  
473 C CG  . TYR A 63 ? 0.3346 0.3367 0.3732 -0.0077 -0.0075 -0.0539 63 TYR A CG  
474 C CD1 . TYR A 63 ? 0.3754 0.3765 0.4184 -0.0036 -0.0100 -0.0545 63 TYR A CD1 
475 C CD2 . TYR A 63 ? 0.3606 0.3702 0.3996 -0.0058 -0.0019 -0.0535 63 TYR A CD2 
476 C CE1 . TYR A 63 ? 0.3787 0.3864 0.4252 0.0044  -0.0072 -0.0543 63 TYR A CE1 
477 C CE2 . TYR A 63 ? 0.3630 0.3832 0.4090 0.0007  0.0006  -0.0534 63 TYR A CE2 
478 C CZ  . TYR A 63 ? 0.4157 0.4347 0.4647 0.0071  -0.0021 -0.0536 63 TYR A CZ  
479 O OH  . TYR A 63 ? 0.3917 0.4193 0.4437 0.0174  0.0011  -0.0528 63 TYR A OH  
480 N N   . ASN A 64 ? 0.3057 0.2911 0.3206 -0.0099 -0.0155 -0.0574 64 ASN A N   
481 C CA  . ASN A 64 ? 0.3073 0.2916 0.3157 -0.0091 -0.0168 -0.0552 64 ASN A CA  
482 C C   . ASN A 64 ? 0.2847 0.2651 0.2991 -0.0140 -0.0195 -0.0533 64 ASN A C   
483 O O   . ASN A 64 ? 0.2898 0.2727 0.3095 -0.0164 -0.0220 -0.0560 64 ASN A O   
484 C CB  . ASN A 64 ? 0.3202 0.3157 0.3256 -0.0057 -0.0189 -0.0594 64 ASN A CB  
485 C CG  . ASN A 64 ? 0.3374 0.3370 0.3332 0.0015  -0.0166 -0.0609 64 ASN A CG  
486 O OD1 . ASN A 64 ? 0.4694 0.4773 0.4664 0.0015  -0.0182 -0.0664 64 ASN A OD1 
487 N ND2 . ASN A 64 ? 0.3267 0.3179 0.3097 0.0073  -0.0125 -0.0562 64 ASN A ND2 
488 N N   . LEU A 65 ? 0.2845 0.2572 0.2959 -0.0166 -0.0186 -0.0490 65 LEU A N   
489 C CA  . LEU A 65 ? 0.2567 0.2262 0.2740 -0.0208 -0.0216 -0.0473 65 LEU A CA  
490 C C   . LEU A 65 ? 0.2491 0.2142 0.2594 -0.0197 -0.0227 -0.0455 65 LEU A C   
491 O O   . LEU A 65 ? 0.2758 0.2360 0.2735 -0.0161 -0.0204 -0.0432 65 LEU A O   
492 C CB  . LEU A 65 ? 0.2627 0.2298 0.2798 -0.0259 -0.0208 -0.0446 65 LEU A CB  
493 C CG  . LEU A 65 ? 0.2492 0.2268 0.2748 -0.0264 -0.0190 -0.0459 65 LEU A CG  
494 C CD1 . LEU A 65 ? 0.2856 0.2671 0.3119 -0.0347 -0.0180 -0.0439 65 LEU A CD1 
495 C CD2 . LEU A 65 ? 0.2258 0.2101 0.2619 -0.0217 -0.0209 -0.0480 65 LEU A CD2 
496 N N   . LYS A 66 ? 0.2619 0.2272 0.2783 -0.0218 -0.0253 -0.0461 66 LYS A N   
497 C CA  . LYS A 66 ? 0.2770 0.2392 0.2882 -0.0211 -0.0257 -0.0439 66 LYS A CA  
498 C C   . LYS A 66 ? 0.2636 0.2178 0.2776 -0.0245 -0.0278 -0.0421 66 LYS A C   
499 O O   . LYS A 66 ? 0.2894 0.2432 0.3103 -0.0259 -0.0287 -0.0440 66 LYS A O   
500 C CB  . LYS A 66 ? 0.2761 0.2511 0.2903 -0.0205 -0.0255 -0.0474 66 LYS A CB  
501 C CG  . LYS A 66 ? 0.3254 0.3028 0.3337 -0.0176 -0.0247 -0.0442 66 LYS A CG  
502 C CD  . LYS A 66 ? 0.3860 0.3858 0.3967 -0.0156 -0.0242 -0.0473 66 LYS A CD  
503 C CE  . LYS A 66 ? 0.4230 0.4319 0.4438 -0.0246 -0.0250 -0.0541 66 LYS A CE  
504 N NZ  . LYS A 66 ? 0.3647 0.4009 0.3892 -0.0266 -0.0248 -0.0579 66 LYS A NZ  
505 N N   . ALA A 67 ? 0.2181 0.2325 0.2174 0.0365  0.0579  0.0181  67 ALA A N   
506 C CA  . ALA A 67 ? 0.2118 0.2264 0.2172 0.0357  0.0532  0.0175  67 ALA A CA  
507 C C   . ALA A 67 ? 0.2180 0.2262 0.2173 0.0332  0.0483  0.0164  67 ALA A C   
508 O O   . ALA A 67 ? 0.2313 0.2381 0.2271 0.0301  0.0472  0.0170  67 ALA A O   
509 C CB  . ALA A 67 ? 0.2292 0.2511 0.2463 0.0335  0.0523  0.0203  67 ALA A CB  
510 N N   . VAL A 68 ? 0.2110 0.2158 0.2103 0.0344  0.0452  0.0149  68 VAL A N   
511 C CA  . VAL A 68 ? 0.2057 0.2047 0.2008 0.0323  0.0411  0.0143  68 VAL A CA  
512 C C   . VAL A 68 ? 0.1917 0.1918 0.1920 0.0320  0.0380  0.0153  68 VAL A C   
513 O O   . VAL A 68 ? 0.2027 0.2024 0.2058 0.0349  0.0376  0.0147  68 VAL A O   
514 C CB  . VAL A 68 ? 0.2045 0.1963 0.1929 0.0344  0.0404  0.0118  68 VAL A CB  
515 C CG1 . VAL A 68 ? 0.2003 0.1873 0.1866 0.0316  0.0366  0.0120  68 VAL A CG1 
516 C CG2 . VAL A 68 ? 0.2157 0.2051 0.1970 0.0359  0.0431  0.0102  68 VAL A CG2 
517 N N   . ALA A 69 ? 0.1837 0.1847 0.1851 0.0292  0.0358  0.0168  69 ALA A N   
518 C CA  . ALA A 69 ? 0.1950 0.1956 0.1987 0.0292  0.0325  0.0177  69 ALA A CA  
519 C C   . ALA A 69 ? 0.2123 0.2062 0.2108 0.0291  0.0312  0.0173  69 ALA A C   
520 O O   . ALA A 69 ? 0.2145 0.2057 0.2090 0.0272  0.0313  0.0170  69 ALA A O   
521 C CB  . ALA A 69 ? 0.1766 0.1798 0.1818 0.0270  0.0307  0.0190  69 ALA A CB  
522 N N   . VAL A 70 ? 0.1980 0.1897 0.1975 0.0313  0.0297  0.0176  70 VAL A N   
523 C CA  . VAL A 70 ? 0.2187 0.2043 0.2148 0.0310  0.0280  0.0183  70 VAL A CA  
524 C C   . VAL A 70 ? 0.2096 0.1953 0.2055 0.0309  0.0259  0.0205  70 VAL A C   
525 O O   . VAL A 70 ? 0.2029 0.1897 0.2014 0.0330  0.0242  0.0209  70 VAL A O   
526 C CB  . VAL A 70 ? 0.2075 0.1892 0.2039 0.0338  0.0277  0.0172  70 VAL A CB  
527 C CG1 . VAL A 70 ? 0.2160 0.1911 0.2099 0.0327  0.0260  0.0185  70 VAL A CG1 
528 C CG2 . VAL A 70 ? 0.2277 0.2098 0.2235 0.0353  0.0299  0.0144  70 VAL A CG2 
529 N N   . LEU A 71 ? 0.1797 0.1641 0.1723 0.0287  0.0258  0.0218  71 LEU A N   
530 C CA  . LEU A 71 ? 0.1930 0.1765 0.1831 0.0289  0.0242  0.0239  71 LEU A CA  
531 C C   . LEU A 71 ? 0.2185 0.1965 0.2062 0.0304  0.0236  0.0258  71 LEU A C   
532 O O   . LEU A 71 ? 0.2143 0.1890 0.2029 0.0304  0.0242  0.0256  71 LEU A O   
533 C CB  . LEU A 71 ? 0.1880 0.1722 0.1753 0.0266  0.0250  0.0245  71 LEU A CB  
534 C CG  . LEU A 71 ? 0.1821 0.1706 0.1711 0.0248  0.0256  0.0229  71 LEU A CG  
535 C CD1 . LEU A 71 ? 0.2821 0.2707 0.2683 0.0230  0.0258  0.0235  71 LEU A CD1 
536 C CD2 . LEU A 71 ? 0.2073 0.2000 0.2001 0.0259  0.0236  0.0222  71 LEU A CD2 
537 N N   . SER A 72 ? 0.2266 0.2028 0.2105 0.0315  0.0221  0.0279  72 SER A N   
538 C CA  . SER A 72 ? 0.2271 0.1978 0.2083 0.0333  0.0213  0.0303  72 SER A CA  
539 C C   . SER A 72 ? 0.2314 0.1984 0.2108 0.0313  0.0239  0.0326  72 SER A C   
540 O O   . SER A 72 ? 0.2733 0.2356 0.2523 0.0320  0.0236  0.0348  72 SER A O   
541 C CB  . SER A 72 ? 0.1990 0.1677 0.1750 0.0358  0.0189  0.0319  72 SER A CB  
542 O OG  . SER A 72 ? 0.2356 0.2055 0.2070 0.0352  0.0194  0.0324  72 SER A OG  
543 N N   . ASP A 73 ? 0.2299 0.1994 0.2093 0.0290  0.0258  0.0324  73 ASP A N   
544 C CA  . ASP A 73 ? 0.2200 0.1871 0.2003 0.0266  0.0283  0.0345  73 ASP A CA  
545 C C   . ASP A 73 ? 0.2402 0.2064 0.2257 0.0248  0.0282  0.0326  73 ASP A C   
546 O O   . ASP A 73 ? 0.2451 0.2094 0.2333 0.0226  0.0294  0.0338  73 ASP A O   
547 C CB  . ASP A 73 ? 0.2092 0.1789 0.1877 0.0252  0.0303  0.0352  73 ASP A CB  
548 C CG  . ASP A 73 ? 0.1526 0.1272 0.1330 0.0238  0.0298  0.0318  73 ASP A CG  
549 O OD1 . ASP A 73 ? 0.2133 0.1894 0.1968 0.0233  0.0288  0.0290  73 ASP A OD1 
550 O OD2 . ASP A 73 ? 0.2631 0.2399 0.2413 0.0235  0.0306  0.0319  73 ASP A OD2 
551 N N   . GLY A 74 ? 0.2174 0.1848 0.2044 0.0260  0.0267  0.0293  74 GLY A N   
552 C CA  . GLY A 74 ? 0.2496 0.2156 0.2393 0.0253  0.0262  0.0268  74 GLY A CA  
553 C C   . GLY A 74 ? 0.2124 0.1818 0.2024 0.0240  0.0269  0.0240  74 GLY A C   
554 O O   . GLY A 74 ? 0.2287 0.1967 0.2193 0.0245  0.0262  0.0213  74 GLY A O   
555 N N   A ARG A 75 ? 0.2371 0.2102 0.2261 0.0224  0.0279  0.0246  75 ARG A N   
556 N N   B ARG A 75 ? 0.2159 0.1891 0.2050 0.0225  0.0278  0.0245  75 ARG A N   
557 C CA  A ARG A 75 ? 0.2065 0.1823 0.1955 0.0208  0.0282  0.0224  75 ARG A CA  
558 C CA  B ARG A 75 ? 0.1912 0.1667 0.1801 0.0212  0.0281  0.0223  75 ARG A CA  
559 C C   A ARG A 75 ? 0.2161 0.1948 0.2048 0.0225  0.0283  0.0200  75 ARG A C   
560 C C   B ARG A 75 ? 0.1868 0.1646 0.1757 0.0230  0.0281  0.0199  75 ARG A C   
561 O O   A ARG A 75 ? 0.1881 0.1700 0.1777 0.0239  0.0282  0.0204  75 ARG A O   
562 O O   B ARG A 75 ? 0.1605 0.1399 0.1503 0.0252  0.0280  0.0200  75 ARG A O   
563 C CB  A ARG A 75 ? 0.2116 0.1908 0.1996 0.0193  0.0290  0.0236  75 ARG A CB  
564 C CB  B ARG A 75 ? 0.1857 0.1651 0.1737 0.0200  0.0287  0.0230  75 ARG A CB  
565 C CG  A ARG A 75 ? 0.1824 0.1636 0.1705 0.0174  0.0289  0.0217  75 ARG A CG  
566 C CG  B ARG A 75 ? 0.1720 0.1527 0.1601 0.0181  0.0288  0.0214  75 ARG A CG  
567 C CD  A ARG A 75 ? 0.1959 0.1793 0.1836 0.0160  0.0292  0.0224  75 ARG A CD  
568 C CD  B ARG A 75 ? 0.1171 0.0994 0.1050 0.0167  0.0293  0.0226  75 ARG A CD  
569 N NE  A ARG A 75 ? 0.2016 0.1876 0.1873 0.0172  0.0290  0.0234  75 ARG A NE  
570 N NE  B ARG A 75 ? 0.1145 0.1003 0.1006 0.0175  0.0289  0.0228  75 ARG A NE  
571 C CZ  A ARG A 75 ? 0.2098 0.1990 0.1951 0.0176  0.0279  0.0223  75 ARG A CZ  
572 C CZ  B ARG A 75 ? 0.1096 0.0984 0.0959 0.0168  0.0282  0.0213  75 ARG A CZ  
573 N NH1 A ARG A 75 ? 0.2217 0.2118 0.2051 0.0190  0.0269  0.0231  75 ARG A NH1 
574 N NH1 B ARG A 75 ? 0.0708 0.0624 0.0567 0.0174  0.0271  0.0214  75 ARG A NH1 
575 N NH2 A ARG A 75 ? 0.2119 0.2027 0.1986 0.0167  0.0277  0.0206  75 ARG A NH2 
576 N NH2 B ARG A 75 ? 0.0713 0.0598 0.0583 0.0158  0.0283  0.0196  75 ARG A NH2 
577 N N   . ARG A 76 ? 0.2286 0.2248 0.2415 -0.0102 -0.0122 0.0262  76 ARG A N   
578 C CA  . ARG A 76 ? 0.2494 0.2383 0.2624 -0.0056 -0.0120 0.0225  76 ARG A CA  
579 C C   . ARG A 76 ? 0.2364 0.2394 0.2499 -0.0055 -0.0197 0.0159  76 ARG A C   
580 O O   . ARG A 76 ? 0.2508 0.2632 0.2636 -0.0094 -0.0219 0.0132  76 ARG A O   
581 C CB  . ARG A 76 ? 0.2456 0.2098 0.2515 -0.0138 -0.0028 0.0161  76 ARG A CB  
582 C CG  . ARG A 76 ? 0.3083 0.2454 0.3113 -0.0120 0.0126  0.0232  76 ARG A CG  
583 C CD  . ARG A 76 ? 0.3869 0.2950 0.3772 -0.0268 0.0256  0.0117  76 ARG A CD  
584 N NE  . ARG A 76 ? 0.4477 0.3450 0.4358 -0.0229 0.0295  0.0063  76 ARG A NE  
585 C CZ  . ARG A 76 ? 0.4598 0.3348 0.4504 -0.0075 0.0436  0.0149  76 ARG A CZ  
586 N NH1 . ARG A 76 ? 0.5007 0.3660 0.4979 0.0082  0.0550  0.0330  76 ARG A NH1 
587 N NH2 . ARG A 76 ? 0.4948 0.3627 0.4826 -0.0055 0.0469  0.0086  76 ARG A NH2 
588 N N   . ILE A 77 ? 0.2254 0.2323 0.2401 -0.0006 -0.0213 0.0152  77 ILE A N   
589 C CA  . ILE A 77 ? 0.2277 0.2376 0.2407 -0.0005 -0.0226 0.0094  77 ILE A CA  
590 C C   . ILE A 77 ? 0.2368 0.2397 0.2497 0.0012  -0.0221 0.0070  77 ILE A C   
591 O O   . ILE A 77 ? 0.2124 0.2181 0.2274 0.0034  -0.0215 0.0099  77 ILE A O   
592 C CB  . ILE A 77 ? 0.2397 0.2576 0.2494 -0.0025 -0.0212 0.0070  77 ILE A CB  
593 C CG1 . ILE A 77 ? 0.2916 0.3201 0.2999 -0.0051 -0.0212 0.0096  77 ILE A CG1 
594 C CG2 . ILE A 77 ? 0.2690 0.2765 0.2735 -0.0022 -0.0147 0.0007  77 ILE A CG2 
595 C CD1 . ILE A 77 ? 0.2996 0.3398 0.2988 -0.0142 -0.0176 0.0029  77 ILE A CD1 
596 N N   A GLU A 78 ? 0.2315 0.2319 0.2429 0.0007  -0.0220 0.0045  78 GLU A N   
597 N N   B GLU A 78 ? 0.2345 0.2346 0.2458 0.0007  -0.0220 0.0045  78 GLU A N   
598 C CA  A GLU A 78 ? 0.2276 0.2231 0.2378 0.0016  -0.0211 0.0020  78 GLU A CA  
599 C CA  B GLU A 78 ? 0.2331 0.2276 0.2434 0.0015  -0.0210 0.0019  78 GLU A CA  
600 C C   A GLU A 78 ? 0.2256 0.2199 0.2349 0.0040  -0.0190 0.0008  78 GLU A C   
601 C C   B GLU A 78 ? 0.2279 0.2222 0.2374 0.0040  -0.0192 0.0009  78 GLU A C   
602 O O   A GLU A 78 ? 0.2075 0.1999 0.2151 0.0060  -0.0145 0.0017  78 GLU A O   
603 O O   B GLU A 78 ? 0.2152 0.2090 0.2235 0.0065  -0.0153 0.0026  78 GLU A O   
604 C CB  A GLU A 78 ? 0.2316 0.2338 0.2390 -0.0020 -0.0217 0.0013  78 GLU A CB  
605 C CB  B GLU A 78 ? 0.2431 0.2390 0.2493 -0.0045 -0.0207 -0.0007 78 GLU A CB  
606 C CG  A GLU A 78 ? 0.2433 0.2400 0.2449 -0.0121 -0.0195 -0.0039 78 GLU A CG  
607 C CG  B GLU A 78 ? 0.2794 0.2673 0.2814 -0.0131 -0.0172 -0.0035 78 GLU A CG  
608 C CD  A GLU A 78 ? 0.2726 0.2914 0.2689 -0.0226 -0.0213 -0.0054 78 GLU A CD  
609 C CD  B GLU A 78 ? 0.3395 0.3324 0.3317 -0.0283 -0.0148 -0.0110 78 GLU A CD  
610 O OE1 A GLU A 78 ? 0.2055 0.2489 0.2047 -0.0240 -0.0248 0.0007  78 GLU A OE1 
611 O OE1 B GLU A 78 ? 0.3888 0.4030 0.3804 -0.0294 -0.0191 -0.0098 78 GLU A OE1 
612 O OE2 A GLU A 78 ? 0.3193 0.3368 0.3079 -0.0305 -0.0187 -0.0117 78 GLU A OE2 
613 O OE2 B GLU A 78 ? 0.4036 0.3803 0.3868 -0.0409 -0.0063 -0.0178 78 GLU A OE2 
614 N N   . SER A 79 ? 0.2246 0.2172 0.2342 0.0036  -0.0186 -0.0008 79 SER A N   
615 C CA  . SER A 79 ? 0.2307 0.2192 0.2374 0.0026  -0.0146 -0.0030 79 SER A CA  
616 C C   . SER A 79 ? 0.2280 0.2152 0.2340 0.0065  -0.0138 -0.0003 79 SER A C   
617 O O   . SER A 79 ? 0.2225 0.2155 0.2283 0.0054  -0.0171 -0.0002 79 SER A O   
618 C CB  . SER A 79 ? 0.2039 0.2001 0.2119 -0.0009 -0.0149 -0.0044 79 SER A CB  
619 O OG  . SER A 79 ? 0.2096 0.2056 0.2206 0.0039  -0.0158 -0.0025 79 SER A OG  
620 N N   . PRO A 80 ? 0.2569 0.2377 0.2604 0.0090  -0.0072 0.0020  80 PRO A N   
621 C CA  . PRO A 80 ? 0.2671 0.2542 0.2701 0.0128  -0.0066 0.0073  80 PRO A CA  
622 C C   . PRO A 80 ? 0.2745 0.2637 0.2770 0.0081  -0.0106 0.0013  80 PRO A C   
623 O O   . PRO A 80 ? 0.2885 0.2751 0.2929 0.0052  -0.0116 -0.0032 80 PRO A O   
624 C CB  . PRO A 80 ? 0.2753 0.2471 0.2753 0.0166  0.0054  0.0114  80 PRO A CB  
625 C CG  . PRO A 80 ? 0.3218 0.2776 0.3187 0.0151  0.0137  0.0081  80 PRO A CG  
626 C CD  . PRO A 80 ? 0.2637 0.2287 0.2621 0.0066  0.0034  -0.0005 80 PRO A CD  
627 N N   . VAL A 81 ? 0.2643 0.2631 0.2641 0.0074  -0.0118 0.0026  81 VAL A N   
628 C CA  . VAL A 81 ? 0.2520 0.2492 0.2493 0.0043  -0.0112 -0.0031 81 VAL A CA  
629 C C   . VAL A 81 ? 0.2579 0.2516 0.2563 0.0060  -0.0074 -0.0013 81 VAL A C   
630 O O   . VAL A 81 ? 0.2350 0.2275 0.2320 0.0088  -0.0030 0.0056  81 VAL A O   
631 C CB  . VAL A 81 ? 0.2661 0.2760 0.2559 -0.0019 -0.0118 -0.0054 81 VAL A CB  
632 C CG1 . VAL A 81 ? 0.2693 0.2734 0.2541 -0.0047 -0.0072 -0.0123 81 VAL A CG1 
633 C CG2 . VAL A 81 ? 0.3071 0.3175 0.2927 -0.0098 -0.0129 -0.0110 81 VAL A CG2 
634 N N   . THR A 82 ? 0.2391 0.2322 0.2402 0.0051  -0.0064 -0.0052 82 THR A N   
635 C CA  . THR A 82 ? 0.2559 0.2525 0.2580 0.0032  -0.0030 -0.0046 82 THR A CA  
636 C C   . THR A 82 ? 0.2509 0.2520 0.2513 0.0052  -0.0006 -0.0064 82 THR A C   
637 O O   . THR A 82 ? 0.2530 0.2552 0.2569 0.0091  0.0023  -0.0076 82 THR A O   
638 C CB  . THR A 82 ? 0.2579 0.2642 0.2654 -0.0008 -0.0031 -0.0050 82 THR A CB  
639 O OG1 . THR A 82 ? 0.2814 0.2808 0.2856 -0.0069 -0.0023 -0.0068 82 THR A OG1 
640 C CG2 . THR A 82 ? 0.2622 0.2797 0.2703 -0.0067 0.0005  -0.0049 82 THR A CG2 
641 N N   . PRO A 83 ? 0.2751 0.2789 0.2694 0.0039  0.0008  -0.0049 83 PRO A N   
642 C CA  . PRO A 83 ? 0.2672 0.2755 0.2567 0.0032  0.0046  -0.0086 83 PRO A CA  
643 C C   . PRO A 83 ? 0.2702 0.2844 0.2649 0.0041  0.0083  -0.0063 83 PRO A C   
644 O O   . PRO A 83 ? 0.2923 0.3071 0.2883 0.0006  0.0087  -0.0020 83 PRO A O   
645 C CB  . PRO A 83 ? 0.2882 0.3082 0.2695 0.0000  0.0034  -0.0044 83 PRO A CB  
646 C CG  . PRO A 83 ? 0.2739 0.2955 0.2577 0.0026  -0.0001 0.0031  83 PRO A CG  
647 C CD  . PRO A 83 ? 0.2920 0.2976 0.2832 0.0048  0.0008  0.0026  83 PRO A CD  
648 N N   . VAL A 84 ? 0.2833 0.3002 0.2801 0.0083  0.0139  -0.0088 84 VAL A N   
649 C CA  . VAL A 84 ? 0.2901 0.3215 0.2925 0.0098  0.0183  -0.0054 84 VAL A CA  
650 C C   . VAL A 84 ? 0.3235 0.3518 0.3191 0.0133  0.0278  -0.0101 84 VAL A C   
651 O O   . VAL A 84 ? 0.3298 0.3420 0.3159 0.0131  0.0335  -0.0180 84 VAL A O   
652 C CB  . VAL A 84 ? 0.3019 0.3514 0.3180 0.0146  0.0189  0.0012  84 VAL A CB  
653 C CG1 . VAL A 84 ? 0.2549 0.3082 0.2729 0.0061  0.0114  0.0019  84 VAL A CG1 
654 C CG2 . VAL A 84 ? 0.2776 0.3208 0.2983 0.0286  0.0269  0.0040  84 VAL A CG2 
655 N N   . LEU A 85 ? 0.3245 0.3675 0.3232 0.0141  0.0321  -0.0069 85 LEU A N   
656 C CA  . LEU A 85 ? 0.3559 0.3960 0.3464 0.0168  0.0433  -0.0121 85 LEU A CA  
657 C C   . LEU A 85 ? 0.3607 0.4177 0.3641 0.0279  0.0526  -0.0045 85 LEU A C   
658 O O   . LEU A 85 ? 0.3555 0.4382 0.3698 0.0251  0.0467  0.0040  85 LEU A O   
659 C CB  . LEU A 85 ? 0.3589 0.4072 0.3392 0.0069  0.0397  -0.0129 85 LEU A CB  
660 C CG  . LEU A 85 ? 0.3896 0.4382 0.3563 0.0044  0.0502  -0.0208 85 LEU A CG  
661 C CD1 . LEU A 85 ? 0.4301 0.4655 0.3783 -0.0054 0.0527  -0.0336 85 LEU A CD1 
662 C CD2 . LEU A 85 ? 0.3745 0.4416 0.3377 -0.0014 0.0471  -0.0146 85 LEU A CD2 
663 N N   . VAL A 86 ? 0.3912 0.3799 0.4119 0.0106  -0.0567 0.0006  86 VAL A N   
664 C CA  . VAL A 86 ? 0.3903 0.3778 0.4066 0.0054  -0.0561 -0.0032 86 VAL A CA  
665 C C   . VAL A 86 ? 0.4202 0.4097 0.4323 0.0032  -0.0575 0.0024  86 VAL A C   
666 O O   . VAL A 86 ? 0.3863 0.3838 0.3958 0.0033  -0.0597 0.0058  86 VAL A O   
667 C CB  . VAL A 86 ? 0.3875 0.3818 0.4008 0.0037  -0.0567 -0.0086 86 VAL A CB  
668 C CG1 . VAL A 86 ? 0.3849 0.3803 0.3937 -0.0008 -0.0559 -0.0101 86 VAL A CG1 
669 C CG2 . VAL A 86 ? 0.3672 0.3605 0.3846 0.0051  -0.0553 -0.0146 86 VAL A CG2 
670 N N   . LYS A 87 ? 0.4391 0.4215 0.4503 0.0006  -0.0559 0.0034  87 LYS A N   
671 C CA  . LYS A 87 ? 0.4455 0.4291 0.4527 -0.0019 -0.0569 0.0087  87 LYS A CA  
672 C C   . LYS A 87 ? 0.4378 0.4203 0.4408 -0.0069 -0.0560 0.0053  87 LYS A C   
673 O O   . LYS A 87 ? 0.4455 0.4260 0.4494 -0.0085 -0.0542 -0.0002 87 LYS A O   
674 C CB  . LYS A 87 ? 0.4611 0.4372 0.4713 -0.0003 -0.0555 0.0147  87 LYS A CB  
675 C CG  . LYS A 87 ? 0.4880 0.4629 0.5040 0.0056  -0.0549 0.0197  87 LYS A CG  
676 C CD  . LYS A 87 ? 0.5299 0.4917 0.5495 0.0064  -0.0506 0.0220  87 LYS A CD  
677 C CE  . LYS A 87 ? 0.5630 0.5246 0.5850 0.0103  -0.0502 0.0327  87 LYS A CE  
678 N NZ  . LYS A 87 ? 0.5721 0.5216 0.5944 0.0082  -0.0463 0.0345  87 LYS A NZ  
679 N N   . VAL A 88 ? 0.4347 0.4197 0.4335 -0.0094 -0.0569 0.0094  88 VAL A N   
680 C CA  . VAL A 88 ? 0.4271 0.4124 0.4215 -0.0137 -0.0560 0.0078  88 VAL A CA  
681 C C   . VAL A 88 ? 0.4318 0.4095 0.4280 -0.0159 -0.0539 0.0062  88 VAL A C   
682 O O   . VAL A 88 ? 0.4362 0.4154 0.4312 -0.0188 -0.0525 0.0018  88 VAL A O   
683 C CB  . VAL A 88 ? 0.4210 0.4099 0.4107 -0.0160 -0.0572 0.0128  88 VAL A CB  
684 C CG1 . VAL A 88 ? 0.4093 0.3970 0.3953 -0.0201 -0.0559 0.0124  88 VAL A CG1 
685 C CG2 . VAL A 88 ? 0.4149 0.4121 0.4019 -0.0160 -0.0580 0.0118  88 VAL A CG2 
686 N N   A ILE A 89 ? 0.4352 0.4054 0.4345 -0.0144 -0.0531 0.0100  89 ILE A N   
687 N N   B ILE A 89 ? 0.4410 0.4111 0.4402 -0.0142 -0.0531 0.0101  89 ILE A N   
688 C CA  A ILE A 89 ? 0.4484 0.4094 0.4494 -0.0168 -0.0499 0.0080  89 ILE A CA  
689 C CA  B ILE A 89 ? 0.4598 0.4204 0.4606 -0.0165 -0.0501 0.0095  89 ILE A CA  
690 C C   A ILE A 89 ? 0.4681 0.4199 0.4746 -0.0128 -0.0475 0.0108  89 ILE A C   
691 C C   B ILE A 89 ? 0.4739 0.4254 0.4807 -0.0126 -0.0475 0.0113  89 ILE A C   
692 O O   A ILE A 89 ? 0.4764 0.4288 0.4847 -0.0087 -0.0487 0.0180  89 ILE A O   
693 O O   B ILE A 89 ? 0.4815 0.4330 0.4903 -0.0081 -0.0484 0.0183  89 ILE A O   
694 C CB  A ILE A 89 ? 0.4489 0.4078 0.4462 -0.0209 -0.0495 0.0111  89 ILE A CB  
695 C CB  B ILE A 89 ? 0.4649 0.4239 0.4624 -0.0191 -0.0504 0.0151  89 ILE A CB  
696 C CG1 A ILE A 89 ? 0.4309 0.3836 0.4285 -0.0257 -0.0460 0.0064  89 ILE A CG1 
697 C CG1 B ILE A 89 ? 0.4673 0.4307 0.4646 -0.0158 -0.0530 0.0229  89 ILE A CG1 
698 C CG2 A ILE A 89 ? 0.4587 0.4139 0.4569 -0.0184 -0.0500 0.0196  89 ILE A CG2 
699 C CG2 B ILE A 89 ? 0.4702 0.4352 0.4626 -0.0238 -0.0511 0.0122  89 ILE A CG2 
700 C CD1 A ILE A 89 ? 0.3754 0.3296 0.3686 -0.0306 -0.0461 0.0079  89 ILE A CD1 
701 C CD1 B ILE A 89 ? 0.4743 0.4360 0.4692 -0.0174 -0.0532 0.0299  89 ILE A CD1 
702 N N   . VAL A 90 ? 0.4767 0.4208 0.4862 -0.0143 -0.0436 0.0053  90 VAL A N   
703 C CA  . VAL A 90 ? 0.4915 0.4244 0.5066 -0.0108 -0.0392 0.0065  90 VAL A CA  
704 C C   . VAL A 90 ? 0.5177 0.4386 0.5328 -0.0151 -0.0340 0.0061  90 VAL A C   
705 O O   . VAL A 90 ? 0.5098 0.4291 0.5229 -0.0216 -0.0317 -0.0014 90 VAL A O   
706 C CB  . VAL A 90 ? 0.4907 0.4222 0.5094 -0.0100 -0.0369 -0.0009 90 VAL A CB  
707 C CG1 . VAL A 90 ? 0.4719 0.3895 0.4966 -0.0066 -0.0307 0.0005  90 VAL A CG1 
708 C CG2 . VAL A 90 ? 0.4876 0.4303 0.5065 -0.0060 -0.0415 -0.0008 90 VAL A CG2 
709 N N   . LEU A 91 ? 0.5372 0.4508 0.5547 -0.0115 -0.0320 0.0144  91 LEU A N   
710 C CA  . LEU A 91 ? 0.5756 0.4764 0.5932 -0.0149 -0.0265 0.0158  91 LEU A CA  
711 C C   . LEU A 91 ? 0.5981 0.4843 0.6191 -0.0175 -0.0181 0.0090  91 LEU A C   
712 O O   . LEU A 91 ? 0.6013 0.4830 0.6272 -0.0134 -0.0150 0.0072  91 LEU A O   
713 C CB  . LEU A 91 ? 0.5832 0.4807 0.6032 -0.0092 -0.0260 0.0280  91 LEU A CB  
714 C CG  . LEU A 91 ? 0.5809 0.4922 0.5966 -0.0086 -0.0331 0.0345  91 LEU A CG  
715 C CD1 . LEU A 91 ? 0.5729 0.4833 0.5915 -0.0029 -0.0324 0.0472  91 LEU A CD1 
716 C CD2 . LEU A 91 ? 0.5734 0.4875 0.5825 -0.0164 -0.0349 0.0300  91 LEU A CD2 
# 
